data_3M94
# 
_entry.id   3M94 
# 
_audit_conform.dict_name       mmcif_pdbx.dic 
_audit_conform.dict_version    5.379 
_audit_conform.dict_location   http://mmcif.pdb.org/dictionaries/ascii/mmcif_pdbx.dic 
# 
loop_
_database_2.database_id 
_database_2.database_code 
_database_2.pdbx_database_accession 
_database_2.pdbx_DOI 
PDB   3M94         pdb_00003m94 10.2210/pdb3m94/pdb 
RCSB  RCSB058263   ?            ?                   
WWPDB D_1000058263 ?            ?                   
# 
_pdbx_database_related.db_name        PDB 
_pdbx_database_related.db_id          3M93 
_pdbx_database_related.details        . 
_pdbx_database_related.content_type   unspecified 
# 
_pdbx_database_status.status_code                     REL 
_pdbx_database_status.entry_id                        3M94 
_pdbx_database_status.recvd_initial_deposition_date   2010-03-19 
_pdbx_database_status.deposit_site                    RCSB 
_pdbx_database_status.process_site                    RCSB 
_pdbx_database_status.status_code_sf                  REL 
_pdbx_database_status.status_code_mr                  ? 
_pdbx_database_status.SG_entry                        Y 
_pdbx_database_status.status_code_cs                  ? 
_pdbx_database_status.pdb_format_compatible           Y 
_pdbx_database_status.status_code_nmr_data            ? 
_pdbx_database_status.methods_development_category    ? 
# 
loop_
_audit_author.name 
_audit_author.pdbx_ordinal 
'Liu, W.'                                    1 
'Berkeley Structural Genomics Center (BSGC)' 2 
# 
_citation.id                        primary 
_citation.title                     
'Structural basis for nematode eIF4E binding an m2,2,7G-Cap and its implications for translation initiation.' 
_citation.journal_abbrev            'Nucleic Acids Res.' 
_citation.journal_volume            39 
_citation.page_first                8820 
_citation.page_last                 8832 
_citation.year                      2011 
_citation.journal_id_ASTM           NARHAD 
_citation.country                   UK 
_citation.journal_id_ISSN           0305-1048 
_citation.journal_id_CSD            0389 
_citation.book_publisher            ? 
_citation.pdbx_database_id_PubMed   21965542 
_citation.pdbx_database_id_DOI      10.1093/nar/gkr650 
# 
loop_
_citation_author.citation_id 
_citation_author.name 
_citation_author.ordinal 
_citation_author.identifier_ORCID 
primary 'Liu, W.'               1  ? 
primary 'Jankowska-Anyszka, M.' 2  ? 
primary 'Piecyk, K.'            3  ? 
primary 'Dickson, L.'           4  ? 
primary 'Wallace, A.'           5  ? 
primary 'Niedzwiecka, A.'       6  ? 
primary 'Stepinski, J.'         7  ? 
primary 'Stolarski, R.'         8  ? 
primary 'Darzynkiewicz, E.'     9  ? 
primary 'Kieft, J.'             10 ? 
primary 'Zhao, R.'              11 ? 
primary 'Jones, D.N.'           12 ? 
primary 'Davis, R.E.'           13 ? 
# 
_cell.entry_id           3M94 
_cell.length_a           104.977 
_cell.length_b           104.977 
_cell.length_c           46.906 
_cell.angle_alpha        90.00 
_cell.angle_beta         90.00 
_cell.angle_gamma        90.00 
_cell.Z_PDB              8 
_cell.pdbx_unique_axis   ? 
_cell.length_a_esd       ? 
_cell.length_b_esd       ? 
_cell.length_c_esd       ? 
_cell.angle_alpha_esd    ? 
_cell.angle_beta_esd     ? 
_cell.angle_gamma_esd    ? 
# 
_symmetry.entry_id                         3M94 
_symmetry.space_group_name_H-M             'I 41' 
_symmetry.pdbx_full_space_group_name_H-M   ? 
_symmetry.cell_setting                     ? 
_symmetry.Int_Tables_number                80 
_symmetry.space_group_name_Hall            ? 
# 
loop_
_entity.id 
_entity.type 
_entity.src_method 
_entity.pdbx_description 
_entity.formula_weight 
_entity.pdbx_number_of_molecules 
_entity.pdbx_ec 
_entity.pdbx_mutation 
_entity.pdbx_fragment 
_entity.details 
1 polymer     man 'Translation initiation factor 4E'                              22169.328 1  ? ? 'UNP residues 49-236' ? 
2 polymer     syn 'Eukaryotic translation initiation factor 4E-binding protein 1' 2144.564  1  ? ? 'UNP residues 51-67'  ? 
3 non-polymer syn 
;N,N,7-trimethylguanosine 5'-(trihydrogen diphosphate)
;
487.296   1  ? ? ?                     ? 
4 non-polymer syn 'ACETYL GROUP'                                                  44.053    1  ? ? ?                     ? 
5 water       nat water                                                           18.015    39 ? ? ?                     ? 
# 
_entity_name_com.entity_id   2 
_entity_name_com.name        
'eIF4E-binding protein 1, 4E-BP1, Phosphorylated heat- and acid-stable protein regulated by insulin 1, PHAS-I' 
# 
loop_
_entity_poly.entity_id 
_entity_poly.type 
_entity_poly.nstd_linkage 
_entity_poly.nstd_monomer 
_entity_poly.pdbx_seq_one_letter_code 
_entity_poly.pdbx_seq_one_letter_code_can 
_entity_poly.pdbx_strand_id 
_entity_poly.pdbx_target_identifier 
1 'polypeptide(L)' no no 
;MRHPLQCHWALWYLKADRSKDWEDCLKQVAVFDTVEDFWSLYNHIQAASGLTWGSDYYLFKEGIKPMWEDENNVKGGRWL
VVVDKQKRAQLLDHYWLELLMAIIGEQFEDNGEYICGAVVNVRQKGDKVSLWTRDSLKDDVNLRIGQILKAKLEIPDTEP
IRYEVHKDSSVRTGSMVKPRIVIPSKDNR
;
;MRHPLQCHWALWYLKADRSKDWEDCLKQVAVFDTVEDFWSLYNHIQAASGLTWGSDYYLFKEGIKPMWEDENNVKGGRWL
VVVDKQKRAQLLDHYWLELLMAIIGEQFEDNGEYICGAVVNVRQKGDKVSLWTRDSLKDDVNLRIGQILKAKLEIPDTEP
IRYEVHKDSSVRTGSMVKPRIVIPSKDNR
;
A ? 
2 'polypeptide(L)' no no RIIYDRKFLMECRNSPV RIIYDRKFLMECRNSPV C ? 
# 
loop_
_entity_poly_seq.entity_id 
_entity_poly_seq.num 
_entity_poly_seq.mon_id 
_entity_poly_seq.hetero 
1 1   MET n 
1 2   ARG n 
1 3   HIS n 
1 4   PRO n 
1 5   LEU n 
1 6   GLN n 
1 7   CYS n 
1 8   HIS n 
1 9   TRP n 
1 10  ALA n 
1 11  LEU n 
1 12  TRP n 
1 13  TYR n 
1 14  LEU n 
1 15  LYS n 
1 16  ALA n 
1 17  ASP n 
1 18  ARG n 
1 19  SER n 
1 20  LYS n 
1 21  ASP n 
1 22  TRP n 
1 23  GLU n 
1 24  ASP n 
1 25  CYS n 
1 26  LEU n 
1 27  LYS n 
1 28  GLN n 
1 29  VAL n 
1 30  ALA n 
1 31  VAL n 
1 32  PHE n 
1 33  ASP n 
1 34  THR n 
1 35  VAL n 
1 36  GLU n 
1 37  ASP n 
1 38  PHE n 
1 39  TRP n 
1 40  SER n 
1 41  LEU n 
1 42  TYR n 
1 43  ASN n 
1 44  HIS n 
1 45  ILE n 
1 46  GLN n 
1 47  ALA n 
1 48  ALA n 
1 49  SER n 
1 50  GLY n 
1 51  LEU n 
1 52  THR n 
1 53  TRP n 
1 54  GLY n 
1 55  SER n 
1 56  ASP n 
1 57  TYR n 
1 58  TYR n 
1 59  LEU n 
1 60  PHE n 
1 61  LYS n 
1 62  GLU n 
1 63  GLY n 
1 64  ILE n 
1 65  LYS n 
1 66  PRO n 
1 67  MET n 
1 68  TRP n 
1 69  GLU n 
1 70  ASP n 
1 71  GLU n 
1 72  ASN n 
1 73  ASN n 
1 74  VAL n 
1 75  LYS n 
1 76  GLY n 
1 77  GLY n 
1 78  ARG n 
1 79  TRP n 
1 80  LEU n 
1 81  VAL n 
1 82  VAL n 
1 83  VAL n 
1 84  ASP n 
1 85  LYS n 
1 86  GLN n 
1 87  LYS n 
1 88  ARG n 
1 89  ALA n 
1 90  GLN n 
1 91  LEU n 
1 92  LEU n 
1 93  ASP n 
1 94  HIS n 
1 95  TYR n 
1 96  TRP n 
1 97  LEU n 
1 98  GLU n 
1 99  LEU n 
1 100 LEU n 
1 101 MET n 
1 102 ALA n 
1 103 ILE n 
1 104 ILE n 
1 105 GLY n 
1 106 GLU n 
1 107 GLN n 
1 108 PHE n 
1 109 GLU n 
1 110 ASP n 
1 111 ASN n 
1 112 GLY n 
1 113 GLU n 
1 114 TYR n 
1 115 ILE n 
1 116 CYS n 
1 117 GLY n 
1 118 ALA n 
1 119 VAL n 
1 120 VAL n 
1 121 ASN n 
1 122 VAL n 
1 123 ARG n 
1 124 GLN n 
1 125 LYS n 
1 126 GLY n 
1 127 ASP n 
1 128 LYS n 
1 129 VAL n 
1 130 SER n 
1 131 LEU n 
1 132 TRP n 
1 133 THR n 
1 134 ARG n 
1 135 ASP n 
1 136 SER n 
1 137 LEU n 
1 138 LYS n 
1 139 ASP n 
1 140 ASP n 
1 141 VAL n 
1 142 ASN n 
1 143 LEU n 
1 144 ARG n 
1 145 ILE n 
1 146 GLY n 
1 147 GLN n 
1 148 ILE n 
1 149 LEU n 
1 150 LYS n 
1 151 ALA n 
1 152 LYS n 
1 153 LEU n 
1 154 GLU n 
1 155 ILE n 
1 156 PRO n 
1 157 ASP n 
1 158 THR n 
1 159 GLU n 
1 160 PRO n 
1 161 ILE n 
1 162 ARG n 
1 163 TYR n 
1 164 GLU n 
1 165 VAL n 
1 166 HIS n 
1 167 LYS n 
1 168 ASP n 
1 169 SER n 
1 170 SER n 
1 171 VAL n 
1 172 ARG n 
1 173 THR n 
1 174 GLY n 
1 175 SER n 
1 176 MET n 
1 177 VAL n 
1 178 LYS n 
1 179 PRO n 
1 180 ARG n 
1 181 ILE n 
1 182 VAL n 
1 183 ILE n 
1 184 PRO n 
1 185 SER n 
1 186 LYS n 
1 187 ASP n 
1 188 ASN n 
1 189 ARG n 
2 1   ARG n 
2 2   ILE n 
2 3   ILE n 
2 4   TYR n 
2 5   ASP n 
2 6   ARG n 
2 7   LYS n 
2 8   PHE n 
2 9   LEU n 
2 10  MET n 
2 11  GLU n 
2 12  CYS n 
2 13  ARG n 
2 14  ASN n 
2 15  SER n 
2 16  PRO n 
2 17  VAL n 
# 
_entity_src_gen.entity_id                          1 
_entity_src_gen.pdbx_src_id                        1 
_entity_src_gen.pdbx_alt_source_flag               sample 
_entity_src_gen.pdbx_seq_type                      ? 
_entity_src_gen.pdbx_beg_seq_num                   ? 
_entity_src_gen.pdbx_end_seq_num                   ? 
_entity_src_gen.gene_src_common_name               'Pig roundworm' 
_entity_src_gen.gene_src_genus                     ? 
_entity_src_gen.pdbx_gene_src_gene                 ? 
_entity_src_gen.gene_src_species                   ? 
_entity_src_gen.gene_src_strain                    'Ascaris suum' 
_entity_src_gen.gene_src_tissue                    ? 
_entity_src_gen.gene_src_tissue_fraction           ? 
_entity_src_gen.gene_src_details                   ? 
_entity_src_gen.pdbx_gene_src_fragment             ? 
_entity_src_gen.pdbx_gene_src_scientific_name      'Ascaris suum' 
_entity_src_gen.pdbx_gene_src_ncbi_taxonomy_id     6253 
_entity_src_gen.pdbx_gene_src_variant              ? 
_entity_src_gen.pdbx_gene_src_cell_line            ? 
_entity_src_gen.pdbx_gene_src_atcc                 ? 
_entity_src_gen.pdbx_gene_src_organ                ? 
_entity_src_gen.pdbx_gene_src_organelle            ? 
_entity_src_gen.pdbx_gene_src_cell                 ? 
_entity_src_gen.pdbx_gene_src_cellular_location    ? 
_entity_src_gen.host_org_common_name               ? 
_entity_src_gen.pdbx_host_org_scientific_name      'Escherichia coli' 
_entity_src_gen.pdbx_host_org_ncbi_taxonomy_id     562 
_entity_src_gen.host_org_genus                     ? 
_entity_src_gen.pdbx_host_org_gene                 ? 
_entity_src_gen.pdbx_host_org_organ                ? 
_entity_src_gen.host_org_species                   ? 
_entity_src_gen.pdbx_host_org_tissue               ? 
_entity_src_gen.pdbx_host_org_tissue_fraction      ? 
_entity_src_gen.pdbx_host_org_strain               Rosetta 
_entity_src_gen.pdbx_host_org_variant              ? 
_entity_src_gen.pdbx_host_org_cell_line            ? 
_entity_src_gen.pdbx_host_org_atcc                 ? 
_entity_src_gen.pdbx_host_org_culture_collection   ? 
_entity_src_gen.pdbx_host_org_cell                 ? 
_entity_src_gen.pdbx_host_org_organelle            ? 
_entity_src_gen.pdbx_host_org_cellular_location    ? 
_entity_src_gen.pdbx_host_org_vector_type          Plasmid 
_entity_src_gen.pdbx_host_org_vector               ? 
_entity_src_gen.host_org_details                   ? 
_entity_src_gen.expression_system_id               ? 
_entity_src_gen.plasmid_name                       pET30a 
_entity_src_gen.plasmid_details                    ? 
_entity_src_gen.pdbx_description                   ? 
# 
_pdbx_entity_src_syn.entity_id              2 
_pdbx_entity_src_syn.pdbx_src_id            1 
_pdbx_entity_src_syn.pdbx_alt_source_flag   sample 
_pdbx_entity_src_syn.pdbx_beg_seq_num       ? 
_pdbx_entity_src_syn.pdbx_end_seq_num       ? 
_pdbx_entity_src_syn.organism_scientific    'Homo sapiens' 
_pdbx_entity_src_syn.organism_common_name   human 
_pdbx_entity_src_syn.ncbi_taxonomy_id       9606 
_pdbx_entity_src_syn.details                ? 
# 
loop_
_struct_ref.id 
_struct_ref.db_name 
_struct_ref.db_code 
_struct_ref.pdbx_db_accession 
_struct_ref.entity_id 
_struct_ref.pdbx_seq_one_letter_code 
_struct_ref.pdbx_align_begin 
_struct_ref.pdbx_db_isoform 
1 UNP Q6PKX2_ASCSU Q6PKX2 1 
;RHPLQCHWALWYLKADRSKDWEDCLKQVAVFDTVEDFWSLYNHIQAASGLTWGSDYYLFKEGIKPMWEDENNVKGGRWLV
VVDKQKRAQLLDHYWLELLMAIIGEQFEDNGEYICGAVVNVRQKGDKVSLWTRDSLKDDVNLRIGQILKAKLEIPDTEPI
RYEVHKDSSVRTGSMVKPRIVIPSKDNR
;
49 ? 
2 UNP 4EBP1_HUMAN  Q13541 2 RIIYDRKFLMECRNSPV 51 ? 
# 
loop_
_struct_ref_seq.align_id 
_struct_ref_seq.ref_id 
_struct_ref_seq.pdbx_PDB_id_code 
_struct_ref_seq.pdbx_strand_id 
_struct_ref_seq.seq_align_beg 
_struct_ref_seq.pdbx_seq_align_beg_ins_code 
_struct_ref_seq.seq_align_end 
_struct_ref_seq.pdbx_seq_align_end_ins_code 
_struct_ref_seq.pdbx_db_accession 
_struct_ref_seq.db_align_beg 
_struct_ref_seq.pdbx_db_align_beg_ins_code 
_struct_ref_seq.db_align_end 
_struct_ref_seq.pdbx_db_align_end_ins_code 
_struct_ref_seq.pdbx_auth_seq_align_beg 
_struct_ref_seq.pdbx_auth_seq_align_end 
1 1 3M94 A 2 ? 189 ? Q6PKX2 49 ? 236 ? 49 236 
2 2 3M94 C 1 ? 17  ? Q13541 51 ? 67  ? 1  17  
# 
_struct_ref_seq_dif.align_id                     1 
_struct_ref_seq_dif.pdbx_pdb_id_code             3M94 
_struct_ref_seq_dif.mon_id                       MET 
_struct_ref_seq_dif.pdbx_pdb_strand_id           A 
_struct_ref_seq_dif.seq_num                      1 
_struct_ref_seq_dif.pdbx_pdb_ins_code            ? 
_struct_ref_seq_dif.pdbx_seq_db_name             UNP 
_struct_ref_seq_dif.pdbx_seq_db_accession_code   Q6PKX2 
_struct_ref_seq_dif.db_mon_id                    ? 
_struct_ref_seq_dif.pdbx_seq_db_seq_num          ? 
_struct_ref_seq_dif.details                      'initiating methionine' 
_struct_ref_seq_dif.pdbx_auth_seq_num            48 
_struct_ref_seq_dif.pdbx_ordinal                 1 
# 
loop_
_chem_comp.id 
_chem_comp.type 
_chem_comp.mon_nstd_flag 
_chem_comp.name 
_chem_comp.pdbx_synonyms 
_chem_comp.formula 
_chem_comp.formula_weight 
ACE non-polymer         . 'ACETYL GROUP'                                          ? 'C2 H4 O'           44.053  
ALA 'L-peptide linking' y ALANINE                                                 ? 'C3 H7 N O2'        89.093  
ARG 'L-peptide linking' y ARGININE                                                ? 'C6 H15 N4 O2 1'    175.209 
ASN 'L-peptide linking' y ASPARAGINE                                              ? 'C4 H8 N2 O3'       132.118 
ASP 'L-peptide linking' y 'ASPARTIC ACID'                                         ? 'C4 H7 N O4'        133.103 
CYS 'L-peptide linking' y CYSTEINE                                                ? 'C3 H7 N O2 S'      121.158 
GLN 'L-peptide linking' y GLUTAMINE                                               ? 'C5 H10 N2 O3'      146.144 
GLU 'L-peptide linking' y 'GLUTAMIC ACID'                                         ? 'C5 H9 N O4'        147.129 
GLY 'peptide linking'   y GLYCINE                                                 ? 'C2 H5 N O2'        75.067  
HIS 'L-peptide linking' y HISTIDINE                                               ? 'C6 H10 N3 O2 1'    156.162 
HOH non-polymer         . WATER                                                   ? 'H2 O'              18.015  
ILE 'L-peptide linking' y ISOLEUCINE                                              ? 'C6 H13 N O2'       131.173 
LEU 'L-peptide linking' y LEUCINE                                                 ? 'C6 H13 N O2'       131.173 
LYS 'L-peptide linking' y LYSINE                                                  ? 'C6 H15 N2 O2 1'    147.195 
M7M non-polymer         . 
;N,N,7-trimethylguanosine 5'-(trihydrogen diphosphate)
;
? 'C13 H23 N5 O11 P2' 487.296 
MET 'L-peptide linking' y METHIONINE                                              ? 'C5 H11 N O2 S'     149.211 
PHE 'L-peptide linking' y PHENYLALANINE                                           ? 'C9 H11 N O2'       165.189 
PRO 'L-peptide linking' y PROLINE                                                 ? 'C5 H9 N O2'        115.130 
SER 'L-peptide linking' y SERINE                                                  ? 'C3 H7 N O3'        105.093 
THR 'L-peptide linking' y THREONINE                                               ? 'C4 H9 N O3'        119.119 
TRP 'L-peptide linking' y TRYPTOPHAN                                              ? 'C11 H12 N2 O2'     204.225 
TYR 'L-peptide linking' y TYROSINE                                                ? 'C9 H11 N O3'       181.189 
VAL 'L-peptide linking' y VALINE                                                  ? 'C5 H11 N O2'       117.146 
# 
_exptl.entry_id          3M94 
_exptl.method            'X-RAY DIFFRACTION' 
_exptl.crystals_number   2 
# 
_exptl_crystal.id                    1 
_exptl_crystal.density_meas          ? 
_exptl_crystal.density_Matthews      2.66 
_exptl_crystal.density_percent_sol   53.72 
_exptl_crystal.description           ? 
_exptl_crystal.F_000                 ? 
_exptl_crystal.preparation           ? 
# 
_exptl_crystal_grow.crystal_id      1 
_exptl_crystal_grow.method          'VAPOR DIFFUSION, HANGING DROP' 
_exptl_crystal_grow.temp            277 
_exptl_crystal_grow.temp_details    ? 
_exptl_crystal_grow.pH              5.6 
_exptl_crystal_grow.pdbx_pH_range   ? 
_exptl_crystal_grow.pdbx_details    
'20% MMG PEG 2000, 0.2 M (NH4)2SO4 and 100 mM Na-Critate, pH 5.6, VAPOR DIFFUSION, HANGING DROP, temperature 277K' 
# 
_diffrn.id                     1 
_diffrn.ambient_temp           100 
_diffrn.ambient_temp_details   ? 
_diffrn.crystal_id             1 
# 
_diffrn_detector.diffrn_id              1 
_diffrn_detector.detector               CCD 
_diffrn_detector.type                   'ADSC QUANTUM 315' 
_diffrn_detector.pdbx_collection_date   2009-07-27 
_diffrn_detector.details                ? 
# 
_diffrn_radiation.diffrn_id                        1 
_diffrn_radiation.wavelength_id                    1 
_diffrn_radiation.pdbx_monochromatic_or_laue_m_l   M 
_diffrn_radiation.monochromator                    'double crystal' 
_diffrn_radiation.pdbx_diffrn_protocol             'SINGLE WAVELENGTH' 
_diffrn_radiation.pdbx_scattering_type             x-ray 
# 
_diffrn_radiation_wavelength.id           1 
_diffrn_radiation_wavelength.wavelength   0.9794 
_diffrn_radiation_wavelength.wt           1.0 
# 
_diffrn_source.diffrn_id                   1 
_diffrn_source.source                      SYNCHROTRON 
_diffrn_source.type                        'APS BEAMLINE 19-ID' 
_diffrn_source.pdbx_synchrotron_site       APS 
_diffrn_source.pdbx_synchrotron_beamline   19-ID 
_diffrn_source.pdbx_wavelength             ? 
_diffrn_source.pdbx_wavelength_list        0.9794 
# 
_reflns.entry_id                     3M94 
_reflns.observed_criterion_sigma_I   0 
_reflns.observed_criterion_sigma_F   -3 
_reflns.d_resolution_low             50 
_reflns.d_resolution_high            2.05 
_reflns.number_obs                   15993 
_reflns.number_all                   ? 
_reflns.percent_possible_obs         99.5 
_reflns.pdbx_Rmerge_I_obs            ? 
_reflns.pdbx_Rsym_value              ? 
_reflns.pdbx_netI_over_sigmaI        ? 
_reflns.B_iso_Wilson_estimate        ? 
_reflns.pdbx_redundancy              4.7 
_reflns.R_free_details               ? 
_reflns.limit_h_max                  ? 
_reflns.limit_h_min                  ? 
_reflns.limit_k_max                  ? 
_reflns.limit_k_min                  ? 
_reflns.limit_l_max                  ? 
_reflns.limit_l_min                  ? 
_reflns.observed_criterion_F_max     ? 
_reflns.observed_criterion_F_min     ? 
_reflns.pdbx_chi_squared             ? 
_reflns.pdbx_scaling_rejects         ? 
_reflns.pdbx_ordinal                 1 
_reflns.pdbx_diffrn_id               1 
# 
_refine.pdbx_refine_id                           'X-RAY DIFFRACTION' 
_refine.entry_id                                 3M94 
_refine.ls_number_reflns_obs                     14361 
_refine.ls_number_reflns_all                     15993 
_refine.pdbx_ls_sigma_I                          ? 
_refine.pdbx_ls_sigma_F                          . 
_refine.pdbx_data_cutoff_high_absF               ? 
_refine.pdbx_data_cutoff_low_absF                ? 
_refine.pdbx_data_cutoff_high_rms_absF           ? 
_refine.ls_d_res_low                             19.16 
_refine.ls_d_res_high                            2.05 
_refine.ls_percent_reflns_obs                    99.03 
_refine.ls_R_factor_obs                          0.20766 
_refine.ls_R_factor_all                          ? 
_refine.ls_R_factor_R_work                       0.20363 
_refine.ls_R_factor_R_free                       0.24430 
_refine.ls_R_factor_R_free_error                 ? 
_refine.ls_R_factor_R_free_error_details         ? 
_refine.ls_percent_reflns_R_free                 10.2 
_refine.ls_number_reflns_R_free                  1632 
_refine.ls_number_parameters                     ? 
_refine.ls_number_restraints                     ? 
_refine.occupancy_min                            ? 
_refine.occupancy_max                            ? 
_refine.correlation_coeff_Fo_to_Fc               0.955 
_refine.correlation_coeff_Fo_to_Fc_free          0.943 
_refine.B_iso_mean                               44.338 
_refine.aniso_B[1][1]                            -1.28 
_refine.aniso_B[2][2]                            -1.28 
_refine.aniso_B[3][3]                            2.56 
_refine.aniso_B[1][2]                            0.00 
_refine.aniso_B[1][3]                            0.00 
_refine.aniso_B[2][3]                            0.00 
_refine.solvent_model_details                    MASK 
_refine.solvent_model_param_ksol                 ? 
_refine.solvent_model_param_bsol                 ? 
_refine.pdbx_solvent_vdw_probe_radii             1.20 
_refine.pdbx_solvent_ion_probe_radii             0.80 
_refine.pdbx_solvent_shrinkage_radii             0.80 
_refine.pdbx_ls_cross_valid_method               THROUGHOUT 
_refine.details                                  ? 
_refine.pdbx_starting_model                      2v8W 
_refine.pdbx_method_to_determine_struct          'MOLECULAR REPLACEMENT' 
_refine.pdbx_isotropic_thermal_model             ? 
_refine.pdbx_stereochemistry_target_values       'MAXIMUM LIKELIHOOD' 
_refine.pdbx_stereochem_target_val_spec_case     ? 
_refine.pdbx_R_Free_selection_details            RANDOM 
_refine.pdbx_overall_ESU_R                       0.198 
_refine.pdbx_overall_ESU_R_Free                  0.176 
_refine.overall_SU_ML                            0.128 
_refine.pdbx_overall_phase_error                 ? 
_refine.overall_SU_B                             9.344 
_refine.overall_SU_R_Cruickshank_DPI             ? 
_refine.pdbx_overall_SU_R_free_Cruickshank_DPI   ? 
_refine.pdbx_overall_SU_R_Blow_DPI               ? 
_refine.pdbx_overall_SU_R_free_Blow_DPI          ? 
_refine.ls_redundancy_reflns_obs                 ? 
_refine.B_iso_min                                ? 
_refine.B_iso_max                                ? 
_refine.overall_SU_R_free                        ? 
_refine.ls_wR_factor_R_free                      ? 
_refine.ls_wR_factor_R_work                      ? 
_refine.overall_FOM_free_R_set                   ? 
_refine.overall_FOM_work_R_set                   ? 
_refine.pdbx_diffrn_id                           1 
_refine.pdbx_TLS_residual_ADP_flag               ? 
# 
_refine_hist.pdbx_refine_id                   'X-RAY DIFFRACTION' 
_refine_hist.cycle_id                         LAST 
_refine_hist.pdbx_number_atoms_protein        1558 
_refine_hist.pdbx_number_atoms_nucleic_acid   0 
_refine_hist.pdbx_number_atoms_ligand         34 
_refine_hist.number_atoms_solvent             39 
_refine_hist.number_atoms_total               1631 
_refine_hist.d_res_high                       2.05 
_refine_hist.d_res_low                        19.16 
# 
loop_
_refine_ls_restr.type 
_refine_ls_restr.dev_ideal 
_refine_ls_restr.dev_ideal_target 
_refine_ls_restr.weight 
_refine_ls_restr.number 
_refine_ls_restr.pdbx_refine_id 
_refine_ls_restr.pdbx_restraint_function 
r_bond_refined_d             0.010  0.021  ? 1632 'X-RAY DIFFRACTION' ? 
r_bond_other_d               ?      ?      ? ?    'X-RAY DIFFRACTION' ? 
r_angle_refined_deg          1.266  1.957  ? 2222 'X-RAY DIFFRACTION' ? 
r_angle_other_deg            ?      ?      ? ?    'X-RAY DIFFRACTION' ? 
r_dihedral_angle_1_deg       5.326  5.000  ? 190  'X-RAY DIFFRACTION' ? 
r_dihedral_angle_2_deg       34.119 23.718 ? 78   'X-RAY DIFFRACTION' ? 
r_dihedral_angle_3_deg       14.506 15.000 ? 263  'X-RAY DIFFRACTION' ? 
r_dihedral_angle_4_deg       17.214 15.000 ? 11   'X-RAY DIFFRACTION' ? 
r_chiral_restr               0.094  0.200  ? 237  'X-RAY DIFFRACTION' ? 
r_gen_planes_refined         0.005  0.021  ? 1233 'X-RAY DIFFRACTION' ? 
r_gen_planes_other           ?      ?      ? ?    'X-RAY DIFFRACTION' ? 
r_nbd_refined                ?      ?      ? ?    'X-RAY DIFFRACTION' ? 
r_nbd_other                  ?      ?      ? ?    'X-RAY DIFFRACTION' ? 
r_nbtor_refined              ?      ?      ? ?    'X-RAY DIFFRACTION' ? 
r_nbtor_other                ?      ?      ? ?    'X-RAY DIFFRACTION' ? 
r_xyhbond_nbd_refined        ?      ?      ? ?    'X-RAY DIFFRACTION' ? 
r_xyhbond_nbd_other          ?      ?      ? ?    'X-RAY DIFFRACTION' ? 
r_metal_ion_refined          ?      ?      ? ?    'X-RAY DIFFRACTION' ? 
r_metal_ion_other            ?      ?      ? ?    'X-RAY DIFFRACTION' ? 
r_symmetry_vdw_refined       ?      ?      ? ?    'X-RAY DIFFRACTION' ? 
r_symmetry_vdw_other         ?      ?      ? ?    'X-RAY DIFFRACTION' ? 
r_symmetry_hbond_refined     ?      ?      ? ?    'X-RAY DIFFRACTION' ? 
r_symmetry_hbond_other       ?      ?      ? ?    'X-RAY DIFFRACTION' ? 
r_symmetry_metal_ion_refined ?      ?      ? ?    'X-RAY DIFFRACTION' ? 
r_symmetry_metal_ion_other   ?      ?      ? ?    'X-RAY DIFFRACTION' ? 
r_mcbond_it                  0.532  1.500  ? 959  'X-RAY DIFFRACTION' ? 
r_mcbond_other               ?      ?      ? ?    'X-RAY DIFFRACTION' ? 
r_mcangle_it                 0.990  2.000  ? 1534 'X-RAY DIFFRACTION' ? 
r_scbond_it                  1.639  3.000  ? 673  'X-RAY DIFFRACTION' ? 
r_scangle_it                 2.482  4.500  ? 688  'X-RAY DIFFRACTION' ? 
r_rigid_bond_restr           ?      ?      ? ?    'X-RAY DIFFRACTION' ? 
r_sphericity_free            ?      ?      ? ?    'X-RAY DIFFRACTION' ? 
r_sphericity_bonded          ?      ?      ? ?    'X-RAY DIFFRACTION' ? 
# 
_refine_ls_shell.pdbx_refine_id                   'X-RAY DIFFRACTION' 
_refine_ls_shell.pdbx_total_number_of_bins_used   20 
_refine_ls_shell.d_res_high                       2.05 
_refine_ls_shell.d_res_low                        2.104 
_refine_ls_shell.number_reflns_R_work             980 
_refine_ls_shell.R_factor_R_work                  0.251 
_refine_ls_shell.percent_reflns_obs               94.66 
_refine_ls_shell.R_factor_R_free                  0.283 
_refine_ls_shell.R_factor_R_free_error            ? 
_refine_ls_shell.percent_reflns_R_free            ? 
_refine_ls_shell.number_reflns_R_free             120 
_refine_ls_shell.number_reflns_all                ? 
_refine_ls_shell.R_factor_all                     ? 
_refine_ls_shell.redundancy_reflns_obs            ? 
_refine_ls_shell.number_reflns_obs                ? 
# 
_struct.entry_id                  3M94 
_struct.title                     'Complex crystal structure of Ascaris suum eIF4E-3 with m2,2,7G cap' 
_struct.pdbx_model_details        ? 
_struct.pdbx_CASP_flag            ? 
_struct.pdbx_model_type_details   ? 
# 
_struct_keywords.entry_id        3M94 
_struct_keywords.pdbx_keywords   TRANSLATION 
_struct_keywords.text            'eIF4E, Berkeley Structural Genomics Center, BSGC, TRANSLATION' 
# 
loop_
_struct_asym.id 
_struct_asym.pdbx_blank_PDB_chainid_flag 
_struct_asym.pdbx_modified 
_struct_asym.entity_id 
_struct_asym.details 
A N N 1 ? 
B N N 2 ? 
C N N 3 ? 
D N N 4 ? 
E N N 5 ? 
F N N 5 ? 
# 
_struct_biol.id        1 
_struct_biol.details   ? 
# 
loop_
_struct_conf.conf_type_id 
_struct_conf.id 
_struct_conf.pdbx_PDB_helix_id 
_struct_conf.beg_label_comp_id 
_struct_conf.beg_label_asym_id 
_struct_conf.beg_label_seq_id 
_struct_conf.pdbx_beg_PDB_ins_code 
_struct_conf.end_label_comp_id 
_struct_conf.end_label_asym_id 
_struct_conf.end_label_seq_id 
_struct_conf.pdbx_end_PDB_ins_code 
_struct_conf.beg_auth_comp_id 
_struct_conf.beg_auth_asym_id 
_struct_conf.beg_auth_seq_id 
_struct_conf.end_auth_comp_id 
_struct_conf.end_auth_asym_id 
_struct_conf.end_auth_seq_id 
_struct_conf.pdbx_PDB_helix_class 
_struct_conf.details 
_struct_conf.pdbx_PDB_helix_length 
HELX_P HELX_P1 1 ASP A 21  ? ASP A 24  ? ASP A 68  ASP A 71  5 ? 4  
HELX_P HELX_P2 2 VAL A 35  ? ASN A 43  ? VAL A 82  ASN A 90  1 ? 9  
HELX_P HELX_P3 3 ALA A 47  ? LEU A 51  ? ALA A 94  LEU A 98  5 ? 5  
HELX_P HELX_P4 4 LYS A 87  ? GLY A 105 ? LYS A 134 GLY A 152 1 ? 19 
HELX_P HELX_P5 5 PHE A 108 ? GLU A 113 ? PHE A 155 GLU A 160 5 ? 6  
HELX_P HELX_P6 6 LYS A 138 ? GLU A 154 ? LYS A 185 GLU A 201 1 ? 17 
HELX_P HELX_P7 7 ASP B 5   ? ARG B 13  ? ASP C 5   ARG C 13  1 ? 9  
# 
_struct_conf_type.id          HELX_P 
_struct_conf_type.criteria    ? 
_struct_conf_type.reference   ? 
# 
_struct_mon_prot_cis.pdbx_id                1 
_struct_mon_prot_cis.label_comp_id          ILE 
_struct_mon_prot_cis.label_seq_id           183 
_struct_mon_prot_cis.label_asym_id          A 
_struct_mon_prot_cis.label_alt_id           . 
_struct_mon_prot_cis.pdbx_PDB_ins_code      ? 
_struct_mon_prot_cis.auth_comp_id           ILE 
_struct_mon_prot_cis.auth_seq_id            230 
_struct_mon_prot_cis.auth_asym_id           A 
_struct_mon_prot_cis.pdbx_label_comp_id_2   PRO 
_struct_mon_prot_cis.pdbx_label_seq_id_2    184 
_struct_mon_prot_cis.pdbx_label_asym_id_2   A 
_struct_mon_prot_cis.pdbx_PDB_ins_code_2    ? 
_struct_mon_prot_cis.pdbx_auth_comp_id_2    PRO 
_struct_mon_prot_cis.pdbx_auth_seq_id_2     231 
_struct_mon_prot_cis.pdbx_auth_asym_id_2    A 
_struct_mon_prot_cis.pdbx_PDB_model_num     1 
_struct_mon_prot_cis.pdbx_omega_angle       0.54 
# 
_struct_sheet.id               A 
_struct_sheet.type             ? 
_struct_sheet.number_strands   8 
_struct_sheet.details          ? 
# 
loop_
_struct_sheet_order.sheet_id 
_struct_sheet_order.range_id_1 
_struct_sheet_order.range_id_2 
_struct_sheet_order.offset 
_struct_sheet_order.sense 
A 1 2 ? anti-parallel 
A 2 3 ? anti-parallel 
A 3 4 ? anti-parallel 
A 4 5 ? anti-parallel 
A 5 6 ? anti-parallel 
A 6 7 ? anti-parallel 
A 7 8 ? anti-parallel 
# 
loop_
_struct_sheet_range.sheet_id 
_struct_sheet_range.id 
_struct_sheet_range.beg_label_comp_id 
_struct_sheet_range.beg_label_asym_id 
_struct_sheet_range.beg_label_seq_id 
_struct_sheet_range.pdbx_beg_PDB_ins_code 
_struct_sheet_range.end_label_comp_id 
_struct_sheet_range.end_label_asym_id 
_struct_sheet_range.end_label_seq_id 
_struct_sheet_range.pdbx_end_PDB_ins_code 
_struct_sheet_range.beg_auth_comp_id 
_struct_sheet_range.beg_auth_asym_id 
_struct_sheet_range.beg_auth_seq_id 
_struct_sheet_range.end_auth_comp_id 
_struct_sheet_range.end_auth_asym_id 
_struct_sheet_range.end_auth_seq_id 
A 1 LEU A 26  ? THR A 34  ? LEU A 73  THR A 81  
A 2 PRO A 4   ? LEU A 14  ? PRO A 51  LEU A 61  
A 3 ASP A 56  ? LYS A 61  ? ASP A 103 LYS A 108 
A 4 ILE A 115 ? ASN A 121 ? ILE A 162 ASN A 168 
A 5 ASP A 127 ? THR A 133 ? ASP A 174 THR A 180 
A 6 GLY A 77  ? VAL A 83  ? GLY A 124 VAL A 130 
A 7 ILE A 161 ? VAL A 165 ? ILE A 208 VAL A 212 
A 8 ILE A 181 ? ILE A 183 ? ILE A 228 ILE A 230 
# 
loop_
_pdbx_struct_sheet_hbond.sheet_id 
_pdbx_struct_sheet_hbond.range_id_1 
_pdbx_struct_sheet_hbond.range_id_2 
_pdbx_struct_sheet_hbond.range_1_label_atom_id 
_pdbx_struct_sheet_hbond.range_1_label_comp_id 
_pdbx_struct_sheet_hbond.range_1_label_asym_id 
_pdbx_struct_sheet_hbond.range_1_label_seq_id 
_pdbx_struct_sheet_hbond.range_1_PDB_ins_code 
_pdbx_struct_sheet_hbond.range_1_auth_atom_id 
_pdbx_struct_sheet_hbond.range_1_auth_comp_id 
_pdbx_struct_sheet_hbond.range_1_auth_asym_id 
_pdbx_struct_sheet_hbond.range_1_auth_seq_id 
_pdbx_struct_sheet_hbond.range_2_label_atom_id 
_pdbx_struct_sheet_hbond.range_2_label_comp_id 
_pdbx_struct_sheet_hbond.range_2_label_asym_id 
_pdbx_struct_sheet_hbond.range_2_label_seq_id 
_pdbx_struct_sheet_hbond.range_2_PDB_ins_code 
_pdbx_struct_sheet_hbond.range_2_auth_atom_id 
_pdbx_struct_sheet_hbond.range_2_auth_comp_id 
_pdbx_struct_sheet_hbond.range_2_auth_asym_id 
_pdbx_struct_sheet_hbond.range_2_auth_seq_id 
A 1 2 O VAL A 29  ? O VAL A 76  N LEU A 11  ? N LEU A 58  
A 2 3 N ALA A 10  ? N ALA A 57  O PHE A 60  ? O PHE A 107 
A 3 4 N LEU A 59  ? N LEU A 106 O ALA A 118 ? O ALA A 165 
A 4 5 N CYS A 116 ? N CYS A 163 O TRP A 132 ? O TRP A 179 
A 5 6 O ASP A 127 ? O ASP A 174 N VAL A 83  ? N VAL A 130 
A 6 7 N LEU A 80  ? N LEU A 127 O ARG A 162 ? O ARG A 209 
A 7 8 N TYR A 163 ? N TYR A 210 O ILE A 181 ? O ILE A 228 
# 
loop_
_struct_site.id 
_struct_site.pdbx_evidence_code 
_struct_site.pdbx_auth_asym_id 
_struct_site.pdbx_auth_comp_id 
_struct_site.pdbx_auth_seq_id 
_struct_site.pdbx_auth_ins_code 
_struct_site.pdbx_num_residues 
_struct_site.details 
AC1 Software A M7M 1 ? 7 'BINDING SITE FOR RESIDUE M7M A 1' 
AC2 Software C ACE 0 ? 5 'BINDING SITE FOR RESIDUE ACE C 0' 
# 
loop_
_struct_site_gen.id 
_struct_site_gen.site_id 
_struct_site_gen.pdbx_num_res 
_struct_site_gen.label_comp_id 
_struct_site_gen.label_asym_id 
_struct_site_gen.label_seq_id 
_struct_site_gen.pdbx_auth_ins_code 
_struct_site_gen.auth_comp_id 
_struct_site_gen.auth_asym_id 
_struct_site_gen.auth_seq_id 
_struct_site_gen.label_atom_id 
_struct_site_gen.label_alt_id 
_struct_site_gen.symmetry 
_struct_site_gen.details 
1  AC1 7 TRP A 22  ? TRP A 69  . ? 1_555 ? 
2  AC1 7 MET A 67  ? MET A 114 . ? 1_555 ? 
3  AC1 7 TRP A 68  ? TRP A 115 . ? 1_555 ? 
4  AC1 7 GLU A 69  ? GLU A 116 . ? 1_555 ? 
5  AC1 7 ASN A 121 ? ASN A 168 . ? 1_555 ? 
6  AC1 7 ARG A 123 ? ARG A 170 . ? 1_555 ? 
7  AC1 7 LYS A 128 ? LYS A 175 . ? 1_555 ? 
8  AC2 5 TYR A 13  ? TYR A 60  . ? 3_555 ? 
9  AC2 5 LEU A 51  ? LEU A 98  . ? 3_555 ? 
10 AC2 5 TYR A 57  ? TYR A 104 . ? 3_555 ? 
11 AC2 5 ARG B 1   ? ARG C 1   . ? 1_555 ? 
12 AC2 5 ILE B 2   ? ILE C 2   . ? 1_555 ? 
# 
_atom_sites.entry_id                    3M94 
_atom_sites.fract_transf_matrix[1][1]   0.00205426 
_atom_sites.fract_transf_matrix[1][2]   0.00266506 
_atom_sites.fract_transf_matrix[1][3]   0.00891191 
_atom_sites.fract_transf_matrix[2][1]   0.00802669 
_atom_sites.fract_transf_matrix[2][2]   -0.00512007 
_atom_sites.fract_transf_matrix[2][3]   -0.00031908 
_atom_sites.fract_transf_matrix[3][1]   0.01052017 
_atom_sites.fract_transf_matrix[3][2]   0.01695955 
_atom_sites.fract_transf_matrix[3][3]   -0.00749663 
_atom_sites.fract_transf_vector[1]      -0.004366 
_atom_sites.fract_transf_vector[2]      0.205521 
_atom_sites.fract_transf_vector[3]      0.298343 
# 
loop_
_atom_type.symbol 
C 
N 
O 
P 
S 
# 
loop_
_atom_site.group_PDB 
_atom_site.id 
_atom_site.type_symbol 
_atom_site.label_atom_id 
_atom_site.label_alt_id 
_atom_site.label_comp_id 
_atom_site.label_asym_id 
_atom_site.label_entity_id 
_atom_site.label_seq_id 
_atom_site.pdbx_PDB_ins_code 
_atom_site.Cartn_x 
_atom_site.Cartn_y 
_atom_site.Cartn_z 
_atom_site.occupancy 
_atom_site.B_iso_or_equiv 
_atom_site.pdbx_formal_charge 
_atom_site.auth_seq_id 
_atom_site.auth_comp_id 
_atom_site.auth_asym_id 
_atom_site.auth_atom_id 
_atom_site.pdbx_PDB_model_num 
ATOM   1    N N   . MET A 1 1   ? 7.004   -2.861  -27.498 1.00 15.33 ? 48  MET A N   1 
ATOM   2    C CA  . MET A 1 1   ? 7.460   -3.648  -26.317 1.00 15.13 ? 48  MET A CA  1 
ATOM   3    C C   . MET A 1 1   ? 6.900   -2.978  -25.069 1.00 15.06 ? 48  MET A C   1 
ATOM   4    O O   . MET A 1 1   ? 7.153   -1.801  -24.828 1.00 15.02 ? 48  MET A O   1 
ATOM   5    C CB  . MET A 1 1   ? 9.001   -3.691  -26.252 1.00 14.70 ? 48  MET A CB  1 
ATOM   6    C CG  . MET A 1 1   ? 9.573   -4.580  -25.150 1.00 15.03 ? 48  MET A CG  1 
ATOM   7    S SD  . MET A 1 1   ? 11.282  -4.189  -24.607 1.00 15.75 ? 48  MET A SD  1 
ATOM   8    C CE  . MET A 1 1   ? 10.993  -2.697  -23.642 1.00 14.80 ? 48  MET A CE  1 
ATOM   9    N N   . ARG A 1 2   ? 6.141   -3.722  -24.281 1.00 14.81 ? 49  ARG A N   1 
ATOM   10   C CA  . ARG A 1 2   ? 5.733   -3.213  -22.977 1.00 15.53 ? 49  ARG A CA  1 
ATOM   11   C C   . ARG A 1 2   ? 6.931   -3.216  -22.014 1.00 14.86 ? 49  ARG A C   1 
ATOM   12   O O   . ARG A 1 2   ? 7.784   -4.087  -22.074 1.00 15.53 ? 49  ARG A O   1 
ATOM   13   C CB  . ARG A 1 2   ? 4.566   -4.024  -22.427 1.00 15.61 ? 49  ARG A CB  1 
ATOM   14   C CG  . ARG A 1 2   ? 3.244   -3.702  -23.109 1.00 18.36 ? 49  ARG A CG  1 
ATOM   15   C CD  . ARG A 1 2   ? 2.473   -4.957  -23.530 1.00 22.65 ? 49  ARG A CD  1 
ATOM   16   N NE  . ARG A 1 2   ? 1.918   -5.721  -22.417 1.00 26.03 ? 49  ARG A NE  1 
ATOM   17   C CZ  . ARG A 1 2   ? 2.214   -6.996  -22.136 1.00 27.28 ? 49  ARG A CZ  1 
ATOM   18   N NH1 . ARG A 1 2   ? 1.646   -7.592  -21.096 1.00 25.15 ? 49  ARG A NH1 1 
ATOM   19   N NH2 . ARG A 1 2   ? 3.069   -7.684  -22.890 1.00 28.87 ? 49  ARG A NH2 1 
ATOM   20   N N   . HIS A 1 3   ? 7.011   -2.219  -21.147 1.00 14.38 ? 50  HIS A N   1 
ATOM   21   C CA  . HIS A 1 3   ? 8.108   -2.140  -20.182 1.00 13.47 ? 50  HIS A CA  1 
ATOM   22   C C   . HIS A 1 3   ? 7.886   -3.098  -19.008 1.00 12.25 ? 50  HIS A C   1 
ATOM   23   O O   . HIS A 1 3   ? 6.924   -2.946  -18.257 1.00 11.87 ? 50  HIS A O   1 
ATOM   24   C CB  . HIS A 1 3   ? 8.282   -0.690  -19.737 1.00 13.26 ? 50  HIS A CB  1 
ATOM   25   C CG  . HIS A 1 3   ? 8.591   0.229   -20.875 1.00 15.41 ? 50  HIS A CG  1 
ATOM   26   N ND1 . HIS A 1 3   ? 7.628   0.981   -21.512 1.00 17.26 ? 50  HIS A ND1 1 
ATOM   27   C CD2 . HIS A 1 3   ? 9.752   0.462   -21.538 1.00 18.16 ? 50  HIS A CD2 1 
ATOM   28   C CE1 . HIS A 1 3   ? 8.186   1.674   -22.489 1.00 17.49 ? 50  HIS A CE1 1 
ATOM   29   N NE2 . HIS A 1 3   ? 9.474   1.371   -22.532 1.00 18.81 ? 50  HIS A NE2 1 
ATOM   30   N N   . PRO A 1 4   ? 8.767   -4.102  -18.868 1.00 12.22 ? 51  PRO A N   1 
ATOM   31   C CA  . PRO A 1 4   ? 8.535   -5.137  -17.873 1.00 11.56 ? 51  PRO A CA  1 
ATOM   32   C C   . PRO A 1 4   ? 8.830   -4.594  -16.464 1.00 12.28 ? 51  PRO A C   1 
ATOM   33   O O   . PRO A 1 4   ? 9.780   -3.802  -16.277 1.00 12.16 ? 51  PRO A O   1 
ATOM   34   C CB  . PRO A 1 4   ? 9.517   -6.243  -18.268 1.00 11.06 ? 51  PRO A CB  1 
ATOM   35   C CG  . PRO A 1 4   ? 10.702  -5.479  -18.869 1.00 12.31 ? 51  PRO A CG  1 
ATOM   36   C CD  . PRO A 1 4   ? 10.058  -4.282  -19.584 1.00 12.20 ? 51  PRO A CD  1 
ATOM   37   N N   . LEU A 1 5   ? 7.988   -4.977  -15.513 1.00 11.57 ? 52  LEU A N   1 
ATOM   38   C CA  . LEU A 1 5   ? 8.196   -4.658  -14.100 1.00 12.69 ? 52  LEU A CA  1 
ATOM   39   C C   . LEU A 1 5   ? 9.079   -5.737  -13.511 1.00 13.47 ? 52  LEU A C   1 
ATOM   40   O O   . LEU A 1 5   ? 9.168   -6.843  -14.064 1.00 14.24 ? 52  LEU A O   1 
ATOM   41   C CB  . LEU A 1 5   ? 6.864   -4.603  -13.344 1.00 12.30 ? 52  LEU A CB  1 
ATOM   42   C CG  . LEU A 1 5   ? 5.853   -3.536  -13.788 1.00 12.31 ? 52  LEU A CG  1 
ATOM   43   C CD1 . LEU A 1 5   ? 4.519   -3.716  -13.049 1.00 8.92  ? 52  LEU A CD1 1 
ATOM   44   C CD2 . LEU A 1 5   ? 6.414   -2.124  -13.585 1.00 12.10 ? 52  LEU A CD2 1 
ATOM   45   N N   . GLN A 1 6   ? 9.750   -5.426  -12.408 1.00 13.29 ? 53  GLN A N   1 
ATOM   46   C CA  . GLN A 1 6   ? 10.629  -6.394  -11.775 1.00 13.32 ? 53  GLN A CA  1 
ATOM   47   C C   . GLN A 1 6   ? 9.873   -7.651  -11.351 1.00 14.47 ? 53  GLN A C   1 
ATOM   48   O O   . GLN A 1 6   ? 10.405  -8.752  -11.438 1.00 14.33 ? 53  GLN A O   1 
ATOM   49   C CB  . GLN A 1 6   ? 11.356  -5.769  -10.585 1.00 12.86 ? 53  GLN A CB  1 
ATOM   50   C CG  . GLN A 1 6   ? 12.352  -6.704  -9.919  1.00 12.22 ? 53  GLN A CG  1 
ATOM   51   C CD  . GLN A 1 6   ? 13.164  -6.013  -8.859  1.00 11.08 ? 53  GLN A CD  1 
ATOM   52   O OE1 . GLN A 1 6   ? 13.718  -4.937  -9.080  1.00 9.30  ? 53  GLN A OE1 1 
ATOM   53   N NE2 . GLN A 1 6   ? 13.258  -6.636  -7.702  1.00 12.96 ? 53  GLN A NE2 1 
ATOM   54   N N   . CYS A 1 7   ? 8.636   -7.495  -10.879 1.00 15.69 ? 54  CYS A N   1 
ATOM   55   C CA  . CYS A 1 7   ? 7.823   -8.664  -10.579 1.00 17.44 ? 54  CYS A CA  1 
ATOM   56   C C   . CYS A 1 7   ? 6.352   -8.480  -10.933 1.00 16.64 ? 54  CYS A C   1 
ATOM   57   O O   . CYS A 1 7   ? 5.942   -7.419  -11.385 1.00 16.62 ? 54  CYS A O   1 
ATOM   58   C CB  . CYS A 1 7   ? 7.998   -9.091  -9.122  1.00 18.57 ? 54  CYS A CB  1 
ATOM   59   S SG  . CYS A 1 7   ? 7.433   -7.852  -7.946  1.00 24.08 ? 54  CYS A SG  1 
ATOM   60   N N   . HIS A 1 8   ? 5.580   -9.542  -10.756 1.00 16.56 ? 55  HIS A N   1 
ATOM   61   C CA  . HIS A 1 8   ? 4.144   -9.522  -10.998 1.00 16.28 ? 55  HIS A CA  1 
ATOM   62   C C   . HIS A 1 8   ? 3.457   -8.969  -9.752  1.00 16.12 ? 55  HIS A C   1 
ATOM   63   O O   . HIS A 1 8   ? 3.819   -9.318  -8.620  1.00 15.37 ? 55  HIS A O   1 
ATOM   64   C CB  . HIS A 1 8   ? 3.630   -10.936 -11.231 1.00 16.09 ? 55  HIS A CB  1 
ATOM   65   C CG  . HIS A 1 8   ? 4.035   -11.536 -12.535 1.00 16.98 ? 55  HIS A CG  1 
ATOM   66   N ND1 . HIS A 1 8   ? 5.352   -11.761 -12.879 1.00 18.04 ? 55  HIS A ND1 1 
ATOM   67   C CD2 . HIS A 1 8   ? 3.291   -11.992 -13.571 1.00 16.42 ? 55  HIS A CD2 1 
ATOM   68   C CE1 . HIS A 1 8   ? 5.401   -12.325 -14.072 1.00 18.60 ? 55  HIS A CE1 1 
ATOM   69   N NE2 . HIS A 1 8   ? 4.166   -12.464 -14.519 1.00 18.48 ? 55  HIS A NE2 1 
ATOM   70   N N   . TRP A 1 9   ? 2.455   -8.129  -9.982  1.00 15.54 ? 56  TRP A N   1 
ATOM   71   C CA  . TRP A 1 9   ? 1.658   -7.532  -8.925  1.00 15.34 ? 56  TRP A CA  1 
ATOM   72   C C   . TRP A 1 9   ? 0.189   -7.845  -9.177  1.00 15.43 ? 56  TRP A C   1 
ATOM   73   O O   . TRP A 1 9   ? -0.271  -7.791  -10.322 1.00 16.23 ? 56  TRP A O   1 
ATOM   74   C CB  . TRP A 1 9   ? 1.851   -6.009  -8.903  1.00 14.35 ? 56  TRP A CB  1 
ATOM   75   C CG  . TRP A 1 9   ? 3.253   -5.591  -8.564  1.00 15.39 ? 56  TRP A CG  1 
ATOM   76   C CD1 . TRP A 1 9   ? 4.284   -5.391  -9.454  1.00 12.56 ? 56  TRP A CD1 1 
ATOM   77   C CD2 . TRP A 1 9   ? 3.791   -5.351  -7.256  1.00 13.79 ? 56  TRP A CD2 1 
ATOM   78   N NE1 . TRP A 1 9   ? 5.425   -5.016  -8.767  1.00 14.76 ? 56  TRP A NE1 1 
ATOM   79   C CE2 . TRP A 1 9   ? 5.150   -4.990  -7.422  1.00 15.81 ? 56  TRP A CE2 1 
ATOM   80   C CE3 . TRP A 1 9   ? 3.246   -5.379  -5.956  1.00 16.49 ? 56  TRP A CE3 1 
ATOM   81   C CZ2 . TRP A 1 9   ? 5.986   -4.674  -6.335  1.00 14.57 ? 56  TRP A CZ2 1 
ATOM   82   C CZ3 . TRP A 1 9   ? 4.073   -5.057  -4.873  1.00 16.16 ? 56  TRP A CZ3 1 
ATOM   83   C CH2 . TRP A 1 9   ? 5.439   -4.718  -5.074  1.00 16.48 ? 56  TRP A CH2 1 
ATOM   84   N N   . ALA A 1 10  ? -0.552  -8.131  -8.113  1.00 16.05 ? 57  ALA A N   1 
ATOM   85   C CA  . ALA A 1 10  ? -2.004  -8.338  -8.232  1.00 16.05 ? 57  ALA A CA  1 
ATOM   86   C C   . ALA A 1 10  ? -2.778  -7.229  -7.517  1.00 16.72 ? 57  ALA A C   1 
ATOM   87   O O   . ALA A 1 10  ? -2.450  -6.846  -6.388  1.00 15.95 ? 57  ALA A O   1 
ATOM   88   C CB  . ALA A 1 10  ? -2.411  -9.685  -7.711  1.00 15.13 ? 57  ALA A CB  1 
ATOM   89   N N   . LEU A 1 11  ? -3.798  -6.714  -8.211  1.00 16.53 ? 58  LEU A N   1 
ATOM   90   C CA  . LEU A 1 11  ? -4.722  -5.753  -7.640  1.00 16.38 ? 58  LEU A CA  1 
ATOM   91   C C   . LEU A 1 11  ? -5.928  -6.509  -7.082  1.00 16.14 ? 58  LEU A C   1 
ATOM   92   O O   . LEU A 1 11  ? -6.488  -7.365  -7.759  1.00 14.44 ? 58  LEU A O   1 
ATOM   93   C CB  . LEU A 1 11  ? -5.166  -4.733  -8.698  1.00 16.57 ? 58  LEU A CB  1 
ATOM   94   C CG  . LEU A 1 11  ? -6.199  -3.685  -8.268  1.00 17.38 ? 58  LEU A CG  1 
ATOM   95   C CD1 . LEU A 1 11  ? -5.588  -2.649  -7.328  1.00 17.47 ? 58  LEU A CD1 1 
ATOM   96   C CD2 . LEU A 1 11  ? -6.724  -2.999  -9.509  1.00 20.13 ? 58  LEU A CD2 1 
ATOM   97   N N   . TRP A 1 12  ? -6.280  -6.204  -5.829  1.00 16.09 ? 59  TRP A N   1 
ATOM   98   C CA  . TRP A 1 12  ? -7.443  -6.789  -5.158  1.00 15.93 ? 59  TRP A CA  1 
ATOM   99   C C   . TRP A 1 12  ? -8.397  -5.645  -4.784  1.00 16.39 ? 59  TRP A C   1 
ATOM   100  O O   . TRP A 1 12  ? -7.981  -4.494  -4.599  1.00 15.05 ? 59  TRP A O   1 
ATOM   101  C CB  . TRP A 1 12  ? -7.050  -7.551  -3.884  1.00 15.28 ? 59  TRP A CB  1 
ATOM   102  C CG  . TRP A 1 12  ? -6.044  -8.672  -4.050  1.00 16.99 ? 59  TRP A CG  1 
ATOM   103  C CD1 . TRP A 1 12  ? -4.706  -8.546  -4.315  1.00 18.06 ? 59  TRP A CD1 1 
ATOM   104  C CD2 . TRP A 1 12  ? -6.295  -10.089 -3.929  1.00 18.10 ? 59  TRP A CD2 1 
ATOM   105  N NE1 . TRP A 1 12  ? -4.114  -9.787  -4.368  1.00 18.56 ? 59  TRP A NE1 1 
ATOM   106  C CE2 . TRP A 1 12  ? -5.065  -10.750 -4.143  1.00 18.47 ? 59  TRP A CE2 1 
ATOM   107  C CE3 . TRP A 1 12  ? -7.438  -10.856 -3.656  1.00 18.98 ? 59  TRP A CE3 1 
ATOM   108  C CZ2 . TRP A 1 12  ? -4.946  -12.142 -4.105  1.00 17.67 ? 59  TRP A CZ2 1 
ATOM   109  C CZ3 . TRP A 1 12  ? -7.325  -12.242 -3.614  1.00 19.63 ? 59  TRP A CZ3 1 
ATOM   110  C CH2 . TRP A 1 12  ? -6.084  -12.873 -3.840  1.00 19.91 ? 59  TRP A CH2 1 
ATOM   111  N N   . TYR A 1 13  ? -9.674  -5.980  -4.699  1.00 16.98 ? 60  TYR A N   1 
ATOM   112  C CA  . TYR A 1 13  ? -10.711 -5.048  -4.301  1.00 18.09 ? 60  TYR A CA  1 
ATOM   113  C C   . TYR A 1 13  ? -11.590 -5.769  -3.305  1.00 18.72 ? 60  TYR A C   1 
ATOM   114  O O   . TYR A 1 13  ? -11.939 -6.933  -3.515  1.00 18.70 ? 60  TYR A O   1 
ATOM   115  C CB  . TYR A 1 13  ? -11.539 -4.601  -5.521  1.00 17.65 ? 60  TYR A CB  1 
ATOM   116  C CG  . TYR A 1 13  ? -12.826 -3.881  -5.179  1.00 18.04 ? 60  TYR A CG  1 
ATOM   117  C CD1 . TYR A 1 13  ? -12.808 -2.681  -4.479  1.00 16.94 ? 60  TYR A CD1 1 
ATOM   118  C CD2 . TYR A 1 13  ? -14.060 -4.399  -5.566  1.00 19.25 ? 60  TYR A CD2 1 
ATOM   119  C CE1 . TYR A 1 13  ? -13.982 -2.020  -4.147  1.00 19.55 ? 60  TYR A CE1 1 
ATOM   120  C CE2 . TYR A 1 13  ? -15.265 -3.728  -5.245  1.00 20.64 ? 60  TYR A CE2 1 
ATOM   121  C CZ  . TYR A 1 13  ? -15.206 -2.540  -4.536  1.00 20.60 ? 60  TYR A CZ  1 
ATOM   122  O OH  . TYR A 1 13  ? -16.357 -1.865  -4.206  1.00 21.57 ? 60  TYR A OH  1 
ATOM   123  N N   . LEU A 1 14  ? -11.917 -5.090  -2.208  1.00 19.46 ? 61  LEU A N   1 
ATOM   124  C CA  . LEU A 1 14  ? -12.891 -5.609  -1.247  1.00 19.97 ? 61  LEU A CA  1 
ATOM   125  C C   . LEU A 1 14  ? -14.051 -4.624  -1.132  1.00 20.47 ? 61  LEU A C   1 
ATOM   126  O O   . LEU A 1 14  ? -13.847 -3.454  -0.809  1.00 20.55 ? 61  LEU A O   1 
ATOM   127  C CB  . LEU A 1 14  ? -12.260 -5.844  0.137   1.00 19.85 ? 61  LEU A CB  1 
ATOM   128  C CG  . LEU A 1 14  ? -13.142 -6.553  1.202   1.00 19.33 ? 61  LEU A CG  1 
ATOM   129  C CD1 . LEU A 1 14  ? -12.287 -7.389  2.120   1.00 18.87 ? 61  LEU A CD1 1 
ATOM   130  C CD2 . LEU A 1 14  ? -14.023 -5.604  2.008   1.00 17.58 ? 61  LEU A CD2 1 
ATOM   131  N N   . LYS A 1 15  ? -15.260 -5.108  -1.395  1.00 21.12 ? 62  LYS A N   1 
ATOM   132  C CA  . LYS A 1 15  ? -16.467 -4.305  -1.255  1.00 22.14 ? 62  LYS A CA  1 
ATOM   133  C C   . LYS A 1 15  ? -17.106 -4.635  0.090   1.00 22.88 ? 62  LYS A C   1 
ATOM   134  O O   . LYS A 1 15  ? -17.316 -5.809  0.403   1.00 22.37 ? 62  LYS A O   1 
ATOM   135  C CB  . LYS A 1 15  ? -17.437 -4.594  -2.413  1.00 22.23 ? 62  LYS A CB  1 
ATOM   136  N N   . ALA A 1 16  ? -17.374 -3.597  0.890   1.00 24.06 ? 63  ALA A N   1 
ATOM   137  C CA  . ALA A 1 16  ? -18.012 -3.746  2.198   1.00 25.14 ? 63  ALA A CA  1 
ATOM   138  C C   . ALA A 1 16  ? -19.378 -4.408  2.077   1.00 25.34 ? 63  ALA A C   1 
ATOM   139  O O   . ALA A 1 16  ? -20.249 -3.909  1.359   1.00 25.75 ? 63  ALA A O   1 
ATOM   140  C CB  . ALA A 1 16  ? -18.163 -2.383  2.885   1.00 25.36 ? 63  ALA A CB  1 
ATOM   141  N N   . ASP A 1 17  ? -19.554 -5.517  2.795   1.00 25.50 ? 64  ASP A N   1 
ATOM   142  C CA  . ASP A 1 17  ? -20.782 -6.314  2.745   1.00 25.54 ? 64  ASP A CA  1 
ATOM   143  C C   . ASP A 1 17  ? -21.091 -6.930  4.117   1.00 25.70 ? 64  ASP A C   1 
ATOM   144  O O   . ASP A 1 17  ? -20.545 -7.985  4.473   1.00 25.83 ? 64  ASP A O   1 
ATOM   145  C CB  . ASP A 1 17  ? -20.648 -7.408  1.679   1.00 25.38 ? 64  ASP A CB  1 
ATOM   146  N N   . ARG A 1 18  ? -21.964 -6.267  4.881   1.00 25.78 ? 65  ARG A N   1 
ATOM   147  C CA  . ARG A 1 18  ? -22.306 -6.698  6.246   1.00 25.77 ? 65  ARG A CA  1 
ATOM   148  C C   . ARG A 1 18  ? -23.033 -8.054  6.270   1.00 25.85 ? 65  ARG A C   1 
ATOM   149  O O   . ARG A 1 18  ? -23.220 -8.651  7.329   1.00 25.60 ? 65  ARG A O   1 
ATOM   150  C CB  . ARG A 1 18  ? -23.110 -5.614  6.992   1.00 25.82 ? 65  ARG A CB  1 
ATOM   151  C CG  . ARG A 1 18  ? -24.578 -5.473  6.582   1.00 25.41 ? 65  ARG A CG  1 
ATOM   152  N N   . SER A 1 19  ? -23.428 -8.524  5.087   1.00 25.97 ? 66  SER A N   1 
ATOM   153  C CA  . SER A 1 19  ? -24.069 -9.829  4.917   1.00 25.95 ? 66  SER A CA  1 
ATOM   154  C C   . SER A 1 19  ? -23.086 -10.994 5.074   1.00 25.77 ? 66  SER A C   1 
ATOM   155  O O   . SER A 1 19  ? -23.316 -11.900 5.871   1.00 25.84 ? 66  SER A O   1 
ATOM   156  C CB  . SER A 1 19  ? -24.760 -9.894  3.547   1.00 25.96 ? 66  SER A CB  1 
ATOM   157  O OG  . SER A 1 19  ? -24.949 -11.232 3.125   1.00 26.28 ? 66  SER A OG  1 
ATOM   158  N N   . LYS A 1 20  ? -21.982 -10.948 4.325   1.00 25.70 ? 67  LYS A N   1 
ATOM   159  C CA  . LYS A 1 20  ? -21.054 -12.079 4.214   1.00 25.22 ? 67  LYS A CA  1 
ATOM   160  C C   . LYS A 1 20  ? -19.726 -11.885 4.959   1.00 24.91 ? 67  LYS A C   1 
ATOM   161  O O   . LYS A 1 20  ? -19.398 -10.775 5.398   1.00 24.65 ? 67  LYS A O   1 
ATOM   162  C CB  . LYS A 1 20  ? -20.801 -12.409 2.734   1.00 25.27 ? 67  LYS A CB  1 
ATOM   163  C CG  . LYS A 1 20  ? -20.516 -11.194 1.852   1.00 25.25 ? 67  LYS A CG  1 
ATOM   164  N N   . ASP A 1 21  ? -18.976 -12.982 5.084   1.00 24.45 ? 68  ASP A N   1 
ATOM   165  C CA  . ASP A 1 21  ? -17.653 -13.007 5.726   1.00 23.97 ? 68  ASP A CA  1 
ATOM   166  C C   . ASP A 1 21  ? -16.618 -12.115 5.018   1.00 23.43 ? 68  ASP A C   1 
ATOM   167  O O   . ASP A 1 21  ? -16.687 -11.899 3.799   1.00 23.25 ? 68  ASP A O   1 
ATOM   168  C CB  . ASP A 1 21  ? -17.122 -14.449 5.800   1.00 23.97 ? 68  ASP A CB  1 
ATOM   169  C CG  . ASP A 1 21  ? -18.071 -15.400 6.521   1.00 24.56 ? 68  ASP A CG  1 
ATOM   170  O OD1 . ASP A 1 21  ? -19.089 -14.944 7.090   1.00 24.61 ? 68  ASP A OD1 1 
ATOM   171  O OD2 . ASP A 1 21  ? -17.794 -16.619 6.517   1.00 24.83 ? 68  ASP A OD2 1 
ATOM   172  N N   . TRP A 1 22  ? -15.654 -11.612 5.789   1.00 22.82 ? 69  TRP A N   1 
ATOM   173  C CA  . TRP A 1 22  ? -14.638 -10.697 5.266   1.00 22.00 ? 69  TRP A CA  1 
ATOM   174  C C   . TRP A 1 22  ? -13.903 -11.293 4.069   1.00 21.97 ? 69  TRP A C   1 
ATOM   175  O O   . TRP A 1 22  ? -13.799 -10.659 3.012   1.00 21.69 ? 69  TRP A O   1 
ATOM   176  C CB  . TRP A 1 22  ? -13.631 -10.299 6.356   1.00 21.72 ? 69  TRP A CB  1 
ATOM   177  C CG  . TRP A 1 22  ? -12.598 -9.313  5.862   1.00 20.12 ? 69  TRP A CG  1 
ATOM   178  C CD1 . TRP A 1 22  ? -12.678 -7.952  5.910   1.00 18.96 ? 69  TRP A CD1 1 
ATOM   179  C CD2 . TRP A 1 22  ? -11.346 -9.618  5.226   1.00 18.11 ? 69  TRP A CD2 1 
ATOM   180  N NE1 . TRP A 1 22  ? -11.551 -7.387  5.352   1.00 17.77 ? 69  TRP A NE1 1 
ATOM   181  C CE2 . TRP A 1 22  ? -10.719 -8.385  4.924   1.00 17.87 ? 69  TRP A CE2 1 
ATOM   182  C CE3 . TRP A 1 22  ? -10.691 -10.810 4.887   1.00 17.53 ? 69  TRP A CE3 1 
ATOM   183  C CZ2 . TRP A 1 22  ? -9.468  -8.311  4.296   1.00 16.65 ? 69  TRP A CZ2 1 
ATOM   184  C CZ3 . TRP A 1 22  ? -9.449  -10.737 4.257   1.00 17.62 ? 69  TRP A CZ3 1 
ATOM   185  C CH2 . TRP A 1 22  ? -8.850  -9.492  3.972   1.00 16.50 ? 69  TRP A CH2 1 
ATOM   186  N N   . GLU A 1 23  ? -13.411 -12.517 4.246   1.00 21.97 ? 70  GLU A N   1 
ATOM   187  C CA  . GLU A 1 23  ? -12.602 -13.195 3.238   1.00 22.23 ? 70  GLU A CA  1 
ATOM   188  C C   . GLU A 1 23  ? -13.351 -13.460 1.922   1.00 22.02 ? 70  GLU A C   1 
ATOM   189  O O   . GLU A 1 23  ? -12.725 -13.590 0.867   1.00 22.32 ? 70  GLU A O   1 
ATOM   190  C CB  . GLU A 1 23  ? -12.014 -14.485 3.813   1.00 22.40 ? 70  GLU A CB  1 
ATOM   191  C CG  . GLU A 1 23  ? -10.694 -14.911 3.169   1.00 23.76 ? 70  GLU A CG  1 
ATOM   192  C CD  . GLU A 1 23  ? -10.044 -16.102 3.862   1.00 25.09 ? 70  GLU A CD  1 
ATOM   193  O OE1 . GLU A 1 23  ? -10.405 -16.398 5.024   1.00 26.20 ? 70  GLU A OE1 1 
ATOM   194  O OE2 . GLU A 1 23  ? -9.162  -16.741 3.246   1.00 25.75 ? 70  GLU A OE2 1 
ATOM   195  N N   . ASP A 1 24  ? -14.681 -13.504 1.990   1.00 21.51 ? 71  ASP A N   1 
ATOM   196  C CA  . ASP A 1 24  ? -15.533 -13.693 0.808   1.00 21.14 ? 71  ASP A CA  1 
ATOM   197  C C   . ASP A 1 24  ? -15.831 -12.410 0.017   1.00 20.64 ? 71  ASP A C   1 
ATOM   198  O O   . ASP A 1 24  ? -16.405 -12.474 -1.062  1.00 20.82 ? 71  ASP A O   1 
ATOM   199  C CB  . ASP A 1 24  ? -16.845 -14.391 1.195   1.00 21.49 ? 71  ASP A CB  1 
ATOM   200  C CG  . ASP A 1 24  ? -16.656 -15.873 1.490   1.00 22.16 ? 71  ASP A CG  1 
ATOM   201  O OD1 . ASP A 1 24  ? -17.476 -16.451 2.242   1.00 22.48 ? 71  ASP A OD1 1 
ATOM   202  O OD2 . ASP A 1 24  ? -15.682 -16.461 0.965   1.00 23.39 ? 71  ASP A OD2 1 
ATOM   203  N N   . CYS A 1 25  ? -15.444 -11.251 0.542   1.00 19.83 ? 72  CYS A N   1 
ATOM   204  C CA  . CYS A 1 25  ? -15.670 -10.000 -0.170  1.00 19.05 ? 72  CYS A CA  1 
ATOM   205  C C   . CYS A 1 25  ? -14.441 -9.601  -0.958  1.00 18.28 ? 72  CYS A C   1 
ATOM   206  O O   . CYS A 1 25  ? -14.481 -8.632  -1.710  1.00 18.26 ? 72  CYS A O   1 
ATOM   207  C CB  . CYS A 1 25  ? -16.029 -8.878  0.795   1.00 19.30 ? 72  CYS A CB  1 
ATOM   208  S SG  . CYS A 1 25  ? -17.489 -9.209  1.763   1.00 20.49 ? 72  CYS A SG  1 
ATOM   209  N N   . LEU A 1 26  ? -13.362 -10.357 -0.767  1.00 17.25 ? 73  LEU A N   1 
ATOM   210  C CA  . LEU A 1 26  ? -12.062 -10.075 -1.347  1.00 16.41 ? 73  LEU A CA  1 
ATOM   211  C C   . LEU A 1 26  ? -12.015 -10.641 -2.758  1.00 15.84 ? 73  LEU A C   1 
ATOM   212  O O   . LEU A 1 26  ? -12.125 -11.850 -2.932  1.00 15.67 ? 73  LEU A O   1 
ATOM   213  C CB  . LEU A 1 26  ? -10.979 -10.758 -0.504  1.00 16.28 ? 73  LEU A CB  1 
ATOM   214  C CG  . LEU A 1 26  ? -9.732  -10.052 0.047   1.00 16.11 ? 73  LEU A CG  1 
ATOM   215  C CD1 . LEU A 1 26  ? -8.616  -11.083 0.216   1.00 14.91 ? 73  LEU A CD1 1 
ATOM   216  C CD2 . LEU A 1 26  ? -9.260  -8.860  -0.791  1.00 11.91 ? 73  LEU A CD2 1 
ATOM   217  N N   . LYS A 1 27  ? -11.863 -9.788  -3.767  1.00 15.00 ? 74  LYS A N   1 
ATOM   218  C CA  . LYS A 1 27  ? -11.666 -10.297 -5.128  1.00 14.79 ? 74  LYS A CA  1 
ATOM   219  C C   . LYS A 1 27  ? -10.367 -9.797  -5.755  1.00 14.88 ? 74  LYS A C   1 
ATOM   220  O O   . LYS A 1 27  ? -10.014 -8.620  -5.643  1.00 13.74 ? 74  LYS A O   1 
ATOM   221  C CB  . LYS A 1 27  ? -12.874 -10.017 -6.035  1.00 14.71 ? 74  LYS A CB  1 
ATOM   222  C CG  . LYS A 1 27  ? -12.754 -8.803  -6.966  1.00 15.52 ? 74  LYS A CG  1 
ATOM   223  C CD  . LYS A 1 27  ? -13.718 -8.908  -8.153  1.00 16.41 ? 74  LYS A CD  1 
ATOM   224  N N   . GLN A 1 28  ? -9.664  -10.715 -6.406  1.00 15.44 ? 75  GLN A N   1 
ATOM   225  C CA  . GLN A 1 28  ? -8.472  -10.374 -7.173  1.00 17.06 ? 75  GLN A CA  1 
ATOM   226  C C   . GLN A 1 28  ? -8.936  -9.799  -8.498  1.00 17.35 ? 75  GLN A C   1 
ATOM   227  O O   . GLN A 1 28  ? -9.668  -10.444 -9.225  1.00 18.05 ? 75  GLN A O   1 
ATOM   228  C CB  . GLN A 1 28  ? -7.566  -11.587 -7.395  1.00 17.12 ? 75  GLN A CB  1 
ATOM   229  C CG  . GLN A 1 28  ? -6.332  -11.203 -8.222  1.00 18.73 ? 75  GLN A CG  1 
ATOM   230  C CD  . GLN A 1 28  ? -5.375  -12.344 -8.398  1.00 22.19 ? 75  GLN A CD  1 
ATOM   231  O OE1 . GLN A 1 28  ? -4.745  -12.811 -7.441  1.00 25.57 ? 75  GLN A OE1 1 
ATOM   232  N NE2 . GLN A 1 28  ? -5.253  -12.809 -9.623  1.00 22.70 ? 75  GLN A NE2 1 
ATOM   233  N N   . VAL A 1 29  ? -8.560  -8.564  -8.787  1.00 17.63 ? 76  VAL A N   1 
ATOM   234  C CA  . VAL A 1 29  ? -9.076  -7.904  -9.983  1.00 17.94 ? 76  VAL A CA  1 
ATOM   235  C C   . VAL A 1 29  ? -8.297  -8.306  -11.230 1.00 17.48 ? 76  VAL A C   1 
ATOM   236  O O   . VAL A 1 29  ? -8.896  -8.708  -12.231 1.00 16.98 ? 76  VAL A O   1 
ATOM   237  C CB  . VAL A 1 29  ? -9.125  -6.361  -9.826  1.00 17.88 ? 76  VAL A CB  1 
ATOM   238  C CG1 . VAL A 1 29  ? -9.369  -5.690  -11.175 1.00 18.38 ? 76  VAL A CG1 1 
ATOM   239  C CG2 . VAL A 1 29  ? -10.246 -5.971  -8.838  1.00 19.35 ? 76  VAL A CG2 1 
ATOM   240  N N   . ALA A 1 30  ? -6.973  -8.171  -11.153 1.00 17.23 ? 77  ALA A N   1 
ATOM   241  C CA  . ALA A 1 30  ? -6.071  -8.535  -12.243 1.00 17.50 ? 77  ALA A CA  1 
ATOM   242  C C   . ALA A 1 30  ? -4.653  -8.700  -11.695 1.00 17.50 ? 77  ALA A C   1 
ATOM   243  O O   . ALA A 1 30  ? -4.363  -8.275  -10.575 1.00 16.80 ? 77  ALA A O   1 
ATOM   244  C CB  . ALA A 1 30  ? -6.097  -7.464  -13.312 1.00 17.77 ? 77  ALA A CB  1 
ATOM   245  N N   . VAL A 1 31  ? -3.798  -9.331  -12.501 1.00 17.03 ? 78  VAL A N   1 
ATOM   246  C CA  . VAL A 1 31  ? -2.367  -9.481  -12.261 1.00 17.66 ? 78  VAL A CA  1 
ATOM   247  C C   . VAL A 1 31  ? -1.680  -8.826  -13.461 1.00 17.46 ? 78  VAL A C   1 
ATOM   248  O O   . VAL A 1 31  ? -2.120  -8.994  -14.594 1.00 17.69 ? 78  VAL A O   1 
ATOM   249  C CB  . VAL A 1 31  ? -1.945  -10.985 -12.221 1.00 18.30 ? 78  VAL A CB  1 
ATOM   250  C CG1 . VAL A 1 31  ? -0.435  -11.145 -11.914 1.00 20.35 ? 78  VAL A CG1 1 
ATOM   251  C CG2 . VAL A 1 31  ? -2.769  -11.770 -11.205 1.00 18.83 ? 78  VAL A CG2 1 
ATOM   252  N N   . PHE A 1 32  ? -0.619  -8.063  -13.219 1.00 16.87 ? 79  PHE A N   1 
ATOM   253  C CA  . PHE A 1 32  ? 0.098   -7.416  -14.302 1.00 16.45 ? 79  PHE A CA  1 
ATOM   254  C C   . PHE A 1 32  ? 1.603   -7.440  -14.026 1.00 16.63 ? 79  PHE A C   1 
ATOM   255  O O   . PHE A 1 32  ? 2.030   -7.573  -12.874 1.00 15.93 ? 79  PHE A O   1 
ATOM   256  C CB  . PHE A 1 32  ? -0.410  -5.975  -14.492 1.00 16.07 ? 79  PHE A CB  1 
ATOM   257  C CG  . PHE A 1 32  ? -0.244  -5.101  -13.273 1.00 17.85 ? 79  PHE A CG  1 
ATOM   258  C CD1 . PHE A 1 32  ? 0.931   -4.397  -13.048 1.00 16.93 ? 79  PHE A CD1 1 
ATOM   259  C CD2 . PHE A 1 32  ? -1.248  -5.009  -12.321 1.00 19.48 ? 79  PHE A CD2 1 
ATOM   260  C CE1 . PHE A 1 32  ? 1.085   -3.603  -11.921 1.00 17.37 ? 79  PHE A CE1 1 
ATOM   261  C CE2 . PHE A 1 32  ? -1.095  -4.208  -11.186 1.00 19.13 ? 79  PHE A CE2 1 
ATOM   262  C CZ  . PHE A 1 32  ? 0.065   -3.508  -10.993 1.00 20.26 ? 79  PHE A CZ  1 
ATOM   263  N N   . ASP A 1 33  ? 2.406   -7.308  -15.081 1.00 16.89 ? 80  ASP A N   1 
ATOM   264  C CA  . ASP A 1 33  ? 3.845   -7.227  -14.896 1.00 16.90 ? 80  ASP A CA  1 
ATOM   265  C C   . ASP A 1 33  ? 4.532   -6.257  -15.864 1.00 16.36 ? 80  ASP A C   1 
ATOM   266  O O   . ASP A 1 33  ? 5.720   -6.357  -16.090 1.00 15.55 ? 80  ASP A O   1 
ATOM   267  C CB  . ASP A 1 33  ? 4.475   -8.627  -14.932 1.00 17.76 ? 80  ASP A CB  1 
ATOM   268  C CG  . ASP A 1 33  ? 4.404   -9.282  -16.312 1.00 20.60 ? 80  ASP A CG  1 
ATOM   269  O OD1 . ASP A 1 33  ? 3.820   -8.713  -17.257 1.00 21.10 ? 80  ASP A OD1 1 
ATOM   270  O OD2 . ASP A 1 33  ? 4.954   -10.387 -16.446 1.00 27.54 ? 80  ASP A OD2 1 
ATOM   271  N N   . THR A 1 34  ? 3.768   -5.326  -16.432 1.00 16.04 ? 81  THR A N   1 
ATOM   272  C CA  . THR A 1 34  ? 4.336   -4.257  -17.243 1.00 16.18 ? 81  THR A CA  1 
ATOM   273  C C   . THR A 1 34  ? 3.764   -2.931  -16.779 1.00 16.00 ? 81  THR A C   1 
ATOM   274  O O   . THR A 1 34  ? 2.719   -2.903  -16.165 1.00 15.40 ? 81  THR A O   1 
ATOM   275  C CB  . THR A 1 34  ? 4.085   -4.430  -18.777 1.00 16.70 ? 81  THR A CB  1 
ATOM   276  O OG1 . THR A 1 34  ? 2.696   -4.214  -19.078 1.00 16.85 ? 81  THR A OG1 1 
ATOM   277  C CG2 . THR A 1 34  ? 4.549   -5.827  -19.286 1.00 16.63 ? 81  THR A CG2 1 
ATOM   278  N N   . VAL A 1 35  ? 4.472   -1.840  -17.074 1.00 16.11 ? 82  VAL A N   1 
ATOM   279  C CA  . VAL A 1 35  ? 4.003   -0.496  -16.807 1.00 16.23 ? 82  VAL A CA  1 
ATOM   280  C C   . VAL A 1 35  ? 2.695   -0.197  -17.571 1.00 17.28 ? 82  VAL A C   1 
ATOM   281  O O   . VAL A 1 35  ? 1.746   0.395   -17.009 1.00 16.98 ? 82  VAL A O   1 
ATOM   282  C CB  . VAL A 1 35  ? 5.077   0.532   -17.229 1.00 16.77 ? 82  VAL A CB  1 
ATOM   283  C CG1 . VAL A 1 35  ? 4.566   1.953   -17.077 1.00 15.02 ? 82  VAL A CG1 1 
ATOM   284  C CG2 . VAL A 1 35  ? 6.376   0.322   -16.440 1.00 16.73 ? 82  VAL A CG2 1 
ATOM   285  N N   . GLU A 1 36  ? 2.646   -0.590  -18.846 1.00 16.78 ? 83  GLU A N   1 
ATOM   286  C CA  . GLU A 1 36  ? 1.459   -0.329  -19.669 1.00 17.68 ? 83  GLU A CA  1 
ATOM   287  C C   . GLU A 1 36  ? 0.193   -1.011  -19.149 1.00 17.37 ? 83  GLU A C   1 
ATOM   288  O O   . GLU A 1 36  ? -0.896  -0.424  -19.175 1.00 17.16 ? 83  GLU A O   1 
ATOM   289  C CB  . GLU A 1 36  ? 1.715   -0.687  -21.137 1.00 18.17 ? 83  GLU A CB  1 
ATOM   290  C CG  . GLU A 1 36  ? 2.680   0.312   -21.842 1.00 19.22 ? 83  GLU A CG  1 
ATOM   291  C CD  . GLU A 1 36  ? 4.142   0.176   -21.402 1.00 21.33 ? 83  GLU A CD  1 
ATOM   292  O OE1 . GLU A 1 36  ? 4.519   -0.838  -20.776 1.00 20.63 ? 83  GLU A OE1 1 
ATOM   293  O OE2 . GLU A 1 36  ? 4.933   1.104   -21.678 1.00 23.85 ? 83  GLU A OE2 1 
ATOM   294  N N   . ASP A 1 37  ? 0.329   -2.244  -18.674 1.00 17.22 ? 84  ASP A N   1 
ATOM   295  C CA  . ASP A 1 37  ? -0.822  -2.952  -18.145 1.00 17.23 ? 84  ASP A CA  1 
ATOM   296  C C   . ASP A 1 37  ? -1.249  -2.349  -16.793 1.00 17.26 ? 84  ASP A C   1 
ATOM   297  O O   . ASP A 1 37  ? -2.450  -2.264  -16.513 1.00 16.88 ? 84  ASP A O   1 
ATOM   298  C CB  . ASP A 1 37  ? -0.534  -4.452  -18.036 1.00 17.28 ? 84  ASP A CB  1 
ATOM   299  C CG  . ASP A 1 37  ? -0.290  -5.107  -19.401 1.00 18.93 ? 84  ASP A CG  1 
ATOM   300  O OD1 . ASP A 1 37  ? -1.006  -4.759  -20.370 1.00 17.91 ? 84  ASP A OD1 1 
ATOM   301  O OD2 . ASP A 1 37  ? 0.637   -5.950  -19.512 1.00 18.35 ? 84  ASP A OD2 1 
ATOM   302  N N   . PHE A 1 38  ? -0.278  -1.947  -15.956 1.00 17.08 ? 85  PHE A N   1 
ATOM   303  C CA  . PHE A 1 38  ? -0.589  -1.189  -14.735 1.00 17.15 ? 85  PHE A CA  1 
ATOM   304  C C   . PHE A 1 38  ? -1.505  0.004   -15.024 1.00 17.54 ? 85  PHE A C   1 
ATOM   305  O O   . PHE A 1 38  ? -2.546  0.169   -14.368 1.00 17.21 ? 85  PHE A O   1 
ATOM   306  C CB  . PHE A 1 38  ? 0.665   -0.692  -13.975 1.00 17.04 ? 85  PHE A CB  1 
ATOM   307  C CG  . PHE A 1 38  ? 0.342   0.375   -12.952 1.00 16.60 ? 85  PHE A CG  1 
ATOM   308  C CD1 . PHE A 1 38  ? -0.333  0.045   -11.770 1.00 17.52 ? 85  PHE A CD1 1 
ATOM   309  C CD2 . PHE A 1 38  ? 0.642   1.708   -13.199 1.00 13.51 ? 85  PHE A CD2 1 
ATOM   310  C CE1 . PHE A 1 38  ? -0.686  1.049   -10.838 1.00 18.19 ? 85  PHE A CE1 1 
ATOM   311  C CE2 . PHE A 1 38  ? 0.299   2.709   -12.274 1.00 14.09 ? 85  PHE A CE2 1 
ATOM   312  C CZ  . PHE A 1 38  ? -0.373  2.372   -11.097 1.00 16.31 ? 85  PHE A CZ  1 
ATOM   313  N N   . TRP A 1 39  ? -1.117  0.827   -15.995 1.00 17.26 ? 86  TRP A N   1 
ATOM   314  C CA  . TRP A 1 39  ? -1.918  2.002   -16.346 1.00 18.33 ? 86  TRP A CA  1 
ATOM   315  C C   . TRP A 1 39  ? -3.315  1.682   -16.915 1.00 18.91 ? 86  TRP A C   1 
ATOM   316  O O   . TRP A 1 39  ? -4.284  2.363   -16.567 1.00 19.09 ? 86  TRP A O   1 
ATOM   317  C CB  . TRP A 1 39  ? -1.150  2.950   -17.269 1.00 18.27 ? 86  TRP A CB  1 
ATOM   318  C CG  . TRP A 1 39  ? -0.054  3.716   -16.570 1.00 18.63 ? 86  TRP A CG  1 
ATOM   319  C CD1 . TRP A 1 39  ? 1.274   3.730   -16.900 1.00 17.03 ? 86  TRP A CD1 1 
ATOM   320  C CD2 . TRP A 1 39  ? -0.190  4.580   -15.422 1.00 18.93 ? 86  TRP A CD2 1 
ATOM   321  N NE1 . TRP A 1 39  ? 1.968   4.531   -16.033 1.00 17.76 ? 86  TRP A NE1 1 
ATOM   322  C CE2 . TRP A 1 39  ? 1.099   5.072   -15.120 1.00 18.50 ? 86  TRP A CE2 1 
ATOM   323  C CE3 . TRP A 1 39  ? -1.274  4.982   -14.626 1.00 18.37 ? 86  TRP A CE3 1 
ATOM   324  C CZ2 . TRP A 1 39  ? 1.338   5.952   -14.055 1.00 19.67 ? 86  TRP A CZ2 1 
ATOM   325  C CZ3 . TRP A 1 39  ? -1.034  5.851   -13.557 1.00 17.62 ? 86  TRP A CZ3 1 
ATOM   326  C CH2 . TRP A 1 39  ? 0.258   6.326   -13.287 1.00 18.75 ? 86  TRP A CH2 1 
ATOM   327  N N   . SER A 1 40  ? -3.424  0.648   -17.763 1.00 19.50 ? 87  SER A N   1 
ATOM   328  C CA  . SER A 1 40  ? -4.723  0.219   -18.303 1.00 20.58 ? 87  SER A CA  1 
ATOM   329  C C   . SER A 1 40  ? -5.682  -0.177  -17.203 1.00 20.48 ? 87  SER A C   1 
ATOM   330  O O   . SER A 1 40  ? -6.897  0.017   -17.331 1.00 20.35 ? 87  SER A O   1 
ATOM   331  C CB  . SER A 1 40  ? -4.597  -0.984  -19.244 1.00 21.15 ? 87  SER A CB  1 
ATOM   332  O OG  . SER A 1 40  ? -3.714  -0.688  -20.297 1.00 25.63 ? 87  SER A OG  1 
ATOM   333  N N   . LEU A 1 41  ? -5.143  -0.768  -16.141 1.00 19.95 ? 88  LEU A N   1 
ATOM   334  C CA  . LEU A 1 41  ? -5.930  -1.071  -14.962 1.00 19.78 ? 88  LEU A CA  1 
ATOM   335  C C   . LEU A 1 41  ? -6.294  0.203   -14.238 1.00 18.80 ? 88  LEU A C   1 
ATOM   336  O O   . LEU A 1 41  ? -7.465  0.507   -14.018 1.00 18.38 ? 88  LEU A O   1 
ATOM   337  C CB  . LEU A 1 41  ? -5.120  -1.934  -14.004 1.00 20.35 ? 88  LEU A CB  1 
ATOM   338  C CG  . LEU A 1 41  ? -5.253  -3.434  -14.087 1.00 23.32 ? 88  LEU A CG  1 
ATOM   339  C CD1 . LEU A 1 41  ? -4.570  -4.028  -12.850 1.00 22.91 ? 88  LEU A CD1 1 
ATOM   340  C CD2 . LEU A 1 41  ? -6.744  -3.793  -14.137 1.00 23.94 ? 88  LEU A CD2 1 
ATOM   341  N N   . TYR A 1 42  ? -5.272  0.951   -13.854 1.00 18.31 ? 89  TYR A N   1 
ATOM   342  C CA  . TYR A 1 42  ? -5.496  2.113   -13.027 1.00 18.14 ? 89  TYR A CA  1 
ATOM   343  C C   . TYR A 1 42  ? -6.430  3.141   -13.662 1.00 17.73 ? 89  TYR A C   1 
ATOM   344  O O   . TYR A 1 42  ? -7.277  3.708   -12.974 1.00 18.22 ? 89  TYR A O   1 
ATOM   345  C CB  . TYR A 1 42  ? -4.170  2.737   -12.567 1.00 17.79 ? 89  TYR A CB  1 
ATOM   346  C CG  . TYR A 1 42  ? -4.410  3.798   -11.525 1.00 18.17 ? 89  TYR A CG  1 
ATOM   347  C CD1 . TYR A 1 42  ? -4.486  3.472   -10.166 1.00 17.19 ? 89  TYR A CD1 1 
ATOM   348  C CD2 . TYR A 1 42  ? -4.612  5.124   -11.903 1.00 18.40 ? 89  TYR A CD2 1 
ATOM   349  C CE1 . TYR A 1 42  ? -4.732  4.469   -9.199  1.00 18.80 ? 89  TYR A CE1 1 
ATOM   350  C CE2 . TYR A 1 42  ? -4.847  6.117   -10.958 1.00 20.49 ? 89  TYR A CE2 1 
ATOM   351  C CZ  . TYR A 1 42  ? -4.908  5.784   -9.616  1.00 19.83 ? 89  TYR A CZ  1 
ATOM   352  O OH  . TYR A 1 42  ? -5.144  6.782   -8.700  1.00 24.08 ? 89  TYR A OH  1 
ATOM   353  N N   . ASN A 1 43  ? -6.294  3.354   -14.968 1.00 17.74 ? 90  ASN A N   1 
ATOM   354  C CA  . ASN A 1 43  ? -7.094  4.335   -15.687 1.00 18.32 ? 90  ASN A CA  1 
ATOM   355  C C   . ASN A 1 43  ? -8.592  4.032   -15.800 1.00 18.70 ? 90  ASN A C   1 
ATOM   356  O O   . ASN A 1 43  ? -9.386  4.933   -16.069 1.00 18.26 ? 90  ASN A O   1 
ATOM   357  C CB  . ASN A 1 43  ? -6.539  4.514   -17.096 1.00 18.40 ? 90  ASN A CB  1 
ATOM   358  C CG  . ASN A 1 43  ? -5.258  5.318   -17.112 1.00 20.03 ? 90  ASN A CG  1 
ATOM   359  O OD1 . ASN A 1 43  ? -4.917  5.973   -16.129 1.00 21.65 ? 90  ASN A OD1 1 
ATOM   360  N ND2 . ASN A 1 43  ? -4.538  5.262   -18.223 1.00 20.08 ? 90  ASN A ND2 1 
ATOM   361  N N   . HIS A 1 44  ? -8.964  2.760   -15.654 1.00 18.40 ? 91  HIS A N   1 
ATOM   362  C CA  . HIS A 1 44  ? -10.346 2.359   -15.865 1.00 17.95 ? 91  HIS A CA  1 
ATOM   363  C C   . HIS A 1 44  ? -11.080 1.943   -14.595 1.00 17.69 ? 91  HIS A C   1 
ATOM   364  O O   . HIS A 1 44  ? -12.304 1.773   -14.622 1.00 16.91 ? 91  HIS A O   1 
ATOM   365  C CB  . HIS A 1 44  ? -10.390 1.263   -16.930 1.00 17.61 ? 91  HIS A CB  1 
ATOM   366  C CG  . HIS A 1 44  ? -9.953  1.749   -18.272 1.00 19.23 ? 91  HIS A CG  1 
ATOM   367  N ND1 . HIS A 1 44  ? -8.670  1.569   -18.749 1.00 19.98 ? 91  HIS A ND1 1 
ATOM   368  C CD2 . HIS A 1 44  ? -10.610 2.468   -19.215 1.00 18.65 ? 91  HIS A CD2 1 
ATOM   369  C CE1 . HIS A 1 44  ? -8.566  2.136   -19.940 1.00 20.93 ? 91  HIS A CE1 1 
ATOM   370  N NE2 . HIS A 1 44  ? -9.728  2.681   -20.248 1.00 20.39 ? 91  HIS A NE2 1 
ATOM   371  N N   . ILE A 1 45  ? -10.336 1.751   -13.497 1.00 17.82 ? 92  ILE A N   1 
ATOM   372  C CA  . ILE A 1 45  ? -10.950 1.397   -12.208 1.00 18.52 ? 92  ILE A CA  1 
ATOM   373  C C   . ILE A 1 45  ? -11.265 2.661   -11.403 1.00 18.66 ? 92  ILE A C   1 
ATOM   374  O O   . ILE A 1 45  ? -10.637 3.705   -11.584 1.00 19.40 ? 92  ILE A O   1 
ATOM   375  C CB  . ILE A 1 45  ? -10.099 0.417   -11.334 1.00 18.14 ? 92  ILE A CB  1 
ATOM   376  C CG1 . ILE A 1 45  ? -8.848  1.141   -10.799 1.00 19.30 ? 92  ILE A CG1 1 
ATOM   377  C CG2 . ILE A 1 45  ? -9.743  -0.855  -12.111 1.00 20.55 ? 92  ILE A CG2 1 
ATOM   378  C CD1 . ILE A 1 45  ? -7.865  0.256   -10.057 1.00 25.14 ? 92  ILE A CD1 1 
ATOM   379  N N   . GLN A 1 46  ? -12.212 2.543   -10.486 1.00 18.79 ? 93  GLN A N   1 
ATOM   380  C CA  . GLN A 1 46  ? -12.689 3.690   -9.715  1.00 19.43 ? 93  GLN A CA  1 
ATOM   381  C C   . GLN A 1 46  ? -11.610 4.254   -8.788  1.00 18.99 ? 93  GLN A C   1 
ATOM   382  O O   . GLN A 1 46  ? -10.854 3.506   -8.175  1.00 18.84 ? 93  GLN A O   1 
ATOM   383  C CB  . GLN A 1 46  ? -13.906 3.264   -8.900  1.00 19.09 ? 93  GLN A CB  1 
ATOM   384  C CG  . GLN A 1 46  ? -14.690 4.391   -8.278  1.00 20.67 ? 93  GLN A CG  1 
ATOM   385  C CD  . GLN A 1 46  ? -15.956 3.905   -7.584  1.00 22.60 ? 93  GLN A CD  1 
ATOM   386  O OE1 . GLN A 1 46  ? -16.186 2.695   -7.440  1.00 21.92 ? 93  GLN A OE1 1 
ATOM   387  N NE2 . GLN A 1 46  ? -16.785 4.854   -7.147  1.00 23.30 ? 93  GLN A NE2 1 
ATOM   388  N N   . ALA A 1 47  ? -11.563 5.582   -8.681  1.00 19.67 ? 94  ALA A N   1 
ATOM   389  C CA  . ALA A 1 47  ? -10.629 6.265   -7.784  1.00 19.19 ? 94  ALA A CA  1 
ATOM   390  C C   . ALA A 1 47  ? -10.917 5.816   -6.349  1.00 19.24 ? 94  ALA A C   1 
ATOM   391  O O   . ALA A 1 47  ? -12.078 5.519   -6.000  1.00 18.24 ? 94  ALA A O   1 
ATOM   392  C CB  . ALA A 1 47  ? -10.773 7.777   -7.925  1.00 20.06 ? 94  ALA A CB  1 
ATOM   393  N N   . ALA A 1 48  ? -9.863  5.729   -5.535  1.00 18.64 ? 95  ALA A N   1 
ATOM   394  C CA  . ALA A 1 48  ? -10.016 5.325   -4.141  1.00 19.07 ? 95  ALA A CA  1 
ATOM   395  C C   . ALA A 1 48  ? -11.051 6.213   -3.445  1.00 19.63 ? 95  ALA A C   1 
ATOM   396  O O   . ALA A 1 48  ? -11.948 5.709   -2.758  1.00 19.58 ? 95  ALA A O   1 
ATOM   397  C CB  . ALA A 1 48  ? -8.670  5.388   -3.409  1.00 18.95 ? 95  ALA A CB  1 
ATOM   398  N N   . SER A 1 49  ? -10.943 7.521   -3.673  1.00 19.83 ? 96  SER A N   1 
ATOM   399  C CA  . SER A 1 49  ? -11.803 8.523   -3.029  1.00 20.72 ? 96  SER A CA  1 
ATOM   400  C C   . SER A 1 49  ? -13.268 8.312   -3.355  1.00 21.30 ? 96  SER A C   1 
ATOM   401  O O   . SER A 1 49  ? -14.126 8.747   -2.601  1.00 21.73 ? 96  SER A O   1 
ATOM   402  C CB  . SER A 1 49  ? -11.387 9.940   -3.429  1.00 20.56 ? 96  SER A CB  1 
ATOM   403  O OG  . SER A 1 49  ? -11.322 10.077  -4.841  1.00 19.96 ? 96  SER A OG  1 
ATOM   404  N N   . GLY A 1 50  ? -13.535 7.624   -4.471  1.00 21.94 ? 97  GLY A N   1 
ATOM   405  C CA  . GLY A 1 50  ? -14.891 7.352   -4.925  1.00 21.94 ? 97  GLY A CA  1 
ATOM   406  C C   . GLY A 1 50  ? -15.521 6.125   -4.300  1.00 22.34 ? 97  GLY A C   1 
ATOM   407  O O   . GLY A 1 50  ? -16.720 5.895   -4.473  1.00 21.76 ? 97  GLY A O   1 
ATOM   408  N N   . LEU A 1 51  ? -14.726 5.321   -3.592  1.00 22.33 ? 98  LEU A N   1 
ATOM   409  C CA  . LEU A 1 51  ? -15.237 4.066   -3.027  1.00 22.60 ? 98  LEU A CA  1 
ATOM   410  C C   . LEU A 1 51  ? -16.248 4.300   -1.906  1.00 22.92 ? 98  LEU A C   1 
ATOM   411  O O   . LEU A 1 51  ? -16.240 5.347   -1.263  1.00 23.10 ? 98  LEU A O   1 
ATOM   412  C CB  . LEU A 1 51  ? -14.103 3.167   -2.539  1.00 22.61 ? 98  LEU A CB  1 
ATOM   413  C CG  . LEU A 1 51  ? -13.117 2.616   -3.587  1.00 22.78 ? 98  LEU A CG  1 
ATOM   414  C CD1 . LEU A 1 51  ? -12.041 1.802   -2.903  1.00 21.16 ? 98  LEU A CD1 1 
ATOM   415  C CD2 . LEU A 1 51  ? -13.813 1.772   -4.664  1.00 21.82 ? 98  LEU A CD2 1 
ATOM   416  N N   . THR A 1 52  ? -17.122 3.324   -1.674  1.00 22.64 ? 99  THR A N   1 
ATOM   417  C CA  . THR A 1 52  ? -18.077 3.418   -0.575  1.00 23.26 ? 99  THR A CA  1 
ATOM   418  C C   . THR A 1 52  ? -17.371 3.043   0.730   1.00 22.95 ? 99  THR A C   1 
ATOM   419  O O   . THR A 1 52  ? -16.355 2.306   0.716   1.00 22.14 ? 99  THR A O   1 
ATOM   420  C CB  . THR A 1 52  ? -19.308 2.508   -0.803  1.00 23.39 ? 99  THR A CB  1 
ATOM   421  O OG1 . THR A 1 52  ? -18.863 1.155   -0.993  1.00 23.88 ? 99  THR A OG1 1 
ATOM   422  C CG2 . THR A 1 52  ? -20.067 2.957   -2.038  1.00 23.71 ? 99  THR A CG2 1 
ATOM   423  N N   . TRP A 1 53  ? -17.911 3.544   1.841   1.00 22.09 ? 100 TRP A N   1 
ATOM   424  C CA  . TRP A 1 53  ? -17.337 3.313   3.163   1.00 22.36 ? 100 TRP A CA  1 
ATOM   425  C C   . TRP A 1 53  ? -17.186 1.820   3.416   1.00 21.86 ? 100 TRP A C   1 
ATOM   426  O O   . TRP A 1 53  ? -18.091 1.049   3.130   1.00 21.63 ? 100 TRP A O   1 
ATOM   427  C CB  . TRP A 1 53  ? -18.191 3.969   4.279   1.00 22.50 ? 100 TRP A CB  1 
ATOM   428  C CG  . TRP A 1 53  ? -18.485 5.445   4.090   1.00 24.16 ? 100 TRP A CG  1 
ATOM   429  C CD1 . TRP A 1 53  ? -19.691 6.071   4.291   1.00 25.43 ? 100 TRP A CD1 1 
ATOM   430  C CD2 . TRP A 1 53  ? -17.567 6.479   3.679   1.00 26.10 ? 100 TRP A CD2 1 
ATOM   431  N NE1 . TRP A 1 53  ? -19.578 7.416   4.029   1.00 26.22 ? 100 TRP A NE1 1 
ATOM   432  C CE2 . TRP A 1 53  ? -18.291 7.693   3.647   1.00 27.12 ? 100 TRP A CE2 1 
ATOM   433  C CE3 . TRP A 1 53  ? -16.206 6.496   3.336   1.00 28.39 ? 100 TRP A CE3 1 
ATOM   434  C CZ2 . TRP A 1 53  ? -17.702 8.916   3.284   1.00 28.64 ? 100 TRP A CZ2 1 
ATOM   435  C CZ3 . TRP A 1 53  ? -15.617 7.717   2.971   1.00 30.01 ? 100 TRP A CZ3 1 
ATOM   436  C CH2 . TRP A 1 53  ? -16.371 8.910   2.954   1.00 29.50 ? 100 TRP A CH2 1 
ATOM   437  N N   . GLY A 1 54  ? -16.029 1.414   3.928   1.00 21.66 ? 101 GLY A N   1 
ATOM   438  C CA  . GLY A 1 54  ? -15.762 0.003   4.180   1.00 21.71 ? 101 GLY A CA  1 
ATOM   439  C C   . GLY A 1 54  ? -15.031 -0.742  3.064   1.00 22.06 ? 101 GLY A C   1 
ATOM   440  O O   . GLY A 1 54  ? -14.579 -1.869  3.275   1.00 22.10 ? 101 GLY A O   1 
ATOM   441  N N   . SER A 1 55  ? -14.922 -0.130  1.884   1.00 21.73 ? 102 SER A N   1 
ATOM   442  C CA  . SER A 1 55  ? -14.206 -0.747  0.762   1.00 22.29 ? 102 SER A CA  1 
ATOM   443  C C   . SER A 1 55  ? -12.700 -0.530  0.851   1.00 22.10 ? 102 SER A C   1 
ATOM   444  O O   . SER A 1 55  ? -12.260 0.466   1.436   1.00 22.55 ? 102 SER A O   1 
ATOM   445  C CB  . SER A 1 55  ? -14.710 -0.204  -0.574  1.00 21.70 ? 102 SER A CB  1 
ATOM   446  O OG  . SER A 1 55  ? -16.038 -0.601  -0.780  1.00 23.60 ? 102 SER A OG  1 
ATOM   447  N N   . ASP A 1 56  ? -11.934 -1.456  0.258   1.00 22.09 ? 103 ASP A N   1 
ATOM   448  C CA  . ASP A 1 56  ? -10.455 -1.379  0.179   1.00 21.64 ? 103 ASP A CA  1 
ATOM   449  C C   . ASP A 1 56  ? -9.932  -1.719  -1.212  1.00 21.38 ? 103 ASP A C   1 
ATOM   450  O O   . ASP A 1 56  ? -10.569 -2.465  -1.954  1.00 20.69 ? 103 ASP A O   1 
ATOM   451  C CB  . ASP A 1 56  ? -9.778  -2.416  1.078   1.00 22.03 ? 103 ASP A CB  1 
ATOM   452  C CG  . ASP A 1 56  ? -10.384 -2.526  2.453   1.00 22.78 ? 103 ASP A CG  1 
ATOM   453  O OD1 . ASP A 1 56  ? -10.682 -1.502  3.105   1.00 23.26 ? 103 ASP A OD1 1 
ATOM   454  O OD2 . ASP A 1 56  ? -10.512 -3.676  2.892   1.00 26.50 ? 103 ASP A OD2 1 
ATOM   455  N N   . TYR A 1 57  ? -8.742  -1.206  -1.528  1.00 20.66 ? 104 TYR A N   1 
ATOM   456  C CA  . TYR A 1 57  ? -7.919  -1.744  -2.613  1.00 20.66 ? 104 TYR A CA  1 
ATOM   457  C C   . TYR A 1 57  ? -6.652  -2.310  -1.992  1.00 20.82 ? 104 TYR A C   1 
ATOM   458  O O   . TYR A 1 57  ? -6.185  -1.796  -0.970  1.00 20.91 ? 104 TYR A O   1 
ATOM   459  C CB  . TYR A 1 57  ? -7.523  -0.659  -3.609  1.00 20.53 ? 104 TYR A CB  1 
ATOM   460  C CG  . TYR A 1 57  ? -8.556  -0.245  -4.648  1.00 19.94 ? 104 TYR A CG  1 
ATOM   461  C CD1 . TYR A 1 57  ? -8.807  1.104   -4.898  1.00 20.64 ? 104 TYR A CD1 1 
ATOM   462  C CD2 . TYR A 1 57  ? -9.221  -1.182  -5.419  1.00 20.62 ? 104 TYR A CD2 1 
ATOM   463  C CE1 . TYR A 1 57  ? -9.722  1.508   -5.878  1.00 17.93 ? 104 TYR A CE1 1 
ATOM   464  C CE2 . TYR A 1 57  ? -10.134 -0.798  -6.404  1.00 20.66 ? 104 TYR A CE2 1 
ATOM   465  C CZ  . TYR A 1 57  ? -10.383 0.548   -6.615  1.00 20.11 ? 104 TYR A CZ  1 
ATOM   466  O OH  . TYR A 1 57  ? -11.270 0.929   -7.587  1.00 20.00 ? 104 TYR A OH  1 
ATOM   467  N N   . TYR A 1 58  ? -6.103  -3.361  -2.606  1.00 21.12 ? 105 TYR A N   1 
ATOM   468  C CA  . TYR A 1 58  ? -4.812  -3.930  -2.208  1.00 21.43 ? 105 TYR A CA  1 
ATOM   469  C C   . TYR A 1 58  ? -3.975  -4.115  -3.466  1.00 21.32 ? 105 TYR A C   1 
ATOM   470  O O   . TYR A 1 58  ? -4.488  -4.541  -4.493  1.00 20.17 ? 105 TYR A O   1 
ATOM   471  C CB  . TYR A 1 58  ? -4.959  -5.294  -1.520  1.00 21.47 ? 105 TYR A CB  1 
ATOM   472  C CG  . TYR A 1 58  ? -5.948  -5.343  -0.363  1.00 22.99 ? 105 TYR A CG  1 
ATOM   473  C CD1 . TYR A 1 58  ? -5.512  -5.298  0.958   1.00 23.69 ? 105 TYR A CD1 1 
ATOM   474  C CD2 . TYR A 1 58  ? -7.316  -5.475  -0.595  1.00 23.89 ? 105 TYR A CD2 1 
ATOM   475  C CE1 . TYR A 1 58  ? -6.415  -5.353  2.031   1.00 25.25 ? 105 TYR A CE1 1 
ATOM   476  C CE2 . TYR A 1 58  ? -8.228  -5.524  0.469   1.00 25.59 ? 105 TYR A CE2 1 
ATOM   477  C CZ  . TYR A 1 58  ? -7.768  -5.464  1.771   1.00 24.57 ? 105 TYR A CZ  1 
ATOM   478  O OH  . TYR A 1 58  ? -8.665  -5.517  2.801   1.00 27.79 ? 105 TYR A OH  1 
ATOM   479  N N   . LEU A 1 59  ? -2.687  -3.785  -3.376  1.00 20.67 ? 106 LEU A N   1 
ATOM   480  C CA  . LEU A 1 59  ? -1.761  -4.127  -4.439  1.00 20.45 ? 106 LEU A CA  1 
ATOM   481  C C   . LEU A 1 59  ? -0.627  -4.933  -3.837  1.00 20.52 ? 106 LEU A C   1 
ATOM   482  O O   . LEU A 1 59  ? 0.225   -4.369  -3.135  1.00 20.06 ? 106 LEU A O   1 
ATOM   483  C CB  . LEU A 1 59  ? -1.206  -2.900  -5.173  1.00 19.90 ? 106 LEU A CB  1 
ATOM   484  C CG  . LEU A 1 59  ? -0.544  -3.348  -6.502  1.00 20.68 ? 106 LEU A CG  1 
ATOM   485  C CD1 . LEU A 1 59  ? -1.595  -3.525  -7.627  1.00 20.76 ? 106 LEU A CD1 1 
ATOM   486  C CD2 . LEU A 1 59  ? 0.558   -2.402  -6.946  1.00 20.36 ? 106 LEU A CD2 1 
ATOM   487  N N   . PHE A 1 60  ? -0.630  -6.245  -4.099  1.00 19.77 ? 107 PHE A N   1 
ATOM   488  C CA  . PHE A 1 60  ? 0.347   -7.144  -3.496  1.00 19.02 ? 107 PHE A CA  1 
ATOM   489  C C   . PHE A 1 60  ? 1.103   -7.930  -4.548  1.00 19.40 ? 107 PHE A C   1 
ATOM   490  O O   . PHE A 1 60  ? 0.578   -8.187  -5.654  1.00 17.61 ? 107 PHE A O   1 
ATOM   491  C CB  . PHE A 1 60  ? -0.320  -8.098  -2.498  1.00 19.22 ? 107 PHE A CB  1 
ATOM   492  C CG  . PHE A 1 60  ? -0.537  -7.480  -1.115  1.00 21.02 ? 107 PHE A CG  1 
ATOM   493  C CD1 . PHE A 1 60  ? -1.369  -6.364  -0.955  1.00 21.30 ? 107 PHE A CD1 1 
ATOM   494  C CD2 . PHE A 1 60  ? 0.118   -7.990  0.003   1.00 18.66 ? 107 PHE A CD2 1 
ATOM   495  C CE1 . PHE A 1 60  ? -1.543  -5.773  0.280   1.00 19.40 ? 107 PHE A CE1 1 
ATOM   496  C CE2 . PHE A 1 60  ? -0.073  -7.414  1.255   1.00 18.30 ? 107 PHE A CE2 1 
ATOM   497  C CZ  . PHE A 1 60  ? -0.895  -6.298  1.389   1.00 19.64 ? 107 PHE A CZ  1 
ATOM   498  N N   . LYS A 1 61  ? 2.331   -8.321  -4.195  1.00 18.19 ? 108 LYS A N   1 
ATOM   499  C CA  . LYS A 1 61  ? 3.125   -9.179  -5.061  1.00 18.76 ? 108 LYS A CA  1 
ATOM   500  C C   . LYS A 1 61  ? 2.322   -10.428 -5.346  1.00 18.70 ? 108 LYS A C   1 
ATOM   501  O O   . LYS A 1 61  ? 1.703   -10.979 -4.428  1.00 18.41 ? 108 LYS A O   1 
ATOM   502  C CB  . LYS A 1 61  ? 4.470   -9.536  -4.395  1.00 18.19 ? 108 LYS A CB  1 
ATOM   503  C CG  . LYS A 1 61  ? 5.481   -8.397  -4.405  1.00 19.73 ? 108 LYS A CG  1 
ATOM   504  C CD  . LYS A 1 61  ? 6.698   -8.734  -3.540  1.00 21.12 ? 108 LYS A CD  1 
ATOM   505  C CE  . LYS A 1 61  ? 7.824   -7.748  -3.752  1.00 21.91 ? 108 LYS A CE  1 
ATOM   506  N NZ  . LYS A 1 61  ? 8.835   -7.838  -2.635  1.00 24.16 ? 108 LYS A NZ  1 
ATOM   507  N N   . GLU A 1 62  ? 2.302   -10.866 -6.607  1.00 18.96 ? 109 GLU A N   1 
ATOM   508  C CA  . GLU A 1 62  ? 1.569   -12.078 -6.966  1.00 20.16 ? 109 GLU A CA  1 
ATOM   509  C C   . GLU A 1 62  ? 1.971   -13.234 -6.051  1.00 20.77 ? 109 GLU A C   1 
ATOM   510  O O   . GLU A 1 62  ? 3.162   -13.467 -5.834  1.00 21.19 ? 109 GLU A O   1 
ATOM   511  C CB  . GLU A 1 62  ? 1.798   -12.491 -8.422  1.00 20.42 ? 109 GLU A CB  1 
ATOM   512  C CG  . GLU A 1 62  ? 0.862   -13.637 -8.879  1.00 21.02 ? 109 GLU A CG  1 
ATOM   513  C CD  . GLU A 1 62  ? 1.075   -14.045 -10.324 1.00 24.29 ? 109 GLU A CD  1 
ATOM   514  O OE1 . GLU A 1 62  ? 2.198   -13.865 -10.854 1.00 24.35 ? 109 GLU A OE1 1 
ATOM   515  O OE2 . GLU A 1 62  ? 0.114   -14.559 -10.944 1.00 26.17 ? 109 GLU A OE2 1 
ATOM   516  N N   . GLY A 1 63  ? 0.977   -13.944 -5.523  1.00 20.62 ? 110 GLY A N   1 
ATOM   517  C CA  . GLY A 1 63  ? 1.238   -15.095 -4.677  1.00 20.70 ? 110 GLY A CA  1 
ATOM   518  C C   . GLY A 1 63  ? 1.268   -14.738 -3.204  1.00 20.99 ? 110 GLY A C   1 
ATOM   519  O O   . GLY A 1 63  ? 1.466   -15.614 -2.373  1.00 21.62 ? 110 GLY A O   1 
ATOM   520  N N   . ILE A 1 64  ? 1.106   -13.453 -2.880  1.00 20.95 ? 111 ILE A N   1 
ATOM   521  C CA  . ILE A 1 64  ? 0.879   -13.033 -1.505  1.00 20.90 ? 111 ILE A CA  1 
ATOM   522  C C   . ILE A 1 64  ? -0.569  -12.600 -1.392  1.00 20.83 ? 111 ILE A C   1 
ATOM   523  O O   . ILE A 1 64  ? -0.984  -11.626 -2.024  1.00 21.04 ? 111 ILE A O   1 
ATOM   524  C CB  . ILE A 1 64  ? 1.793   -11.871 -1.042  1.00 21.13 ? 111 ILE A CB  1 
ATOM   525  C CG1 . ILE A 1 64  ? 3.275   -12.240 -1.152  1.00 20.82 ? 111 ILE A CG1 1 
ATOM   526  C CG2 . ILE A 1 64  ? 1.455   -11.458 0.407   1.00 20.43 ? 111 ILE A CG2 1 
ATOM   527  C CD1 . ILE A 1 64  ? 4.208   -11.049 -0.919  1.00 20.51 ? 111 ILE A CD1 1 
ATOM   528  N N   . LYS A 1 65  ? -1.334  -13.349 -0.604  1.00 20.35 ? 112 LYS A N   1 
ATOM   529  C CA  . LYS A 1 65  ? -2.707  -12.994 -0.291  1.00 20.30 ? 112 LYS A CA  1 
ATOM   530  C C   . LYS A 1 65  ? -2.674  -11.818 0.663   1.00 20.54 ? 112 LYS A C   1 
ATOM   531  O O   . LYS A 1 65  ? -1.882  -11.807 1.605   1.00 21.20 ? 112 LYS A O   1 
ATOM   532  C CB  . LYS A 1 65  ? -3.466  -14.192 0.306   1.00 20.08 ? 112 LYS A CB  1 
ATOM   533  N N   . PRO A 1 66  ? -3.506  -10.799 0.414   1.00 20.76 ? 113 PRO A N   1 
ATOM   534  C CA  . PRO A 1 66  ? -3.436  -9.604  1.255   1.00 20.93 ? 113 PRO A CA  1 
ATOM   535  C C   . PRO A 1 66  ? -4.118  -9.778  2.620   1.00 21.52 ? 113 PRO A C   1 
ATOM   536  O O   . PRO A 1 66  ? -5.024  -9.007  2.968   1.00 20.95 ? 113 PRO A O   1 
ATOM   537  C CB  . PRO A 1 66  ? -4.113  -8.521  0.397   1.00 20.73 ? 113 PRO A CB  1 
ATOM   538  C CG  . PRO A 1 66  ? -4.945  -9.244  -0.580  1.00 20.66 ? 113 PRO A CG  1 
ATOM   539  C CD  . PRO A 1 66  ? -4.394  -10.625 -0.750  1.00 20.76 ? 113 PRO A CD  1 
ATOM   540  N N   . MET A 1 67  ? -3.665  -10.788 3.374   1.00 22.06 ? 114 MET A N   1 
ATOM   541  C CA  . MET A 1 67  ? -4.166  -11.084 4.710   1.00 23.33 ? 114 MET A CA  1 
ATOM   542  C C   . MET A 1 67  ? -3.032  -11.231 5.717   1.00 23.85 ? 114 MET A C   1 
ATOM   543  O O   . MET A 1 67  ? -1.935  -11.674 5.365   1.00 23.66 ? 114 MET A O   1 
ATOM   544  C CB  . MET A 1 67  ? -4.968  -12.382 4.704   1.00 23.50 ? 114 MET A CB  1 
ATOM   545  C CG  . MET A 1 67  ? -6.146  -12.384 3.753   1.00 25.85 ? 114 MET A CG  1 
ATOM   546  S SD  . MET A 1 67  ? -6.898  -14.009 3.639   1.00 29.65 ? 114 MET A SD  1 
ATOM   547  C CE  . MET A 1 67  ? -7.593  -14.211 5.286   1.00 28.15 ? 114 MET A CE  1 
ATOM   548  N N   . TRP A 1 68  ? -3.312  -10.874 6.970   1.00 24.96 ? 115 TRP A N   1 
ATOM   549  C CA  . TRP A 1 68  ? -2.368  -11.066 8.076   1.00 25.83 ? 115 TRP A CA  1 
ATOM   550  C C   . TRP A 1 68  ? -1.842  -12.502 8.154   1.00 26.42 ? 115 TRP A C   1 
ATOM   551  O O   . TRP A 1 68  ? -0.676  -12.720 8.451   1.00 25.80 ? 115 TRP A O   1 
ATOM   552  C CB  . TRP A 1 68  ? -3.030  -10.721 9.414   1.00 26.20 ? 115 TRP A CB  1 
ATOM   553  C CG  . TRP A 1 68  ? -3.741  -9.398  9.458   1.00 26.73 ? 115 TRP A CG  1 
ATOM   554  C CD1 . TRP A 1 68  ? -3.319  -8.202  8.921   1.00 26.06 ? 115 TRP A CD1 1 
ATOM   555  C CD2 . TRP A 1 68  ? -4.988  -9.126  10.111  1.00 27.52 ? 115 TRP A CD2 1 
ATOM   556  N NE1 . TRP A 1 68  ? -4.241  -7.214  9.186   1.00 25.90 ? 115 TRP A NE1 1 
ATOM   557  C CE2 . TRP A 1 68  ? -5.270  -7.749  9.920   1.00 27.21 ? 115 TRP A CE2 1 
ATOM   558  C CE3 . TRP A 1 68  ? -5.899  -9.914  10.842  1.00 28.10 ? 115 TRP A CE3 1 
ATOM   559  C CZ2 . TRP A 1 68  ? -6.431  -7.142  10.429  1.00 27.20 ? 115 TRP A CZ2 1 
ATOM   560  C CZ3 . TRP A 1 68  ? -7.051  -9.309  11.348  1.00 28.02 ? 115 TRP A CZ3 1 
ATOM   561  C CH2 . TRP A 1 68  ? -7.305  -7.935  11.134  1.00 27.87 ? 115 TRP A CH2 1 
ATOM   562  N N   . GLU A 1 69  ? -2.719  -13.466 7.869   1.00 27.78 ? 116 GLU A N   1 
ATOM   563  C CA  . GLU A 1 69  ? -2.453  -14.896 8.069   1.00 28.88 ? 116 GLU A CA  1 
ATOM   564  C C   . GLU A 1 69  ? -1.477  -15.506 7.061   1.00 29.35 ? 116 GLU A C   1 
ATOM   565  O O   . GLU A 1 69  ? -0.769  -16.467 7.379   1.00 29.54 ? 116 GLU A O   1 
ATOM   566  C CB  . GLU A 1 69  ? -3.763  -15.678 8.043   1.00 29.46 ? 116 GLU A CB  1 
ATOM   567  C CG  . GLU A 1 69  ? -4.612  -15.544 9.324   1.00 31.35 ? 116 GLU A CG  1 
ATOM   568  C CD  . GLU A 1 69  ? -5.368  -14.208 9.439   1.00 33.85 ? 116 GLU A CD  1 
ATOM   569  O OE1 . GLU A 1 69  ? -5.460  -13.448 8.440   1.00 33.50 ? 116 GLU A OE1 1 
ATOM   570  O OE2 . GLU A 1 69  ? -5.889  -13.932 10.545  1.00 35.40 ? 116 GLU A OE2 1 
ATOM   571  N N   . ASP A 1 70  ? -1.457  -14.955 5.848   1.00 29.40 ? 117 ASP A N   1 
ATOM   572  C CA  . ASP A 1 70  ? -0.532  -15.378 4.805   1.00 29.61 ? 117 ASP A CA  1 
ATOM   573  C C   . ASP A 1 70  ? 0.890   -15.454 5.370   1.00 29.81 ? 117 ASP A C   1 
ATOM   574  O O   . ASP A 1 70  ? 1.284   -14.607 6.173   1.00 30.11 ? 117 ASP A O   1 
ATOM   575  C CB  . ASP A 1 70  ? -0.630  -14.396 3.637   1.00 29.67 ? 117 ASP A CB  1 
ATOM   576  C CG  . ASP A 1 70  ? 0.144   -14.845 2.426   1.00 30.24 ? 117 ASP A CG  1 
ATOM   577  O OD1 . ASP A 1 70  ? -0.482  -15.366 1.474   1.00 29.95 ? 117 ASP A OD1 1 
ATOM   578  O OD2 . ASP A 1 70  ? 1.383   -14.673 2.428   1.00 31.12 ? 117 ASP A OD2 1 
ATOM   579  N N   . GLU A 1 71  ? 1.639   -16.486 4.978   1.00 30.34 ? 118 GLU A N   1 
ATOM   580  C CA  . GLU A 1 71  ? 2.988   -16.737 5.511   1.00 30.74 ? 118 GLU A CA  1 
ATOM   581  C C   . GLU A 1 71  ? 3.946   -15.559 5.284   1.00 30.57 ? 118 GLU A C   1 
ATOM   582  O O   . GLU A 1 71  ? 4.886   -15.347 6.059   1.00 30.57 ? 118 GLU A O   1 
ATOM   583  C CB  . GLU A 1 71  ? 3.579   -18.037 4.939   1.00 31.07 ? 118 GLU A CB  1 
ATOM   584  C CG  . GLU A 1 71  ? 3.985   -17.969 3.436   1.00 33.34 ? 118 GLU A CG  1 
ATOM   585  C CD  . GLU A 1 71  ? 4.541   -19.289 2.883   1.00 34.67 ? 118 GLU A CD  1 
ATOM   586  O OE1 . GLU A 1 71  ? 4.750   -20.240 3.667   1.00 36.26 ? 118 GLU A OE1 1 
ATOM   587  O OE2 . GLU A 1 71  ? 4.772   -19.375 1.656   1.00 35.64 ? 118 GLU A OE2 1 
ATOM   588  N N   . ASN A 1 72  ? 3.680   -14.786 4.232   1.00 30.13 ? 119 ASN A N   1 
ATOM   589  C CA  . ASN A 1 72  ? 4.474   -13.611 3.905   1.00 29.77 ? 119 ASN A CA  1 
ATOM   590  C C   . ASN A 1 72  ? 4.237   -12.425 4.825   1.00 29.79 ? 119 ASN A C   1 
ATOM   591  O O   . ASN A 1 72  ? 5.085   -11.546 4.913   1.00 30.19 ? 119 ASN A O   1 
ATOM   592  C CB  . ASN A 1 72  ? 4.220   -13.202 2.455   1.00 29.65 ? 119 ASN A CB  1 
ATOM   593  C CG  . ASN A 1 72  ? 4.675   -14.260 1.477   1.00 29.36 ? 119 ASN A CG  1 
ATOM   594  O OD1 . ASN A 1 72  ? 5.856   -14.346 1.157   1.00 30.02 ? 119 ASN A OD1 1 
ATOM   595  N ND2 . ASN A 1 72  ? 3.741   -15.079 1.002   1.00 27.86 ? 119 ASN A ND2 1 
ATOM   596  N N   . ASN A 1 73  ? 3.092   -12.403 5.506   1.00 29.41 ? 120 ASN A N   1 
ATOM   597  C CA  . ASN A 1 73  ? 2.698   -11.258 6.344   1.00 28.94 ? 120 ASN A CA  1 
ATOM   598  C C   . ASN A 1 73  ? 2.621   -11.591 7.829   1.00 28.96 ? 120 ASN A C   1 
ATOM   599  O O   . ASN A 1 73  ? 2.516   -10.686 8.669   1.00 29.37 ? 120 ASN A O   1 
ATOM   600  C CB  . ASN A 1 73  ? 1.321   -10.710 5.916   1.00 28.51 ? 120 ASN A CB  1 
ATOM   601  C CG  . ASN A 1 73  ? 1.239   -10.383 4.438   1.00 27.60 ? 120 ASN A CG  1 
ATOM   602  O OD1 . ASN A 1 73  ? 2.093   -9.688  3.899   1.00 28.25 ? 120 ASN A OD1 1 
ATOM   603  N ND2 . ASN A 1 73  ? 0.192   -10.876 3.779   1.00 23.96 ? 120 ASN A ND2 1 
ATOM   604  N N   . VAL A 1 74  ? 2.654   -12.885 8.147   1.00 28.55 ? 121 VAL A N   1 
ATOM   605  C CA  . VAL A 1 74  ? 2.367   -13.365 9.506   1.00 27.97 ? 121 VAL A CA  1 
ATOM   606  C C   . VAL A 1 74  ? 3.310   -12.779 10.564  1.00 27.72 ? 121 VAL A C   1 
ATOM   607  O O   . VAL A 1 74  ? 2.878   -12.486 11.686  1.00 28.00 ? 121 VAL A O   1 
ATOM   608  C CB  . VAL A 1 74  ? 2.284   -14.929 9.568   1.00 27.83 ? 121 VAL A CB  1 
ATOM   609  C CG1 . VAL A 1 74  ? 3.663   -15.585 9.429   1.00 27.94 ? 121 VAL A CG1 1 
ATOM   610  C CG2 . VAL A 1 74  ? 1.575   -15.392 10.835  1.00 28.14 ? 121 VAL A CG2 1 
ATOM   611  N N   . LYS A 1 75  ? 4.582   -12.597 10.195  1.00 27.12 ? 122 LYS A N   1 
ATOM   612  C CA  . LYS A 1 75  ? 5.602   -12.030 11.093  1.00 26.69 ? 122 LYS A CA  1 
ATOM   613  C C   . LYS A 1 75  ? 5.924   -10.570 10.752  1.00 26.27 ? 122 LYS A C   1 
ATOM   614  O O   . LYS A 1 75  ? 6.908   -10.005 11.239  1.00 26.13 ? 122 LYS A O   1 
ATOM   615  C CB  . LYS A 1 75  ? 6.879   -12.869 11.040  1.00 20.00 ? 122 LYS A CB  1 
ATOM   616  N N   . GLY A 1 76  ? 5.074   -9.964  9.928   1.00 25.74 ? 123 GLY A N   1 
ATOM   617  C CA  . GLY A 1 76  ? 5.333   -8.643  9.388   1.00 25.34 ? 123 GLY A CA  1 
ATOM   618  C C   . GLY A 1 76  ? 4.554   -7.534  10.055  1.00 24.96 ? 123 GLY A C   1 
ATOM   619  O O   . GLY A 1 76  ? 4.057   -7.684  11.168  1.00 25.29 ? 123 GLY A O   1 
ATOM   620  N N   . GLY A 1 77  ? 4.435   -6.414  9.357   1.00 24.45 ? 124 GLY A N   1 
ATOM   621  C CA  . GLY A 1 77  ? 3.751   -5.254  9.898   1.00 23.97 ? 124 GLY A CA  1 
ATOM   622  C C   . GLY A 1 77  ? 3.488   -4.269  8.794   1.00 23.57 ? 124 GLY A C   1 
ATOM   623  O O   . GLY A 1 77  ? 3.617   -4.605  7.612   1.00 23.79 ? 124 GLY A O   1 
ATOM   624  N N   . ARG A 1 78  ? 3.119   -3.054  9.177   1.00 22.81 ? 125 ARG A N   1 
ATOM   625  C CA  . ARG A 1 78  ? 2.765   -2.042  8.211   1.00 22.76 ? 125 ARG A CA  1 
ATOM   626  C C   . ARG A 1 78  ? 3.156   -0.645  8.660   1.00 22.54 ? 125 ARG A C   1 
ATOM   627  O O   . ARG A 1 78  ? 3.088   -0.315  9.850   1.00 22.40 ? 125 ARG A O   1 
ATOM   628  C CB  . ARG A 1 78  ? 1.258   -2.080  7.933   1.00 22.76 ? 125 ARG A CB  1 
ATOM   629  C CG  . ARG A 1 78  ? 0.428   -1.567  9.091   1.00 23.07 ? 125 ARG A CG  1 
ATOM   630  C CD  . ARG A 1 78  ? -1.048  -1.621  8.806   1.00 24.50 ? 125 ARG A CD  1 
ATOM   631  N NE  . ARG A 1 78  ? -1.775  -0.971  9.893   1.00 25.64 ? 125 ARG A NE  1 
ATOM   632  C CZ  . ARG A 1 78  ? -3.096  -0.905  9.984   1.00 26.36 ? 125 ARG A CZ  1 
ATOM   633  N NH1 . ARG A 1 78  ? -3.859  -1.458  9.058   1.00 26.44 ? 125 ARG A NH1 1 
ATOM   634  N NH2 . ARG A 1 78  ? -3.657  -0.291  11.018  1.00 27.58 ? 125 ARG A NH2 1 
ATOM   635  N N   . TRP A 1 79  ? 3.584   0.166   7.700   1.00 22.35 ? 126 TRP A N   1 
ATOM   636  C CA  . TRP A 1 79  ? 3.611   1.612   7.893   1.00 22.00 ? 126 TRP A CA  1 
ATOM   637  C C   . TRP A 1 79  ? 2.188   2.106   7.656   1.00 22.27 ? 126 TRP A C   1 
ATOM   638  O O   . TRP A 1 79  ? 1.590   1.782   6.624   1.00 21.87 ? 126 TRP A O   1 
ATOM   639  C CB  . TRP A 1 79  ? 4.561   2.263   6.899   1.00 21.73 ? 126 TRP A CB  1 
ATOM   640  C CG  . TRP A 1 79  ? 5.981   2.202   7.362   1.00 21.01 ? 126 TRP A CG  1 
ATOM   641  C CD1 . TRP A 1 79  ? 6.957   1.378   6.899   1.00 19.38 ? 126 TRP A CD1 1 
ATOM   642  C CD2 . TRP A 1 79  ? 6.565   2.974   8.415   1.00 20.14 ? 126 TRP A CD2 1 
ATOM   643  N NE1 . TRP A 1 79  ? 8.128   1.600   7.585   1.00 20.27 ? 126 TRP A NE1 1 
ATOM   644  C CE2 . TRP A 1 79  ? 7.907   2.573   8.530   1.00 19.99 ? 126 TRP A CE2 1 
ATOM   645  C CE3 . TRP A 1 79  ? 6.082   3.978   9.270   1.00 18.14 ? 126 TRP A CE3 1 
ATOM   646  C CZ2 . TRP A 1 79  ? 8.774   3.141   9.460   1.00 17.58 ? 126 TRP A CZ2 1 
ATOM   647  C CZ3 . TRP A 1 79  ? 6.945   4.535   10.193  1.00 15.91 ? 126 TRP A CZ3 1 
ATOM   648  C CH2 . TRP A 1 79  ? 8.272   4.118   10.279  1.00 17.21 ? 126 TRP A CH2 1 
ATOM   649  N N   . LEU A 1 80  ? 1.651   2.862   8.615   1.00 21.76 ? 127 LEU A N   1 
ATOM   650  C CA  . LEU A 1 80  ? 0.288   3.376   8.539   1.00 21.85 ? 127 LEU A CA  1 
ATOM   651  C C   . LEU A 1 80  ? 0.274   4.890   8.338   1.00 22.03 ? 127 LEU A C   1 
ATOM   652  O O   . LEU A 1 80  ? 0.933   5.628   9.074   1.00 21.10 ? 127 LEU A O   1 
ATOM   653  C CB  . LEU A 1 80  ? -0.496  3.004   9.807   1.00 21.51 ? 127 LEU A CB  1 
ATOM   654  C CG  . LEU A 1 80  ? -1.910  3.571   9.986   1.00 23.20 ? 127 LEU A CG  1 
ATOM   655  C CD1 . LEU A 1 80  ? -2.895  2.987   8.964   1.00 21.25 ? 127 LEU A CD1 1 
ATOM   656  C CD2 . LEU A 1 80  ? -2.424  3.332   11.428  1.00 24.02 ? 127 LEU A CD2 1 
ATOM   657  N N   . VAL A 1 81  ? -0.465  5.335   7.323   1.00 22.51 ? 128 VAL A N   1 
ATOM   658  C CA  . VAL A 1 81  ? -0.680  6.763   7.077   1.00 23.22 ? 128 VAL A CA  1 
ATOM   659  C C   . VAL A 1 81  ? -2.185  7.017   7.244   1.00 24.09 ? 128 VAL A C   1 
ATOM   660  O O   . VAL A 1 81  ? -2.987  6.484   6.477   1.00 24.09 ? 128 VAL A O   1 
ATOM   661  C CB  . VAL A 1 81  ? -0.306  7.172   5.630   1.00 23.24 ? 128 VAL A CB  1 
ATOM   662  C CG1 . VAL A 1 81  ? -0.349  8.685   5.469   1.00 23.32 ? 128 VAL A CG1 1 
ATOM   663  C CG2 . VAL A 1 81  ? 1.060   6.611   5.204   1.00 22.62 ? 128 VAL A CG2 1 
ATOM   664  N N   . VAL A 1 82  ? -2.569  7.789   8.258   1.00 24.80 ? 129 VAL A N   1 
ATOM   665  C CA  . VAL A 1 82  ? -3.965  8.226   8.386   1.00 25.71 ? 129 VAL A CA  1 
ATOM   666  C C   . VAL A 1 82  ? -4.196  9.464   7.522   1.00 25.94 ? 129 VAL A C   1 
ATOM   667  O O   . VAL A 1 82  ? -3.353  10.354  7.455   1.00 26.15 ? 129 VAL A O   1 
ATOM   668  C CB  . VAL A 1 82  ? -4.422  8.456   9.870   1.00 25.96 ? 129 VAL A CB  1 
ATOM   669  C CG1 . VAL A 1 82  ? -4.390  7.132   10.646  1.00 25.66 ? 129 VAL A CG1 1 
ATOM   670  C CG2 . VAL A 1 82  ? -3.578  9.535   10.575  1.00 26.72 ? 129 VAL A CG2 1 
ATOM   671  N N   . VAL A 1 83  ? -5.331  9.492   6.834   1.00 26.07 ? 130 VAL A N   1 
ATOM   672  C CA  . VAL A 1 83  ? -5.686  10.621  5.979   1.00 25.98 ? 130 VAL A CA  1 
ATOM   673  C C   . VAL A 1 83  ? -6.837  11.348  6.683   1.00 26.50 ? 130 VAL A C   1 
ATOM   674  O O   . VAL A 1 83  ? -7.899  10.759  6.913   1.00 26.20 ? 130 VAL A O   1 
ATOM   675  C CB  . VAL A 1 83  ? -6.062  10.117  4.554   1.00 26.23 ? 130 VAL A CB  1 
ATOM   676  C CG1 . VAL A 1 83  ? -6.374  11.257  3.612   1.00 25.93 ? 130 VAL A CG1 1 
ATOM   677  C CG2 . VAL A 1 83  ? -4.938  9.277   3.986   1.00 24.93 ? 130 VAL A CG2 1 
ATOM   678  N N   . ASP A 1 84  ? -6.610  12.603  7.076   1.00 26.97 ? 131 ASP A N   1 
ATOM   679  C CA  . ASP A 1 84  ? -7.638  13.387  7.757   1.00 27.71 ? 131 ASP A CA  1 
ATOM   680  C C   . ASP A 1 84  ? -8.916  13.385  6.917   1.00 27.85 ? 131 ASP A C   1 
ATOM   681  O O   . ASP A 1 84  ? -8.865  13.600  5.705   1.00 27.40 ? 131 ASP A O   1 
ATOM   682  C CB  . ASP A 1 84  ? -7.153  14.829  8.038   1.00 28.09 ? 131 ASP A CB  1 
ATOM   683  C CG  . ASP A 1 84  ? -8.136  15.647  8.915   1.00 29.60 ? 131 ASP A CG  1 
ATOM   684  O OD1 . ASP A 1 84  ? -9.266  15.184  9.195   1.00 31.28 ? 131 ASP A OD1 1 
ATOM   685  O OD2 . ASP A 1 84  ? -7.781  16.776  9.330   1.00 30.98 ? 131 ASP A OD2 1 
ATOM   686  N N   . LYS A 1 85  ? -10.048 13.114  7.575   1.00 28.32 ? 132 LYS A N   1 
ATOM   687  C CA  . LYS A 1 85  ? -11.388 13.200  6.967   1.00 28.65 ? 132 LYS A CA  1 
ATOM   688  C C   . LYS A 1 85  ? -11.552 14.473  6.135   1.00 28.57 ? 132 LYS A C   1 
ATOM   689  O O   . LYS A 1 85  ? -12.146 14.449  5.058   1.00 28.79 ? 132 LYS A O   1 
ATOM   690  C CB  . LYS A 1 85  ? -12.486 13.188  8.046   1.00 28.81 ? 132 LYS A CB  1 
ATOM   691  C CG  . LYS A 1 85  ? -12.393 12.077  9.092   1.00 29.52 ? 132 LYS A CG  1 
ATOM   692  C CD  . LYS A 1 85  ? -13.412 12.314  10.218  1.00 30.41 ? 132 LYS A CD  1 
ATOM   693  N N   . GLN A 1 86  ? -11.016 15.578  6.648   1.00 28.49 ? 133 GLN A N   1 
ATOM   694  C CA  . GLN A 1 86  ? -11.203 16.902  6.048   1.00 28.32 ? 133 GLN A CA  1 
ATOM   695  C C   . GLN A 1 86  ? -10.335 17.123  4.819   1.00 27.75 ? 133 GLN A C   1 
ATOM   696  O O   . GLN A 1 86  ? -10.704 17.879  3.933   1.00 27.76 ? 133 GLN A O   1 
ATOM   697  C CB  . GLN A 1 86  ? -10.933 18.012  7.079   1.00 28.38 ? 133 GLN A CB  1 
ATOM   698  C CG  . GLN A 1 86  ? -11.756 17.913  8.365   1.00 29.34 ? 133 GLN A CG  1 
ATOM   699  C CD  . GLN A 1 86  ? -13.252 17.922  8.111   1.00 30.45 ? 133 GLN A CD  1 
ATOM   700  O OE1 . GLN A 1 86  ? -13.835 18.961  7.801   1.00 31.61 ? 133 GLN A OE1 1 
ATOM   701  N NE2 . GLN A 1 86  ? -13.883 16.761  8.249   1.00 30.96 ? 133 GLN A NE2 1 
ATOM   702  N N   . LYS A 1 87  ? -9.185  16.459  4.776   1.00 27.47 ? 134 LYS A N   1 
ATOM   703  C CA  . LYS A 1 87  ? -8.199  16.649  3.704   1.00 27.10 ? 134 LYS A CA  1 
ATOM   704  C C   . LYS A 1 87  ? -8.163  15.502  2.674   1.00 26.73 ? 134 LYS A C   1 
ATOM   705  O O   . LYS A 1 87  ? -7.318  15.490  1.763   1.00 26.43 ? 134 LYS A O   1 
ATOM   706  C CB  . LYS A 1 87  ? -6.805  16.868  4.309   1.00 27.39 ? 134 LYS A CB  1 
ATOM   707  N N   . ARG A 1 88  ? -9.095  14.559  2.802   1.00 25.82 ? 135 ARG A N   1 
ATOM   708  C CA  . ARG A 1 88  ? -9.066  13.343  1.993   1.00 25.38 ? 135 ARG A CA  1 
ATOM   709  C C   . ARG A 1 88  ? -9.371  13.576  0.520   1.00 24.77 ? 135 ARG A C   1 
ATOM   710  O O   . ARG A 1 88  ? -8.881  12.843  -0.329  1.00 24.47 ? 135 ARG A O   1 
ATOM   711  C CB  . ARG A 1 88  ? -9.963  12.257  2.596   1.00 25.46 ? 135 ARG A CB  1 
ATOM   712  C CG  . ARG A 1 88  ? -11.450 12.603  2.663   1.00 25.59 ? 135 ARG A CG  1 
ATOM   713  C CD  . ARG A 1 88  ? -12.245 11.879  1.593   1.00 26.46 ? 135 ARG A CD  1 
ATOM   714  N NE  . ARG A 1 88  ? -12.286 10.431  1.830   1.00 25.90 ? 135 ARG A NE  1 
ATOM   715  C CZ  . ARG A 1 88  ? -12.857 9.547   1.012   1.00 25.30 ? 135 ARG A CZ  1 
ATOM   716  N NH1 . ARG A 1 88  ? -12.832 8.252   1.309   1.00 23.20 ? 135 ARG A NH1 1 
ATOM   717  N NH2 . ARG A 1 88  ? -13.446 9.953   -0.106  1.00 23.75 ? 135 ARG A NH2 1 
ATOM   718  N N   . ALA A 1 89  ? -10.165 14.596  0.216   1.00 24.41 ? 136 ALA A N   1 
ATOM   719  C CA  . ALA A 1 89  ? -10.492 14.921  -1.172  1.00 24.34 ? 136 ALA A CA  1 
ATOM   720  C C   . ALA A 1 89  ? -9.263  15.395  -1.966  1.00 24.31 ? 136 ALA A C   1 
ATOM   721  O O   . ALA A 1 89  ? -9.210  15.250  -3.194  1.00 24.29 ? 136 ALA A O   1 
ATOM   722  C CB  . ALA A 1 89  ? -11.616 15.946  -1.237  1.00 24.06 ? 136 ALA A CB  1 
ATOM   723  N N   . GLN A 1 90  ? -8.271  15.936  -1.266  1.00 24.27 ? 137 GLN A N   1 
ATOM   724  C CA  . GLN A 1 90  ? -7.023  16.366  -1.914  1.00 24.49 ? 137 GLN A CA  1 
ATOM   725  C C   . GLN A 1 90  ? -5.818  15.424  -1.736  1.00 23.60 ? 137 GLN A C   1 
ATOM   726  O O   . GLN A 1 90  ? -4.862  15.509  -2.496  1.00 23.42 ? 137 GLN A O   1 
ATOM   727  C CB  . GLN A 1 90  ? -6.658  17.824  -1.554  1.00 25.03 ? 137 GLN A CB  1 
ATOM   728  C CG  . GLN A 1 90  ? -6.982  18.280  -0.125  1.00 27.29 ? 137 GLN A CG  1 
ATOM   729  C CD  . GLN A 1 90  ? -8.442  18.719  0.075   1.00 30.02 ? 137 GLN A CD  1 
ATOM   730  O OE1 . GLN A 1 90  ? -9.139  19.108  -0.873  1.00 31.11 ? 137 GLN A OE1 1 
ATOM   731  N NE2 . GLN A 1 90  ? -8.903  18.658  1.321   1.00 30.80 ? 137 GLN A NE2 1 
ATOM   732  N N   . LEU A 1 91  ? -5.868  14.522  -0.757  1.00 22.79 ? 138 LEU A N   1 
ATOM   733  C CA  . LEU A 1 91  ? -4.726  13.640  -0.468  1.00 22.08 ? 138 LEU A CA  1 
ATOM   734  C C   . LEU A 1 91  ? -4.940  12.146  -0.772  1.00 21.56 ? 138 LEU A C   1 
ATOM   735  O O   . LEU A 1 91  ? -3.985  11.454  -1.131  1.00 21.57 ? 138 LEU A O   1 
ATOM   736  C CB  . LEU A 1 91  ? -4.247  13.802  0.981   1.00 22.01 ? 138 LEU A CB  1 
ATOM   737  C CG  . LEU A 1 91  ? -3.733  15.166  1.473   1.00 23.35 ? 138 LEU A CG  1 
ATOM   738  C CD1 . LEU A 1 91  ? -3.470  15.149  2.989   1.00 22.98 ? 138 LEU A CD1 1 
ATOM   739  C CD2 . LEU A 1 91  ? -2.485  15.615  0.710   1.00 22.09 ? 138 LEU A CD2 1 
ATOM   740  N N   . LEU A 1 92  ? -6.165  11.643  -0.620  1.00 20.61 ? 139 LEU A N   1 
ATOM   741  C CA  . LEU A 1 92  ? -6.390  10.192  -0.720  1.00 20.14 ? 139 LEU A CA  1 
ATOM   742  C C   . LEU A 1 92  ? -5.858  9.550   -2.032  1.00 20.37 ? 139 LEU A C   1 
ATOM   743  O O   . LEU A 1 92  ? -4.982  8.672   -1.983  1.00 19.72 ? 139 LEU A O   1 
ATOM   744  C CB  . LEU A 1 92  ? -7.847  9.807   -0.455  1.00 19.79 ? 139 LEU A CB  1 
ATOM   745  C CG  . LEU A 1 92  ? -8.031  8.290   -0.312  1.00 19.58 ? 139 LEU A CG  1 
ATOM   746  C CD1 . LEU A 1 92  ? -7.178  7.764   0.861   1.00 17.79 ? 139 LEU A CD1 1 
ATOM   747  C CD2 . LEU A 1 92  ? -9.488  7.903   -0.141  1.00 18.22 ? 139 LEU A CD2 1 
ATOM   748  N N   . ASP A 1 93  ? -6.358  10.010  -3.179  1.00 20.17 ? 140 ASP A N   1 
ATOM   749  C CA  . ASP A 1 93  ? -5.933  9.465   -4.482  1.00 20.51 ? 140 ASP A CA  1 
ATOM   750  C C   . ASP A 1 93  ? -4.462  9.709   -4.803  1.00 20.22 ? 140 ASP A C   1 
ATOM   751  O O   . ASP A 1 93  ? -3.800  8.837   -5.374  1.00 19.71 ? 140 ASP A O   1 
ATOM   752  C CB  . ASP A 1 93  ? -6.803  9.994   -5.621  1.00 20.55 ? 140 ASP A CB  1 
ATOM   753  C CG  . ASP A 1 93  ? -8.253  9.593   -5.476  1.00 21.98 ? 140 ASP A CG  1 
ATOM   754  O OD1 . ASP A 1 93  ? -8.544  8.614   -4.750  1.00 22.42 ? 140 ASP A OD1 1 
ATOM   755  O OD2 . ASP A 1 93  ? -9.106  10.284  -6.075  1.00 25.40 ? 140 ASP A OD2 1 
ATOM   756  N N   . HIS A 1 94  ? -3.963  10.886  -4.438  1.00 19.92 ? 141 HIS A N   1 
ATOM   757  C CA  . HIS A 1 94  ? -2.554  11.225  -4.621  1.00 20.01 ? 141 HIS A CA  1 
ATOM   758  C C   . HIS A 1 94  ? -1.657  10.279  -3.815  1.00 19.65 ? 141 HIS A C   1 
ATOM   759  O O   . HIS A 1 94  ? -0.734  9.691   -4.361  1.00 19.19 ? 141 HIS A O   1 
ATOM   760  C CB  . HIS A 1 94  ? -2.307  12.686  -4.231  1.00 20.18 ? 141 HIS A CB  1 
ATOM   761  C CG  . HIS A 1 94  ? -0.897  13.143  -4.442  1.00 22.14 ? 141 HIS A CG  1 
ATOM   762  N ND1 . HIS A 1 94  ? -0.423  13.551  -5.671  1.00 24.38 ? 141 HIS A ND1 1 
ATOM   763  C CD2 . HIS A 1 94  ? 0.135   13.285  -3.573  1.00 24.51 ? 141 HIS A CD2 1 
ATOM   764  C CE1 . HIS A 1 94  ? 0.847   13.906  -5.556  1.00 24.97 ? 141 HIS A CE1 1 
ATOM   765  N NE2 . HIS A 1 94  ? 1.211   13.751  -4.294  1.00 25.47 ? 141 HIS A NE2 1 
ATOM   766  N N   . TYR A 1 95  ? -1.943  10.131  -2.520  1.00 19.24 ? 142 TYR A N   1 
ATOM   767  C CA  . TYR A 1 95  ? -1.195  9.217   -1.656  1.00 18.68 ? 142 TYR A CA  1 
ATOM   768  C C   . TYR A 1 95  ? -1.162  7.788   -2.216  1.00 18.54 ? 142 TYR A C   1 
ATOM   769  O O   . TYR A 1 95  ? -0.094  7.194   -2.331  1.00 18.30 ? 142 TYR A O   1 
ATOM   770  C CB  . TYR A 1 95  ? -1.774  9.222   -0.239  1.00 18.40 ? 142 TYR A CB  1 
ATOM   771  C CG  . TYR A 1 95  ? -1.313  10.361  0.671   1.00 19.11 ? 142 TYR A CG  1 
ATOM   772  C CD1 . TYR A 1 95  ? -1.709  10.397  2.010   1.00 19.19 ? 142 TYR A CD1 1 
ATOM   773  C CD2 . TYR A 1 95  ? -0.470  11.385  0.208   1.00 19.09 ? 142 TYR A CD2 1 
ATOM   774  C CE1 . TYR A 1 95  ? -1.291  11.429  2.878   1.00 20.65 ? 142 TYR A CE1 1 
ATOM   775  C CE2 . TYR A 1 95  ? -0.038  12.423  1.070   1.00 19.72 ? 142 TYR A CE2 1 
ATOM   776  C CZ  . TYR A 1 95  ? -0.465  12.437  2.404   1.00 20.55 ? 142 TYR A CZ  1 
ATOM   777  O OH  . TYR A 1 95  ? -0.055  13.438  3.270   1.00 22.37 ? 142 TYR A OH  1 
ATOM   778  N N   . TRP A 1 96  ? -2.338  7.253   -2.556  1.00 17.99 ? 143 TRP A N   1 
ATOM   779  C CA  . TRP A 1 96  ? -2.472  5.895   -3.095  1.00 17.53 ? 143 TRP A CA  1 
ATOM   780  C C   . TRP A 1 96  ? -1.685  5.687   -4.388  1.00 17.42 ? 143 TRP A C   1 
ATOM   781  O O   . TRP A 1 96  ? -0.895  4.760   -4.479  1.00 18.20 ? 143 TRP A O   1 
ATOM   782  C CB  . TRP A 1 96  ? -3.949  5.547   -3.293  1.00 17.15 ? 143 TRP A CB  1 
ATOM   783  C CG  . TRP A 1 96  ? -4.235  4.167   -3.857  1.00 16.00 ? 143 TRP A CG  1 
ATOM   784  C CD1 . TRP A 1 96  ? -4.945  3.892   -4.965  1.00 13.04 ? 143 TRP A CD1 1 
ATOM   785  C CD2 . TRP A 1 96  ? -3.840  2.898   -3.300  1.00 14.51 ? 143 TRP A CD2 1 
ATOM   786  N NE1 . TRP A 1 96  ? -5.029  2.530   -5.149  1.00 16.01 ? 143 TRP A NE1 1 
ATOM   787  C CE2 . TRP A 1 96  ? -4.363  1.899   -4.133  1.00 14.95 ? 143 TRP A CE2 1 
ATOM   788  C CE3 . TRP A 1 96  ? -3.092  2.515   -2.170  1.00 15.57 ? 143 TRP A CE3 1 
ATOM   789  C CZ2 . TRP A 1 96  ? -4.155  0.525   -3.899  1.00 15.29 ? 143 TRP A CZ2 1 
ATOM   790  C CZ3 . TRP A 1 96  ? -2.911  1.156   -1.916  1.00 14.97 ? 143 TRP A CZ3 1 
ATOM   791  C CH2 . TRP A 1 96  ? -3.440  0.176   -2.782  1.00 15.82 ? 143 TRP A CH2 1 
ATOM   792  N N   . LEU A 1 97  ? -1.881  6.554   -5.375  1.00 17.52 ? 144 LEU A N   1 
ATOM   793  C CA  . LEU A 1 97  ? -1.172  6.429   -6.650  1.00 16.92 ? 144 LEU A CA  1 
ATOM   794  C C   . LEU A 1 97  ? 0.350   6.577   -6.490  1.00 17.25 ? 144 LEU A C   1 
ATOM   795  O O   . LEU A 1 97  ? 1.100   5.776   -7.050  1.00 16.88 ? 144 LEU A O   1 
ATOM   796  C CB  . LEU A 1 97  ? -1.697  7.428   -7.697  1.00 16.59 ? 144 LEU A CB  1 
ATOM   797  C CG  . LEU A 1 97  ? -1.030  7.368   -9.090  1.00 16.19 ? 144 LEU A CG  1 
ATOM   798  C CD1 . LEU A 1 97  ? -1.040  5.925   -9.719  1.00 13.34 ? 144 LEU A CD1 1 
ATOM   799  C CD2 . LEU A 1 97  ? -1.684  8.365   -10.044 1.00 16.11 ? 144 LEU A CD2 1 
ATOM   800  N N   . GLU A 1 98  ? 0.808   7.583   -5.733  1.00 16.62 ? 145 GLU A N   1 
ATOM   801  C CA  . GLU A 1 98  ? 2.248   7.697   -5.436  1.00 17.08 ? 145 GLU A CA  1 
ATOM   802  C C   . GLU A 1 98  ? 2.824   6.419   -4.801  1.00 16.95 ? 145 GLU A C   1 
ATOM   803  O O   . GLU A 1 98  ? 3.922   5.991   -5.150  1.00 17.12 ? 145 GLU A O   1 
ATOM   804  C CB  . GLU A 1 98  ? 2.550   8.891   -4.516  1.00 17.80 ? 145 GLU A CB  1 
ATOM   805  C CG  . GLU A 1 98  ? 2.238   10.277  -5.109  1.00 20.27 ? 145 GLU A CG  1 
ATOM   806  C CD  . GLU A 1 98  ? 3.013   10.586  -6.386  1.00 23.27 ? 145 GLU A CD  1 
ATOM   807  O OE1 . GLU A 1 98  ? 4.198   10.233  -6.475  1.00 25.06 ? 145 GLU A OE1 1 
ATOM   808  O OE2 . GLU A 1 98  ? 2.438   11.200  -7.305  1.00 27.49 ? 145 GLU A OE2 1 
ATOM   809  N N   . LEU A 1 99  ? 2.089   5.817   -3.868  1.00 16.53 ? 146 LEU A N   1 
ATOM   810  C CA  . LEU A 1 99  ? 2.561   4.578   -3.250  1.00 16.60 ? 146 LEU A CA  1 
ATOM   811  C C   . LEU A 1 99  ? 2.643   3.426   -4.260  1.00 16.56 ? 146 LEU A C   1 
ATOM   812  O O   . LEU A 1 99  ? 3.614   2.674   -4.254  1.00 16.45 ? 146 LEU A O   1 
ATOM   813  C CB  . LEU A 1 99  ? 1.706   4.198   -2.035  1.00 16.23 ? 146 LEU A CB  1 
ATOM   814  C CG  . LEU A 1 99  ? 2.128   2.959   -1.250  1.00 17.22 ? 146 LEU A CG  1 
ATOM   815  C CD1 . LEU A 1 99  ? 3.609   3.015   -0.856  1.00 17.25 ? 146 LEU A CD1 1 
ATOM   816  C CD2 . LEU A 1 99  ? 1.251   2.830   -0.001  1.00 17.49 ? 146 LEU A CD2 1 
ATOM   817  N N   . LEU A 1 100 ? 1.645   3.304   -5.134  1.00 16.89 ? 147 LEU A N   1 
ATOM   818  C CA  . LEU A 1 100 ? 1.665   2.269   -6.161  1.00 16.95 ? 147 LEU A CA  1 
ATOM   819  C C   . LEU A 1 100 ? 2.864   2.444   -7.110  1.00 17.14 ? 147 LEU A C   1 
ATOM   820  O O   . LEU A 1 100 ? 3.557   1.471   -7.430  1.00 17.54 ? 147 LEU A O   1 
ATOM   821  C CB  . LEU A 1 100 ? 0.360   2.271   -6.970  1.00 16.83 ? 147 LEU A CB  1 
ATOM   822  C CG  . LEU A 1 100 ? -0.947  1.936   -6.223  1.00 17.65 ? 147 LEU A CG  1 
ATOM   823  C CD1 . LEU A 1 100 ? -2.075  1.789   -7.193  1.00 16.98 ? 147 LEU A CD1 1 
ATOM   824  C CD2 . LEU A 1 100 ? -0.860  0.689   -5.315  1.00 17.56 ? 147 LEU A CD2 1 
ATOM   825  N N   . MET A 1 101 ? 3.095   3.666   -7.569  1.00 16.26 ? 148 MET A N   1 
ATOM   826  C CA  . MET A 1 101 ? 4.234   3.934   -8.460  1.00 16.89 ? 148 MET A CA  1 
ATOM   827  C C   . MET A 1 101 ? 5.578   3.646   -7.774  1.00 16.41 ? 148 MET A C   1 
ATOM   828  O O   . MET A 1 101 ? 6.488   3.095   -8.401  1.00 16.25 ? 148 MET A O   1 
ATOM   829  C CB  . MET A 1 101 ? 4.193   5.366   -8.969  1.00 16.80 ? 148 MET A CB  1 
ATOM   830  C CG  . MET A 1 101 ? 3.061   5.588   -9.957  1.00 18.64 ? 148 MET A CG  1 
ATOM   831  S SD  . MET A 1 101 ? 3.181   7.157   -10.802 1.00 18.86 ? 148 MET A SD  1 
ATOM   832  C CE  . MET A 1 101 ? 2.930   8.310   -9.447  1.00 17.33 ? 148 MET A CE  1 
ATOM   833  N N   . ALA A 1 102 ? 5.675   4.012   -6.494  1.00 15.51 ? 149 ALA A N   1 
ATOM   834  C CA  . ALA A 1 102 ? 6.901   3.777   -5.714  1.00 15.21 ? 149 ALA A CA  1 
ATOM   835  C C   . ALA A 1 102 ? 7.158   2.278   -5.588  1.00 14.54 ? 149 ALA A C   1 
ATOM   836  O O   . ALA A 1 102 ? 8.268   1.847   -5.801  1.00 13.83 ? 149 ALA A O   1 
ATOM   837  C CB  . ALA A 1 102 ? 6.830   4.445   -4.342  1.00 14.47 ? 149 ALA A CB  1 
ATOM   838  N N   . ILE A 1 103 ? 6.124   1.483   -5.313  1.00 15.12 ? 150 ILE A N   1 
ATOM   839  C CA  . ILE A 1 103 ? 6.334   0.041   -5.224  1.00 16.23 ? 150 ILE A CA  1 
ATOM   840  C C   . ILE A 1 103 ? 6.606   -0.696  -6.540  1.00 15.61 ? 150 ILE A C   1 
ATOM   841  O O   . ILE A 1 103 ? 7.592   -1.424  -6.614  1.00 15.79 ? 150 ILE A O   1 
ATOM   842  C CB  . ILE A 1 103 ? 5.310   -0.719  -4.323  1.00 17.46 ? 150 ILE A CB  1 
ATOM   843  C CG1 . ILE A 1 103 ? 3.953   -0.902  -5.002  1.00 19.08 ? 150 ILE A CG1 1 
ATOM   844  C CG2 . ILE A 1 103 ? 5.225   -0.054  -2.925  1.00 17.41 ? 150 ILE A CG2 1 
ATOM   845  C CD1 . ILE A 1 103 ? 2.895   -1.627  -4.097  1.00 23.34 ? 150 ILE A CD1 1 
ATOM   846  N N   . ILE A 1 104 ? 5.756   -0.523  -7.563  1.00 14.99 ? 151 ILE A N   1 
ATOM   847  C CA  . ILE A 1 104 ? 5.994   -1.197  -8.840  1.00 14.51 ? 151 ILE A CA  1 
ATOM   848  C C   . ILE A 1 104 ? 7.295   -0.737  -9.528  1.00 14.20 ? 151 ILE A C   1 
ATOM   849  O O   . ILE A 1 104 ? 7.916   -1.493  -10.265 1.00 14.17 ? 151 ILE A O   1 
ATOM   850  C CB  . ILE A 1 104 ? 4.797   -1.085  -9.797  1.00 14.38 ? 151 ILE A CB  1 
ATOM   851  C CG1 . ILE A 1 104 ? 4.664   0.339   -10.375 1.00 13.20 ? 151 ILE A CG1 1 
ATOM   852  C CG2 . ILE A 1 104 ? 3.487   -1.570  -9.082  1.00 14.45 ? 151 ILE A CG2 1 
ATOM   853  C CD1 . ILE A 1 104 ? 3.545   0.443   -11.412 1.00 16.86 ? 151 ILE A CD1 1 
ATOM   854  N N   . GLY A 1 105 ? 7.685   0.511   -9.279  1.00 14.20 ? 152 GLY A N   1 
ATOM   855  C CA  . GLY A 1 105 ? 8.886   1.085   -9.859  1.00 14.04 ? 152 GLY A CA  1 
ATOM   856  C C   . GLY A 1 105 ? 10.104  0.775   -9.012  1.00 14.50 ? 152 GLY A C   1 
ATOM   857  O O   . GLY A 1 105 ? 11.180  1.255   -9.301  1.00 14.69 ? 152 GLY A O   1 
ATOM   858  N N   . GLU A 1 106 ? 9.920   -0.045  -7.977  1.00 14.94 ? 153 GLU A N   1 
ATOM   859  C CA  . GLU A 1 106 ? 11.005  -0.549  -7.119  1.00 15.40 ? 153 GLU A CA  1 
ATOM   860  C C   . GLU A 1 106 ? 11.855  0.586   -6.534  1.00 15.67 ? 153 GLU A C   1 
ATOM   861  O O   . GLU A 1 106 ? 13.061  0.615   -6.686  1.00 14.10 ? 153 GLU A O   1 
ATOM   862  C CB  . GLU A 1 106 ? 11.863  -1.594  -7.864  1.00 16.01 ? 153 GLU A CB  1 
ATOM   863  C CG  . GLU A 1 106 ? 11.041  -2.777  -8.380  1.00 16.89 ? 153 GLU A CG  1 
ATOM   864  C CD  . GLU A 1 106 ? 10.710  -3.776  -7.287  1.00 18.69 ? 153 GLU A CD  1 
ATOM   865  O OE1 . GLU A 1 106 ? 11.399  -3.718  -6.241  1.00 16.38 ? 153 GLU A OE1 1 
ATOM   866  O OE2 . GLU A 1 106 ? 9.780   -4.621  -7.476  1.00 16.80 ? 153 GLU A OE2 1 
ATOM   867  N N   . GLN A 1 107 ? 11.183  1.514   -5.860  1.00 16.42 ? 154 GLN A N   1 
ATOM   868  C CA  . GLN A 1 107 ? 11.818  2.729   -5.371  1.00 16.44 ? 154 GLN A CA  1 
ATOM   869  C C   . GLN A 1 107 ? 12.325  2.561   -3.956  1.00 16.34 ? 154 GLN A C   1 
ATOM   870  O O   . GLN A 1 107 ? 12.828  3.507   -3.375  1.00 16.36 ? 154 GLN A O   1 
ATOM   871  C CB  . GLN A 1 107 ? 10.815  3.891   -5.426  1.00 16.90 ? 154 GLN A CB  1 
ATOM   872  C CG  . GLN A 1 107 ? 10.486  4.332   -6.834  1.00 17.18 ? 154 GLN A CG  1 
ATOM   873  C CD  . GLN A 1 107 ? 11.684  4.918   -7.530  1.00 18.53 ? 154 GLN A CD  1 
ATOM   874  O OE1 . GLN A 1 107 ? 12.205  5.952   -7.118  1.00 18.52 ? 154 GLN A OE1 1 
ATOM   875  N NE2 . GLN A 1 107 ? 12.144  4.253   -8.574  1.00 19.11 ? 154 GLN A NE2 1 
ATOM   876  N N   . PHE A 1 108 ? 12.205  1.362   -3.392  1.00 16.41 ? 155 PHE A N   1 
ATOM   877  C CA  . PHE A 1 108 ? 12.694  1.170   -2.030  1.00 17.50 ? 155 PHE A CA  1 
ATOM   878  C C   . PHE A 1 108 ? 14.110  0.574   -1.909  1.00 18.46 ? 155 PHE A C   1 
ATOM   879  O O   . PHE A 1 108 ? 14.418  -0.099  -0.940  1.00 17.78 ? 155 PHE A O   1 
ATOM   880  C CB  . PHE A 1 108 ? 11.633  0.453   -1.183  1.00 18.05 ? 155 PHE A CB  1 
ATOM   881  C CG  . PHE A 1 108 ? 10.351  1.224   -1.079  1.00 15.90 ? 155 PHE A CG  1 
ATOM   882  C CD1 . PHE A 1 108 ? 9.366   1.107   -2.063  1.00 16.00 ? 155 PHE A CD1 1 
ATOM   883  C CD2 . PHE A 1 108 ? 10.143  2.108   -0.014  1.00 16.55 ? 155 PHE A CD2 1 
ATOM   884  C CE1 . PHE A 1 108 ? 8.171   1.846   -1.980  1.00 15.54 ? 155 PHE A CE1 1 
ATOM   885  C CE2 . PHE A 1 108 ? 8.952   2.848   0.084   1.00 14.93 ? 155 PHE A CE2 1 
ATOM   886  C CZ  . PHE A 1 108 ? 7.977   2.726   -0.895  1.00 14.69 ? 155 PHE A CZ  1 
ATOM   887  N N   . GLU A 1 109 ? 14.954  0.835   -2.914  1.00 19.63 ? 156 GLU A N   1 
ATOM   888  C CA  . GLU A 1 109 ? 16.394  0.557   -2.842  1.00 20.70 ? 156 GLU A CA  1 
ATOM   889  C C   . GLU A 1 109 ? 16.695  -0.939  -2.653  1.00 21.31 ? 156 GLU A C   1 
ATOM   890  O O   . GLU A 1 109 ? 16.183  -1.768  -3.394  1.00 21.76 ? 156 GLU A O   1 
ATOM   891  C CB  . GLU A 1 109 ? 17.041  1.439   -1.754  1.00 21.01 ? 156 GLU A CB  1 
ATOM   892  C CG  . GLU A 1 109 ? 16.917  2.944   -2.073  1.00 22.67 ? 156 GLU A CG  1 
ATOM   893  C CD  . GLU A 1 109 ? 17.248  3.879   -0.899  1.00 24.37 ? 156 GLU A CD  1 
ATOM   894  O OE1 . GLU A 1 109 ? 17.589  3.417   0.213   1.00 23.98 ? 156 GLU A OE1 1 
ATOM   895  O OE2 . GLU A 1 109 ? 17.138  5.104   -1.093  1.00 26.04 ? 156 GLU A OE2 1 
ATOM   896  N N   . ASP A 1 110 ? 17.506  -1.304  -1.663  1.00 21.77 ? 157 ASP A N   1 
ATOM   897  C CA  . ASP A 1 110 ? 17.835  -2.719  -1.483  1.00 22.37 ? 157 ASP A CA  1 
ATOM   898  C C   . ASP A 1 110 ? 16.870  -3.411  -0.521  1.00 22.29 ? 157 ASP A C   1 
ATOM   899  O O   . ASP A 1 110 ? 17.150  -4.496  -0.015  1.00 22.43 ? 157 ASP A O   1 
ATOM   900  C CB  . ASP A 1 110 ? 19.311  -2.910  -1.044  1.00 23.04 ? 157 ASP A CB  1 
ATOM   901  C CG  . ASP A 1 110 ? 19.805  -1.813  -0.124  1.00 24.79 ? 157 ASP A CG  1 
ATOM   902  O OD1 . ASP A 1 110 ? 19.013  -0.922  0.242   1.00 28.42 ? 157 ASP A OD1 1 
ATOM   903  O OD2 . ASP A 1 110 ? 20.998  -1.833  0.241   1.00 29.74 ? 157 ASP A OD2 1 
ATOM   904  N N   . ASN A 1 111 ? 15.724  -2.779  -0.285  1.00 21.62 ? 158 ASN A N   1 
ATOM   905  C CA  . ASN A 1 111 ? 14.781  -3.246  0.709   1.00 21.54 ? 158 ASN A CA  1 
ATOM   906  C C   . ASN A 1 111 ? 13.508  -3.820  0.074   1.00 20.99 ? 158 ASN A C   1 
ATOM   907  O O   . ASN A 1 111 ? 12.589  -4.253  0.781   1.00 21.02 ? 158 ASN A O   1 
ATOM   908  C CB  . ASN A 1 111 ? 14.451  -2.098  1.679   1.00 21.21 ? 158 ASN A CB  1 
ATOM   909  C CG  . ASN A 1 111 ? 15.674  -1.650  2.491   1.00 22.88 ? 158 ASN A CG  1 
ATOM   910  O OD1 . ASN A 1 111 ? 16.380  -2.475  3.071   1.00 22.90 ? 158 ASN A OD1 1 
ATOM   911  N ND2 . ASN A 1 111 ? 15.921  -0.343  2.530   1.00 23.36 ? 158 ASN A ND2 1 
ATOM   912  N N   . GLY A 1 112 ? 13.477  -3.834  -1.254  1.00 20.03 ? 159 GLY A N   1 
ATOM   913  C CA  . GLY A 1 112 ? 12.289  -4.235  -2.001  1.00 19.40 ? 159 GLY A CA  1 
ATOM   914  C C   . GLY A 1 112 ? 11.816  -5.649  -1.725  1.00 18.77 ? 159 GLY A C   1 
ATOM   915  O O   . GLY A 1 112 ? 10.625  -5.921  -1.812  1.00 18.07 ? 159 GLY A O   1 
ATOM   916  N N   . GLU A 1 113 ? 12.749  -6.548  -1.404  1.00 18.73 ? 160 GLU A N   1 
ATOM   917  C CA  . GLU A 1 113 ? 12.393  -7.913  -0.985  1.00 18.97 ? 160 GLU A CA  1 
ATOM   918  C C   . GLU A 1 113 ? 11.519  -7.955  0.290   1.00 18.38 ? 160 GLU A C   1 
ATOM   919  O O   . GLU A 1 113 ? 10.831  -8.942  0.535   1.00 18.36 ? 160 GLU A O   1 
ATOM   920  C CB  . GLU A 1 113 ? 13.643  -8.795  -0.818  1.00 18.97 ? 160 GLU A CB  1 
ATOM   921  C CG  . GLU A 1 113 ? 14.706  -8.261  0.158   1.00 21.95 ? 160 GLU A CG  1 
ATOM   922  C CD  . GLU A 1 113 ? 15.812  -7.457  -0.531  1.00 25.76 ? 160 GLU A CD  1 
ATOM   923  O OE1 . GLU A 1 113 ? 15.507  -6.581  -1.397  1.00 25.71 ? 160 GLU A OE1 1 
ATOM   924  O OE2 . GLU A 1 113 ? 16.997  -7.718  -0.203  1.00 27.19 ? 160 GLU A OE2 1 
ATOM   925  N N   . TYR A 1 114 ? 11.547  -6.892  1.088   1.00 17.61 ? 161 TYR A N   1 
ATOM   926  C CA  . TYR A 1 114 ? 10.765  -6.860  2.326   1.00 17.68 ? 161 TYR A CA  1 
ATOM   927  C C   . TYR A 1 114 ? 9.342   -6.318  2.158   1.00 17.41 ? 161 TYR A C   1 
ATOM   928  O O   . TYR A 1 114 ? 8.514   -6.459  3.047   1.00 17.70 ? 161 TYR A O   1 
ATOM   929  C CB  . TYR A 1 114 ? 11.514  -6.090  3.411   1.00 17.39 ? 161 TYR A CB  1 
ATOM   930  C CG  . TYR A 1 114 ? 12.736  -6.830  3.867   1.00 19.29 ? 161 TYR A CG  1 
ATOM   931  C CD1 . TYR A 1 114 ? 12.639  -7.822  4.839   1.00 19.83 ? 161 TYR A CD1 1 
ATOM   932  C CD2 . TYR A 1 114 ? 13.988  -6.563  3.303   1.00 18.90 ? 161 TYR A CD2 1 
ATOM   933  C CE1 . TYR A 1 114 ? 13.766  -8.520  5.263   1.00 23.19 ? 161 TYR A CE1 1 
ATOM   934  C CE2 . TYR A 1 114 ? 15.115  -7.254  3.712   1.00 21.58 ? 161 TYR A CE2 1 
ATOM   935  C CZ  . TYR A 1 114 ? 14.995  -8.228  4.692   1.00 22.47 ? 161 TYR A CZ  1 
ATOM   936  O OH  . TYR A 1 114 ? 16.092  -8.919  5.098   1.00 24.96 ? 161 TYR A OH  1 
ATOM   937  N N   . ILE A 1 115 ? 9.059   -5.708  1.016   1.00 17.16 ? 162 ILE A N   1 
ATOM   938  C CA  . ILE A 1 115 ? 7.733   -5.168  0.751   1.00 16.78 ? 162 ILE A CA  1 
ATOM   939  C C   . ILE A 1 115 ? 6.752   -6.249  0.275   1.00 16.97 ? 162 ILE A C   1 
ATOM   940  O O   . ILE A 1 115 ? 7.029   -6.969  -0.683  1.00 16.86 ? 162 ILE A O   1 
ATOM   941  C CB  . ILE A 1 115 ? 7.838   -4.004  -0.259  1.00 17.24 ? 162 ILE A CB  1 
ATOM   942  C CG1 . ILE A 1 115 ? 8.458   -2.795  0.454   1.00 16.94 ? 162 ILE A CG1 1 
ATOM   943  C CG2 . ILE A 1 115 ? 6.458   -3.638  -0.859  1.00 16.20 ? 162 ILE A CG2 1 
ATOM   944  C CD1 . ILE A 1 115 ? 9.040   -1.830  -0.459  1.00 18.27 ? 162 ILE A CD1 1 
ATOM   945  N N   . CYS A 1 116 ? 5.605   -6.357  0.943   1.00 16.59 ? 163 CYS A N   1 
ATOM   946  C CA  . CYS A 1 116 ? 4.580   -7.299  0.530   1.00 16.63 ? 163 CYS A CA  1 
ATOM   947  C C   . CYS A 1 116 ? 3.549   -6.641  -0.372  1.00 16.66 ? 163 CYS A C   1 
ATOM   948  O O   . CYS A 1 116 ? 3.194   -7.192  -1.413  1.00 15.61 ? 163 CYS A O   1 
ATOM   949  C CB  . CYS A 1 116 ? 3.884   -7.901  1.742   1.00 16.85 ? 163 CYS A CB  1 
ATOM   950  S SG  . CYS A 1 116 ? 5.047   -8.694  2.813   1.00 18.77 ? 163 CYS A SG  1 
ATOM   951  N N   . GLY A 1 117 ? 3.056   -5.474  0.035   1.00 16.45 ? 164 GLY A N   1 
ATOM   952  C CA  . GLY A 1 117 ? 2.129   -4.734  -0.801  1.00 17.17 ? 164 GLY A CA  1 
ATOM   953  C C   . GLY A 1 117 ? 1.567   -3.509  -0.127  1.00 17.49 ? 164 GLY A C   1 
ATOM   954  O O   . GLY A 1 117 ? 1.951   -3.183  0.999   1.00 18.77 ? 164 GLY A O   1 
ATOM   955  N N   . ALA A 1 118 ? 0.648   -2.837  -0.812  1.00 17.13 ? 165 ALA A N   1 
ATOM   956  C CA  . ALA A 1 118 ? -0.001  -1.631  -0.282  1.00 16.41 ? 165 ALA A CA  1 
ATOM   957  C C   . ALA A 1 118 ? -1.503  -1.818  -0.075  1.00 16.41 ? 165 ALA A C   1 
ATOM   958  O O   . ALA A 1 118 ? -2.144  -2.615  -0.771  1.00 16.01 ? 165 ALA A O   1 
ATOM   959  C CB  . ALA A 1 118 ? 0.233   -0.474  -1.217  1.00 16.02 ? 165 ALA A CB  1 
ATOM   960  N N   . VAL A 1 119 ? -2.063  -1.037  0.849   1.00 16.07 ? 166 VAL A N   1 
ATOM   961  C CA  . VAL A 1 119 ? -3.485  -1.107  1.159   1.00 16.25 ? 166 VAL A CA  1 
ATOM   962  C C   . VAL A 1 119 ? -4.071  0.287   1.350   1.00 16.19 ? 166 VAL A C   1 
ATOM   963  O O   . VAL A 1 119 ? -3.511  1.119   2.087   1.00 14.71 ? 166 VAL A O   1 
ATOM   964  C CB  . VAL A 1 119 ? -3.737  -1.883  2.479   1.00 16.04 ? 166 VAL A CB  1 
ATOM   965  C CG1 . VAL A 1 119 ? -5.254  -2.024  2.772   1.00 17.35 ? 166 VAL A CG1 1 
ATOM   966  C CG2 . VAL A 1 119 ? -3.061  -3.240  2.451   1.00 16.74 ? 166 VAL A CG2 1 
ATOM   967  N N   . VAL A 1 120 ? -5.206  0.539   0.700   1.00 15.99 ? 167 VAL A N   1 
ATOM   968  C CA  . VAL A 1 120 ? -6.009  1.683   1.067   1.00 15.77 ? 167 VAL A CA  1 
ATOM   969  C C   . VAL A 1 120 ? -7.353  1.217   1.632   1.00 16.57 ? 167 VAL A C   1 
ATOM   970  O O   . VAL A 1 120 ? -8.075  0.451   0.984   1.00 15.81 ? 167 VAL A O   1 
ATOM   971  C CB  . VAL A 1 120 ? -6.156  2.721   -0.083  1.00 15.95 ? 167 VAL A CB  1 
ATOM   972  C CG1 . VAL A 1 120 ? -6.668  2.075   -1.374  1.00 16.04 ? 167 VAL A CG1 1 
ATOM   973  C CG2 . VAL A 1 120 ? -7.063  3.906   0.353   1.00 15.14 ? 167 VAL A CG2 1 
ATOM   974  N N   . ASN A 1 121 ? -7.659  1.661   2.854   1.00 16.69 ? 168 ASN A N   1 
ATOM   975  C CA  . ASN A 1 121 ? -8.956  1.423   3.482   1.00 17.81 ? 168 ASN A CA  1 
ATOM   976  C C   . ASN A 1 121 ? -9.742  2.724   3.425   1.00 18.02 ? 168 ASN A C   1 
ATOM   977  O O   . ASN A 1 121 ? -9.276  3.750   3.922   1.00 17.82 ? 168 ASN A O   1 
ATOM   978  C CB  . ASN A 1 121 ? -8.792  0.982   4.948   1.00 17.92 ? 168 ASN A CB  1 
ATOM   979  C CG  . ASN A 1 121 ? -7.810  -0.176  5.105   1.00 19.64 ? 168 ASN A CG  1 
ATOM   980  O OD1 . ASN A 1 121 ? -6.744  -0.013  5.693   1.00 21.22 ? 168 ASN A OD1 1 
ATOM   981  N ND2 . ASN A 1 121 ? -8.164  -1.350  4.571   1.00 19.62 ? 168 ASN A ND2 1 
ATOM   982  N N   . VAL A 1 122 ? -10.914 2.693   2.795   1.00 18.53 ? 169 VAL A N   1 
ATOM   983  C CA  . VAL A 1 122 ? -11.771 3.867   2.730   1.00 18.90 ? 169 VAL A CA  1 
ATOM   984  C C   . VAL A 1 122 ? -12.794 3.735   3.849   1.00 20.33 ? 169 VAL A C   1 
ATOM   985  O O   . VAL A 1 122 ? -13.577 2.767   3.870   1.00 19.66 ? 169 VAL A O   1 
ATOM   986  C CB  . VAL A 1 122 ? -12.458 4.014   1.349   1.00 18.59 ? 169 VAL A CB  1 
ATOM   987  C CG1 . VAL A 1 122 ? -13.594 5.016   1.397   1.00 19.05 ? 169 VAL A CG1 1 
ATOM   988  C CG2 . VAL A 1 122 ? -11.459 4.428   0.296   1.00 19.05 ? 169 VAL A CG2 1 
ATOM   989  N N   . ARG A 1 123 ? -12.780 4.700   4.777   1.00 21.32 ? 170 ARG A N   1 
ATOM   990  C CA  . ARG A 1 123 ? -13.632 4.651   5.963   1.00 22.88 ? 170 ARG A CA  1 
ATOM   991  C C   . ARG A 1 123 ? -14.330 6.001   6.262   1.00 23.96 ? 170 ARG A C   1 
ATOM   992  O O   . ARG A 1 123 ? -13.880 7.063   5.809   1.00 24.74 ? 170 ARG A O   1 
ATOM   993  C CB  . ARG A 1 123 ? -12.814 4.188   7.189   1.00 23.06 ? 170 ARG A CB  1 
ATOM   994  C CG  . ARG A 1 123 ? -12.123 2.811   7.077   1.00 22.68 ? 170 ARG A CG  1 
ATOM   995  C CD  . ARG A 1 123 ? -13.126 1.650   7.010   1.00 21.90 ? 170 ARG A CD  1 
ATOM   996  N NE  . ARG A 1 123 ? -12.483 0.337   6.844   1.00 22.05 ? 170 ARG A NE  1 
ATOM   997  C CZ  . ARG A 1 123 ? -12.129 -0.219  5.679   1.00 21.68 ? 170 ARG A CZ  1 
ATOM   998  N NH1 . ARG A 1 123 ? -12.332 0.406   4.521   1.00 20.02 ? 170 ARG A NH1 1 
ATOM   999  N NH2 . ARG A 1 123 ? -11.564 -1.419  5.671   1.00 21.49 ? 170 ARG A NH2 1 
ATOM   1000 N N   . GLN A 1 124 ? -15.432 5.946   7.010   1.00 24.49 ? 171 GLN A N   1 
ATOM   1001 C CA  . GLN A 1 124 ? -16.154 7.148   7.462   1.00 25.07 ? 171 GLN A CA  1 
ATOM   1002 C C   . GLN A 1 124 ? -15.351 7.990   8.461   1.00 25.26 ? 171 GLN A C   1 
ATOM   1003 O O   . GLN A 1 124 ? -15.249 9.215   8.307   1.00 25.47 ? 171 GLN A O   1 
ATOM   1004 C CB  . GLN A 1 124 ? -17.503 6.776   8.070   1.00 24.96 ? 171 GLN A CB  1 
ATOM   1005 N N   . LYS A 1 125 ? -14.774 7.323   9.465   1.00 25.42 ? 172 LYS A N   1 
ATOM   1006 C CA  . LYS A 1 125 ? -13.931 7.961   10.490  1.00 25.09 ? 172 LYS A CA  1 
ATOM   1007 C C   . LYS A 1 125 ? -12.570 8.463   9.974   1.00 25.23 ? 172 LYS A C   1 
ATOM   1008 O O   . LYS A 1 125 ? -11.845 9.139   10.709  1.00 25.41 ? 172 LYS A O   1 
ATOM   1009 C CB  . LYS A 1 125 ? -13.672 6.987   11.650  1.00 25.09 ? 172 LYS A CB  1 
ATOM   1010 C CG  . LYS A 1 125 ? -14.912 6.470   12.376  1.00 25.14 ? 172 LYS A CG  1 
ATOM   1011 C CD  . LYS A 1 125 ? -15.666 7.575   13.057  1.00 24.53 ? 172 LYS A CD  1 
ATOM   1012 C CE  . LYS A 1 125 ? -16.855 7.028   13.797  1.00 24.82 ? 172 LYS A CE  1 
ATOM   1013 N NZ  . LYS A 1 125 ? -17.650 8.156   14.302  1.00 23.43 ? 172 LYS A NZ  1 
ATOM   1014 N N   . GLY A 1 126 ? -12.206 8.101   8.742   1.00 24.79 ? 173 GLY A N   1 
ATOM   1015 C CA  . GLY A 1 126 ? -10.936 8.532   8.148   1.00 24.05 ? 173 GLY A CA  1 
ATOM   1016 C C   . GLY A 1 126 ? -10.252 7.426   7.356   1.00 23.62 ? 173 GLY A C   1 
ATOM   1017 O O   . GLY A 1 126 ? -10.149 6.288   7.816   1.00 23.97 ? 173 GLY A O   1 
ATOM   1018 N N   . ASP A 1 127 ? -9.767  7.758   6.169   1.00 22.86 ? 174 ASP A N   1 
ATOM   1019 C CA  . ASP A 1 127 ? -9.099  6.762   5.325   1.00 22.31 ? 174 ASP A CA  1 
ATOM   1020 C C   . ASP A 1 127 ? -7.666  6.473   5.791   1.00 22.13 ? 174 ASP A C   1 
ATOM   1021 O O   . ASP A 1 127 ? -7.045  7.310   6.447   1.00 22.00 ? 174 ASP A O   1 
ATOM   1022 C CB  . ASP A 1 127 ? -9.088  7.230   3.879   1.00 22.15 ? 174 ASP A CB  1 
ATOM   1023 C CG  . ASP A 1 127 ? -10.406 7.830   3.456   1.00 22.10 ? 174 ASP A CG  1 
ATOM   1024 O OD1 . ASP A 1 127 ? -11.428 7.100   3.387   1.00 20.36 ? 174 ASP A OD1 1 
ATOM   1025 O OD2 . ASP A 1 127 ? -10.413 9.047   3.191   1.00 23.21 ? 174 ASP A OD2 1 
ATOM   1026 N N   . LYS A 1 128 ? -7.168  5.285   5.440   1.00 21.88 ? 175 LYS A N   1 
ATOM   1027 C CA  . LYS A 1 128 ? -5.833  4.818   5.780   1.00 21.91 ? 175 LYS A CA  1 
ATOM   1028 C C   . LYS A 1 128 ? -5.128  4.254   4.538   1.00 22.04 ? 175 LYS A C   1 
ATOM   1029 O O   . LYS A 1 128 ? -5.701  3.441   3.802   1.00 21.97 ? 175 LYS A O   1 
ATOM   1030 C CB  . LYS A 1 128 ? -5.908  3.738   6.864   1.00 22.10 ? 175 LYS A CB  1 
ATOM   1031 C CG  . LYS A 1 128 ? -6.447  4.253   8.219   1.00 23.57 ? 175 LYS A CG  1 
ATOM   1032 C CD  . LYS A 1 128 ? -6.635  3.154   9.253   1.00 26.23 ? 175 LYS A CD  1 
ATOM   1033 C CE  . LYS A 1 128 ? -7.834  2.278   8.955   1.00 27.02 ? 175 LYS A CE  1 
ATOM   1034 N NZ  . LYS A 1 128 ? -8.179  1.471   10.160  1.00 29.29 ? 175 LYS A NZ  1 
ATOM   1035 N N   . VAL A 1 129 ? -3.903  4.721   4.299   1.00 21.58 ? 176 VAL A N   1 
ATOM   1036 C CA  . VAL A 1 129 ? -3.010  4.154   3.284   1.00 21.38 ? 176 VAL A CA  1 
ATOM   1037 C C   . VAL A 1 129 ? -1.868  3.490   4.049   1.00 21.06 ? 176 VAL A C   1 
ATOM   1038 O O   . VAL A 1 129 ? -1.246  4.134   4.890   1.00 21.78 ? 176 VAL A O   1 
ATOM   1039 C CB  . VAL A 1 129 ? -2.483  5.248   2.324   1.00 21.57 ? 176 VAL A CB  1 
ATOM   1040 C CG1 . VAL A 1 129 ? -1.443  4.686   1.339   1.00 21.66 ? 176 VAL A CG1 1 
ATOM   1041 C CG2 . VAL A 1 129 ? -3.627  5.915   1.568   1.00 21.17 ? 176 VAL A CG2 1 
ATOM   1042 N N   . SER A 1 130 ? -1.613  2.211   3.776   1.00 20.06 ? 177 SER A N   1 
ATOM   1043 C CA  . SER A 1 130 ? -0.598  1.440   4.493   1.00 20.12 ? 177 SER A CA  1 
ATOM   1044 C C   . SER A 1 130 ? 0.363   0.716   3.550   1.00 19.58 ? 177 SER A C   1 
ATOM   1045 O O   . SER A 1 130 ? -0.014  0.341   2.439   1.00 18.81 ? 177 SER A O   1 
ATOM   1046 C CB  . SER A 1 130 ? -1.252  0.395   5.381   1.00 19.58 ? 177 SER A CB  1 
ATOM   1047 O OG  . SER A 1 130 ? -1.914  1.011   6.453   1.00 22.49 ? 177 SER A OG  1 
ATOM   1048 N N   . LEU A 1 131 ? 1.585   0.489   4.021   1.00 19.30 ? 178 LEU A N   1 
ATOM   1049 C CA  . LEU A 1 131 ? 2.558   -0.311  3.263   1.00 20.39 ? 178 LEU A CA  1 
ATOM   1050 C C   . LEU A 1 131 ? 2.965   -1.486  4.140   1.00 20.18 ? 178 LEU A C   1 
ATOM   1051 O O   . LEU A 1 131 ? 3.532   -1.285  5.205   1.00 20.60 ? 178 LEU A O   1 
ATOM   1052 C CB  . LEU A 1 131 ? 3.771   0.534   2.842   1.00 19.84 ? 178 LEU A CB  1 
ATOM   1053 C CG  . LEU A 1 131 ? 4.921   -0.141  2.061   1.00 21.64 ? 178 LEU A CG  1 
ATOM   1054 C CD1 . LEU A 1 131 ? 4.444   -0.768  0.757   1.00 22.22 ? 178 LEU A CD1 1 
ATOM   1055 C CD2 . LEU A 1 131 ? 6.041   0.867   1.772   1.00 20.51 ? 178 LEU A CD2 1 
ATOM   1056 N N   . TRP A 1 132 ? 2.674   -2.698  3.673   1.00 20.03 ? 179 TRP A N   1 
ATOM   1057 C CA  . TRP A 1 132 ? 2.949   -3.939  4.412   1.00 19.92 ? 179 TRP A CA  1 
ATOM   1058 C C   . TRP A 1 132 ? 4.332   -4.506  4.081   1.00 20.17 ? 179 TRP A C   1 
ATOM   1059 O O   . TRP A 1 132 ? 4.680   -4.646  2.904   1.00 18.96 ? 179 TRP A O   1 
ATOM   1060 C CB  . TRP A 1 132 ? 1.902   -5.017  4.086   1.00 19.99 ? 179 TRP A CB  1 
ATOM   1061 C CG  . TRP A 1 132 ? 0.517   -4.779  4.632   1.00 19.36 ? 179 TRP A CG  1 
ATOM   1062 C CD1 . TRP A 1 132 ? -0.067  -3.579  4.918   1.00 18.76 ? 179 TRP A CD1 1 
ATOM   1063 C CD2 . TRP A 1 132 ? -0.470  -5.778  4.907   1.00 19.29 ? 179 TRP A CD2 1 
ATOM   1064 N NE1 . TRP A 1 132 ? -1.342  -3.768  5.376   1.00 19.12 ? 179 TRP A NE1 1 
ATOM   1065 C CE2 . TRP A 1 132 ? -1.621  -5.109  5.381   1.00 19.28 ? 179 TRP A CE2 1 
ATOM   1066 C CE3 . TRP A 1 132 ? -0.484  -7.174  4.827   1.00 19.48 ? 179 TRP A CE3 1 
ATOM   1067 C CZ2 . TRP A 1 132 ? -2.782  -5.786  5.757   1.00 19.66 ? 179 TRP A CZ2 1 
ATOM   1068 C CZ3 . TRP A 1 132 ? -1.644  -7.854  5.197   1.00 21.26 ? 179 TRP A CZ3 1 
ATOM   1069 C CH2 . TRP A 1 132 ? -2.776  -7.155  5.656   1.00 21.23 ? 179 TRP A CH2 1 
ATOM   1070 N N   . THR A 1 133 ? 5.094   -4.839  5.132   1.00 20.20 ? 180 THR A N   1 
ATOM   1071 C CA  . THR A 1 133 ? 6.417   -5.450  5.001   1.00 20.67 ? 180 THR A CA  1 
ATOM   1072 C C   . THR A 1 133 ? 6.436   -6.828  5.683   1.00 21.00 ? 180 THR A C   1 
ATOM   1073 O O   . THR A 1 133 ? 5.583   -7.113  6.528   1.00 20.08 ? 180 THR A O   1 
ATOM   1074 C CB  . THR A 1 133 ? 7.533   -4.550  5.583   1.00 20.62 ? 180 THR A CB  1 
ATOM   1075 O OG1 . THR A 1 133 ? 7.400   -4.479  7.012   1.00 21.13 ? 180 THR A OG1 1 
ATOM   1076 C CG2 . THR A 1 133 ? 7.435   -3.149  5.002   1.00 20.98 ? 180 THR A CG2 1 
ATOM   1077 N N   . ARG A 1 134 ? 7.408   -7.671  5.331   1.00 20.90 ? 181 ARG A N   1 
ATOM   1078 C CA  . ARG A 1 134 ? 7.352   -9.074  5.756   1.00 21.91 ? 181 ARG A CA  1 
ATOM   1079 C C   . ARG A 1 134 ? 7.956   -9.383  7.132   1.00 21.80 ? 181 ARG A C   1 
ATOM   1080 O O   . ARG A 1 134 ? 7.690   -10.439 7.683   1.00 22.23 ? 181 ARG A O   1 
ATOM   1081 C CB  . ARG A 1 134 ? 7.860   -10.033 4.664   1.00 21.96 ? 181 ARG A CB  1 
ATOM   1082 C CG  . ARG A 1 134 ? 9.323   -9.947  4.307   1.00 23.83 ? 181 ARG A CG  1 
ATOM   1083 C CD  . ARG A 1 134 ? 9.740   -11.123 3.397   1.00 25.48 ? 181 ARG A CD  1 
ATOM   1084 N NE  . ARG A 1 134 ? 9.274   -10.970 2.013   1.00 28.44 ? 181 ARG A NE  1 
ATOM   1085 C CZ  . ARG A 1 134 ? 8.279   -11.666 1.456   1.00 30.36 ? 181 ARG A CZ  1 
ATOM   1086 N NH1 . ARG A 1 134 ? 7.937   -11.444 0.189   1.00 30.65 ? 181 ARG A NH1 1 
ATOM   1087 N NH2 . ARG A 1 134 ? 7.622   -12.590 2.152   1.00 30.38 ? 181 ARG A NH2 1 
ATOM   1088 N N   . ASP A 1 135 ? 8.746   -8.466  7.690   1.00 22.10 ? 182 ASP A N   1 
ATOM   1089 C CA  . ASP A 1 135 ? 9.400   -8.704  8.976   1.00 22.75 ? 182 ASP A CA  1 
ATOM   1090 C C   . ASP A 1 135 ? 9.340   -7.482  9.900   1.00 22.96 ? 182 ASP A C   1 
ATOM   1091 O O   . ASP A 1 135 ? 10.027  -6.482  9.680   1.00 22.63 ? 182 ASP A O   1 
ATOM   1092 C CB  . ASP A 1 135 ? 10.849  -9.172  8.780   1.00 22.77 ? 182 ASP A CB  1 
ATOM   1093 C CG  . ASP A 1 135 ? 11.509  -9.638  10.090  1.00 24.31 ? 182 ASP A CG  1 
ATOM   1094 O OD1 . ASP A 1 135 ? 10.962  -9.411  11.199  1.00 24.57 ? 182 ASP A OD1 1 
ATOM   1095 O OD2 . ASP A 1 135 ? 12.599  -10.238 10.008  1.00 25.56 ? 182 ASP A OD2 1 
ATOM   1096 N N   . SER A 1 136 ? 8.534   -7.595  10.951  1.00 23.23 ? 183 SER A N   1 
ATOM   1097 C CA  . SER A 1 136 ? 8.326   -6.502  11.899  1.00 23.75 ? 183 SER A CA  1 
ATOM   1098 C C   . SER A 1 136 ? 9.534   -6.204  12.803  1.00 23.94 ? 183 SER A C   1 
ATOM   1099 O O   . SER A 1 136 ? 9.585   -5.146  13.433  1.00 24.02 ? 183 SER A O   1 
ATOM   1100 C CB  . SER A 1 136 ? 7.109   -6.809  12.765  1.00 23.92 ? 183 SER A CB  1 
ATOM   1101 O OG  . SER A 1 136 ? 7.323   -8.021  13.458  1.00 24.22 ? 183 SER A OG  1 
ATOM   1102 N N   . LEU A 1 137 ? 10.500  -7.123  12.872  1.00 24.13 ? 184 LEU A N   1 
ATOM   1103 C CA  . LEU A 1 137 ? 11.678  -6.924  13.726  1.00 24.39 ? 184 LEU A CA  1 
ATOM   1104 C C   . LEU A 1 137 ? 12.893  -6.347  12.991  1.00 24.41 ? 184 LEU A C   1 
ATOM   1105 O O   . LEU A 1 137 ? 13.893  -6.011  13.618  1.00 24.26 ? 184 LEU A O   1 
ATOM   1106 C CB  . LEU A 1 137 ? 12.074  -8.222  14.454  1.00 24.49 ? 184 LEU A CB  1 
ATOM   1107 C CG  . LEU A 1 137 ? 11.075  -8.981  15.343  1.00 25.20 ? 184 LEU A CG  1 
ATOM   1108 C CD1 . LEU A 1 137 ? 11.787  -10.154 16.016  1.00 24.68 ? 184 LEU A CD1 1 
ATOM   1109 C CD2 . LEU A 1 137 ? 10.366  -8.091  16.393  1.00 25.44 ? 184 LEU A CD2 1 
ATOM   1110 N N   . LYS A 1 138 ? 12.804  -6.237  11.669  1.00 24.56 ? 185 LYS A N   1 
ATOM   1111 C CA  . LYS A 1 138 ? 13.874  -5.642  10.871  1.00 24.65 ? 185 LYS A CA  1 
ATOM   1112 C C   . LYS A 1 138 ? 13.791  -4.120  10.932  1.00 24.10 ? 185 LYS A C   1 
ATOM   1113 O O   . LYS A 1 138 ? 13.414  -3.474  9.950   1.00 23.95 ? 185 LYS A O   1 
ATOM   1114 C CB  . LYS A 1 138 ? 13.794  -6.125  9.421   1.00 25.02 ? 185 LYS A CB  1 
ATOM   1115 C CG  . LYS A 1 138 ? 14.400  -7.504  9.180   1.00 26.59 ? 185 LYS A CG  1 
ATOM   1116 C CD  . LYS A 1 138 ? 15.885  -7.431  8.860   1.00 28.93 ? 185 LYS A CD  1 
ATOM   1117 C CE  . LYS A 1 138 ? 16.407  -8.780  8.372   1.00 29.71 ? 185 LYS A CE  1 
ATOM   1118 N NZ  . LYS A 1 138 ? 17.876  -8.913  8.571   1.00 30.78 ? 185 LYS A NZ  1 
ATOM   1119 N N   . ASP A 1 139 ? 14.147  -3.566  12.094  1.00 23.52 ? 186 ASP A N   1 
ATOM   1120 C CA  . ASP A 1 139 ? 14.005  -2.134  12.387  1.00 23.07 ? 186 ASP A CA  1 
ATOM   1121 C C   . ASP A 1 139 ? 14.724  -1.195  11.408  1.00 22.68 ? 186 ASP A C   1 
ATOM   1122 O O   . ASP A 1 139 ? 14.146  -0.185  10.968  1.00 21.54 ? 186 ASP A O   1 
ATOM   1123 C CB  . ASP A 1 139 ? 14.470  -1.835  13.813  1.00 23.05 ? 186 ASP A CB  1 
ATOM   1124 C CG  . ASP A 1 139 ? 13.517  -2.377  14.874  1.00 23.51 ? 186 ASP A CG  1 
ATOM   1125 O OD1 . ASP A 1 139 ? 12.334  -2.650  14.569  1.00 23.57 ? 186 ASP A OD1 1 
ATOM   1126 O OD2 . ASP A 1 139 ? 13.956  -2.522  16.027  1.00 21.85 ? 186 ASP A OD2 1 
ATOM   1127 N N   . ASP A 1 140 ? 15.979  -1.522  11.089  1.00 22.61 ? 187 ASP A N   1 
ATOM   1128 C CA  . ASP A 1 140 ? 16.779  -0.717  10.152  1.00 23.14 ? 187 ASP A CA  1 
ATOM   1129 C C   . ASP A 1 140 ? 16.109  -0.646  8.771   1.00 22.41 ? 187 ASP A C   1 
ATOM   1130 O O   . ASP A 1 140 ? 15.983  0.429   8.183   1.00 22.57 ? 187 ASP A O   1 
ATOM   1131 C CB  . ASP A 1 140 ? 18.212  -1.258  10.040  1.00 23.56 ? 187 ASP A CB  1 
ATOM   1132 C CG  . ASP A 1 140 ? 18.915  -1.363  11.395  1.00 25.98 ? 187 ASP A CG  1 
ATOM   1133 O OD1 . ASP A 1 140 ? 18.273  -1.774  12.392  1.00 31.10 ? 187 ASP A OD1 1 
ATOM   1134 O OD2 . ASP A 1 140 ? 20.122  -1.058  11.470  1.00 27.68 ? 187 ASP A OD2 1 
ATOM   1135 N N   . VAL A 1 141 ? 15.661  -1.801  8.284   1.00 21.91 ? 188 VAL A N   1 
ATOM   1136 C CA  . VAL A 1 141 ? 15.005  -1.922  6.992   1.00 20.97 ? 188 VAL A CA  1 
ATOM   1137 C C   . VAL A 1 141 ? 13.657  -1.177  7.002   1.00 20.88 ? 188 VAL A C   1 
ATOM   1138 O O   . VAL A 1 141 ? 13.352  -0.402  6.089   1.00 19.91 ? 188 VAL A O   1 
ATOM   1139 C CB  . VAL A 1 141 ? 14.826  -3.427  6.625   1.00 21.60 ? 188 VAL A CB  1 
ATOM   1140 C CG1 . VAL A 1 141 ? 13.761  -3.635  5.538   1.00 19.87 ? 188 VAL A CG1 1 
ATOM   1141 C CG2 . VAL A 1 141 ? 16.176  -4.061  6.238   1.00 22.09 ? 188 VAL A CG2 1 
ATOM   1142 N N   . ASN A 1 142 ? 12.864  -1.414  8.046   1.00 20.05 ? 189 ASN A N   1 
ATOM   1143 C CA  . ASN A 1 142 ? 11.574  -0.755  8.196   1.00 20.09 ? 189 ASN A CA  1 
ATOM   1144 C C   . ASN A 1 142 ? 11.674  0.764   8.303   1.00 20.15 ? 189 ASN A C   1 
ATOM   1145 O O   . ASN A 1 142 ? 10.921  1.476   7.645   1.00 20.21 ? 189 ASN A O   1 
ATOM   1146 C CB  . ASN A 1 142 ? 10.789  -1.375  9.361   1.00 19.65 ? 189 ASN A CB  1 
ATOM   1147 C CG  . ASN A 1 142 ? 10.271  -2.768  9.019   1.00 19.63 ? 189 ASN A CG  1 
ATOM   1148 O OD1 . ASN A 1 142 ? 9.908   -3.041  7.871   1.00 21.95 ? 189 ASN A OD1 1 
ATOM   1149 N ND2 . ASN A 1 142 ? 10.258  -3.656  9.995   1.00 20.63 ? 189 ASN A ND2 1 
ATOM   1150 N N   . LEU A 1 143 ? 12.643  1.259   9.075   1.00 20.44 ? 190 LEU A N   1 
ATOM   1151 C CA  . LEU A 1 143 ? 12.823  2.693   9.225   1.00 20.70 ? 190 LEU A CA  1 
ATOM   1152 C C   . LEU A 1 143 ? 13.089  3.273   7.857   1.00 21.08 ? 190 LEU A C   1 
ATOM   1153 O O   . LEU A 1 143 ? 12.524  4.295   7.494   1.00 21.28 ? 190 LEU A O   1 
ATOM   1154 C CB  . LEU A 1 143 ? 13.959  3.045   10.205  1.00 20.19 ? 190 LEU A CB  1 
ATOM   1155 C CG  . LEU A 1 143 ? 14.337  4.529   10.376  1.00 20.52 ? 190 LEU A CG  1 
ATOM   1156 C CD1 . LEU A 1 143 ? 13.164  5.369   10.884  1.00 21.22 ? 190 LEU A CD1 1 
ATOM   1157 C CD2 . LEU A 1 143 ? 15.584  4.729   11.284  1.00 20.63 ? 190 LEU A CD2 1 
ATOM   1158 N N   . ARG A 1 144 ? 13.939  2.600   7.089   1.00 22.25 ? 191 ARG A N   1 
ATOM   1159 C CA  . ARG A 1 144 ? 14.338  3.117   5.794   1.00 22.74 ? 191 ARG A CA  1 
ATOM   1160 C C   . ARG A 1 144 ? 13.164  3.155   4.824   1.00 22.62 ? 191 ARG A C   1 
ATOM   1161 O O   . ARG A 1 144 ? 12.954  4.143   4.116   1.00 23.13 ? 191 ARG A O   1 
ATOM   1162 C CB  . ARG A 1 144 ? 15.503  2.311   5.214   1.00 23.09 ? 191 ARG A CB  1 
ATOM   1163 C CG  . ARG A 1 144 ? 16.043  2.911   3.924   1.00 24.49 ? 191 ARG A CG  1 
ATOM   1164 C CD  . ARG A 1 144 ? 16.340  4.394   4.135   1.00 26.66 ? 191 ARG A CD  1 
ATOM   1165 N NE  . ARG A 1 144 ? 16.903  5.035   2.955   1.00 26.85 ? 191 ARG A NE  1 
ATOM   1166 C CZ  . ARG A 1 144 ? 16.750  6.323   2.667   1.00 28.25 ? 191 ARG A CZ  1 
ATOM   1167 N NH1 . ARG A 1 144 ? 16.034  7.102   3.466   1.00 27.42 ? 191 ARG A NH1 1 
ATOM   1168 N NH2 . ARG A 1 144 ? 17.304  6.833   1.575   1.00 28.11 ? 191 ARG A NH2 1 
ATOM   1169 N N   . ILE A 1 145 ? 12.394  2.081   4.803   1.00 22.41 ? 192 ILE A N   1 
ATOM   1170 C CA  . ILE A 1 145 ? 11.188  2.032   3.994   1.00 22.07 ? 192 ILE A CA  1 
ATOM   1171 C C   . ILE A 1 145 ? 10.257  3.202   4.350   1.00 22.07 ? 192 ILE A C   1 
ATOM   1172 O O   . ILE A 1 145 ? 9.695   3.844   3.471   1.00 22.65 ? 192 ILE A O   1 
ATOM   1173 C CB  . ILE A 1 145 ? 10.491  0.664   4.130   1.00 21.64 ? 192 ILE A CB  1 
ATOM   1174 C CG1 . ILE A 1 145 ? 11.323  -0.407  3.421   1.00 22.09 ? 192 ILE A CG1 1 
ATOM   1175 C CG2 . ILE A 1 145 ? 9.091   0.709   3.543   1.00 20.66 ? 192 ILE A CG2 1 
ATOM   1176 C CD1 . ILE A 1 145 ? 10.874  -1.832  3.662   1.00 21.55 ? 192 ILE A CD1 1 
ATOM   1177 N N   . GLY A 1 146 ? 10.125  3.483   5.639   1.00 22.08 ? 193 GLY A N   1 
ATOM   1178 C CA  . GLY A 1 146 ? 9.267   4.554   6.109   1.00 21.70 ? 193 GLY A CA  1 
ATOM   1179 C C   . GLY A 1 146 ? 9.751   5.913   5.679   1.00 21.85 ? 193 GLY A C   1 
ATOM   1180 O O   . GLY A 1 146 ? 8.945   6.772   5.328   1.00 22.34 ? 193 GLY A O   1 
ATOM   1181 N N   . GLN A 1 147 ? 11.067  6.120   5.713   1.00 22.25 ? 194 GLN A N   1 
ATOM   1182 C CA  . GLN A 1 147 ? 11.629  7.410   5.325   1.00 22.76 ? 194 GLN A CA  1 
ATOM   1183 C C   . GLN A 1 147 ? 11.337  7.670   3.839   1.00 22.57 ? 194 GLN A C   1 
ATOM   1184 O O   . GLN A 1 147 ? 10.925  8.764   3.472   1.00 23.05 ? 194 GLN A O   1 
ATOM   1185 C CB  . GLN A 1 147 ? 13.132  7.507   5.665   1.00 22.54 ? 194 GLN A CB  1 
ATOM   1186 C CG  . GLN A 1 147 ? 13.440  7.414   7.178   1.00 23.20 ? 194 GLN A CG  1 
ATOM   1187 C CD  . GLN A 1 147 ? 14.936  7.177   7.512   1.00 26.98 ? 194 GLN A CD  1 
ATOM   1188 O OE1 . GLN A 1 147 ? 15.687  6.576   6.736   1.00 28.42 ? 194 GLN A OE1 1 
ATOM   1189 N NE2 . GLN A 1 147 ? 15.359  7.651   8.676   1.00 25.12 ? 194 GLN A NE2 1 
ATOM   1190 N N   . ILE A 1 148 ? 11.522  6.654   3.001   1.00 22.76 ? 195 ILE A N   1 
ATOM   1191 C CA  . ILE A 1 148 ? 11.222  6.764   1.574   1.00 22.30 ? 195 ILE A CA  1 
ATOM   1192 C C   . ILE A 1 148 ? 9.716   6.986   1.338   1.00 22.57 ? 195 ILE A C   1 
ATOM   1193 O O   . ILE A 1 148 ? 9.344   7.813   0.525   1.00 22.48 ? 195 ILE A O   1 
ATOM   1194 C CB  . ILE A 1 148 ? 11.727  5.525   0.777   1.00 22.20 ? 195 ILE A CB  1 
ATOM   1195 C CG1 . ILE A 1 148 ? 13.260  5.470   0.787   1.00 21.60 ? 195 ILE A CG1 1 
ATOM   1196 C CG2 . ILE A 1 148 ? 11.228  5.561   -0.670  1.00 20.89 ? 195 ILE A CG2 1 
ATOM   1197 C CD1 . ILE A 1 148 ? 13.831  4.086   0.535   1.00 22.16 ? 195 ILE A CD1 1 
ATOM   1198 N N   . LEU A 1 149 ? 8.863   6.254   2.047   1.00 22.74 ? 196 LEU A N   1 
ATOM   1199 C CA  . LEU A 1 149 ? 7.403   6.437   1.931   1.00 23.32 ? 196 LEU A CA  1 
ATOM   1200 C C   . LEU A 1 149 ? 6.993   7.892   2.232   1.00 22.96 ? 196 LEU A C   1 
ATOM   1201 O O   . LEU A 1 149 ? 6.250   8.523   1.475   1.00 22.25 ? 196 LEU A O   1 
ATOM   1202 C CB  . LEU A 1 149 ? 6.685   5.483   2.890   1.00 23.79 ? 196 LEU A CB  1 
ATOM   1203 C CG  . LEU A 1 149 ? 5.170   5.590   3.091   1.00 25.26 ? 196 LEU A CG  1 
ATOM   1204 C CD1 . LEU A 1 149 ? 4.450   5.173   1.825   1.00 26.59 ? 196 LEU A CD1 1 
ATOM   1205 C CD2 . LEU A 1 149 ? 4.744   4.697   4.234   1.00 25.94 ? 196 LEU A CD2 1 
ATOM   1206 N N   . LYS A 1 150 ? 7.500   8.401   3.351   1.00 22.87 ? 197 LYS A N   1 
ATOM   1207 C CA  . LYS A 1 150 ? 7.245   9.757   3.801   1.00 23.27 ? 197 LYS A CA  1 
ATOM   1208 C C   . LYS A 1 150 ? 7.631   10.750  2.708   1.00 23.16 ? 197 LYS A C   1 
ATOM   1209 O O   . LYS A 1 150 ? 6.875   11.686  2.414   1.00 22.90 ? 197 LYS A O   1 
ATOM   1210 C CB  . LYS A 1 150 ? 8.049   10.032  5.084   1.00 22.95 ? 197 LYS A CB  1 
ATOM   1211 C CG  . LYS A 1 150 ? 7.761   11.373  5.718   1.00 23.74 ? 197 LYS A CG  1 
ATOM   1212 C CD  . LYS A 1 150 ? 8.543   11.531  7.013   1.00 24.86 ? 197 LYS A CD  1 
ATOM   1213 C CE  . LYS A 1 150 ? 8.704   12.987  7.401   1.00 25.45 ? 197 LYS A CE  1 
ATOM   1214 N NZ  . LYS A 1 150 ? 7.444   13.582  7.920   1.00 25.05 ? 197 LYS A NZ  1 
ATOM   1215 N N   . ALA A 1 151 ? 8.807   10.520  2.110   1.00 23.07 ? 198 ALA A N   1 
ATOM   1216 C CA  . ALA A 1 151 ? 9.350   11.378  1.065   1.00 22.97 ? 198 ALA A CA  1 
ATOM   1217 C C   . ALA A 1 151 ? 8.497   11.327  -0.208  1.00 22.64 ? 198 ALA A C   1 
ATOM   1218 O O   . ALA A 1 151 ? 8.061   12.357  -0.717  1.00 22.52 ? 198 ALA A O   1 
ATOM   1219 C CB  . ALA A 1 151 ? 10.828  11.003  0.766   1.00 22.74 ? 198 ALA A CB  1 
ATOM   1220 N N   . LYS A 1 152 ? 8.239   10.119  -0.701  1.00 22.79 ? 199 LYS A N   1 
ATOM   1221 C CA  . LYS A 1 152 ? 7.413   9.912   -1.892  1.00 22.42 ? 199 LYS A CA  1 
ATOM   1222 C C   . LYS A 1 152 ? 6.050   10.566  -1.765  1.00 22.76 ? 199 LYS A C   1 
ATOM   1223 O O   . LYS A 1 152 ? 5.528   11.098  -2.734  1.00 22.72 ? 199 LYS A O   1 
ATOM   1224 C CB  . LYS A 1 152 ? 7.213   8.405   -2.156  1.00 22.26 ? 199 LYS A CB  1 
ATOM   1225 C CG  . LYS A 1 152 ? 8.468   7.673   -2.629  1.00 21.78 ? 199 LYS A CG  1 
ATOM   1226 C CD  . LYS A 1 152 ? 8.999   8.217   -3.950  1.00 18.61 ? 199 LYS A CD  1 
ATOM   1227 C CE  . LYS A 1 152 ? 10.302  7.542   -4.310  1.00 18.53 ? 199 LYS A CE  1 
ATOM   1228 N NZ  . LYS A 1 152 ? 10.663  7.824   -5.735  1.00 20.57 ? 199 LYS A NZ  1 
ATOM   1229 N N   . LEU A 1 153 ? 5.466   10.515  -0.569  1.00 23.02 ? 200 LEU A N   1 
ATOM   1230 C CA  . LEU A 1 153 ? 4.090   11.003  -0.382  1.00 24.10 ? 200 LEU A CA  1 
ATOM   1231 C C   . LEU A 1 153 ? 4.077   12.434  0.146   1.00 24.50 ? 200 LEU A C   1 
ATOM   1232 O O   . LEU A 1 153 ? 3.017   13.056  0.275   1.00 24.48 ? 200 LEU A O   1 
ATOM   1233 C CB  . LEU A 1 153 ? 3.289   10.063  0.528   1.00 23.35 ? 200 LEU A CB  1 
ATOM   1234 C CG  . LEU A 1 153 ? 2.619   8.863   -0.148  1.00 23.24 ? 200 LEU A CG  1 
ATOM   1235 C CD1 . LEU A 1 153 ? 3.616   7.974   -0.872  1.00 21.27 ? 200 LEU A CD1 1 
ATOM   1236 C CD2 . LEU A 1 153 ? 1.825   8.051   0.878   1.00 22.26 ? 200 LEU A CD2 1 
ATOM   1237 N N   . GLU A 1 154 ? 5.273   12.952  0.415   1.00 24.99 ? 201 GLU A N   1 
ATOM   1238 C CA  . GLU A 1 154 ? 5.437   14.307  0.946   1.00 26.02 ? 201 GLU A CA  1 
ATOM   1239 C C   . GLU A 1 154 ? 4.592   14.523  2.197   1.00 25.71 ? 201 GLU A C   1 
ATOM   1240 O O   . GLU A 1 154 ? 3.874   15.500  2.318   1.00 26.11 ? 201 GLU A O   1 
ATOM   1241 C CB  . GLU A 1 154 ? 5.171   15.353  -0.138  1.00 26.16 ? 201 GLU A CB  1 
ATOM   1242 C CG  . GLU A 1 154 ? 6.298   15.403  -1.160  1.00 28.73 ? 201 GLU A CG  1 
ATOM   1243 C CD  . GLU A 1 154 ? 5.987   16.259  -2.376  1.00 31.32 ? 201 GLU A CD  1 
ATOM   1244 O OE1 . GLU A 1 154 ? 4.899   16.100  -2.975  1.00 30.92 ? 201 GLU A OE1 1 
ATOM   1245 O OE2 . GLU A 1 154 ? 6.855   17.087  -2.742  1.00 33.48 ? 201 GLU A OE2 1 
ATOM   1246 N N   . ILE A 1 155 ? 4.700   13.582  3.126   1.00 26.07 ? 202 ILE A N   1 
ATOM   1247 C CA  . ILE A 1 155 ? 4.012   13.671  4.398   1.00 26.23 ? 202 ILE A CA  1 
ATOM   1248 C C   . ILE A 1 155 ? 4.820   14.569  5.348   1.00 26.78 ? 202 ILE A C   1 
ATOM   1249 O O   . ILE A 1 155 ? 5.973   14.259  5.658   1.00 26.49 ? 202 ILE A O   1 
ATOM   1250 C CB  . ILE A 1 155 ? 3.780   12.273  5.004   1.00 25.89 ? 202 ILE A CB  1 
ATOM   1251 C CG1 . ILE A 1 155 ? 2.974   11.401  4.021   1.00 24.56 ? 202 ILE A CG1 1 
ATOM   1252 C CG2 . ILE A 1 155 ? 3.094   12.392  6.374   1.00 25.89 ? 202 ILE A CG2 1 
ATOM   1253 C CD1 . ILE A 1 155 ? 3.008   9.909   4.310   1.00 21.10 ? 202 ILE A CD1 1 
ATOM   1254 N N   . PRO A 1 156 ? 4.216   15.694  5.791   1.00 27.36 ? 203 PRO A N   1 
ATOM   1255 C CA  . PRO A 1 156 ? 4.904   16.653  6.661   1.00 27.63 ? 203 PRO A CA  1 
ATOM   1256 C C   . PRO A 1 156 ? 5.094   16.118  8.077   1.00 28.08 ? 203 PRO A C   1 
ATOM   1257 O O   . PRO A 1 156 ? 4.435   15.148  8.482   1.00 28.18 ? 203 PRO A O   1 
ATOM   1258 C CB  . PRO A 1 156 ? 3.968   17.864  6.661   1.00 27.78 ? 203 PRO A CB  1 
ATOM   1259 C CG  . PRO A 1 156 ? 2.612   17.298  6.386   1.00 27.53 ? 203 PRO A CG  1 
ATOM   1260 C CD  . PRO A 1 156 ? 2.846   16.139  5.453   1.00 27.43 ? 203 PRO A CD  1 
ATOM   1261 N N   . ASP A 1 157 ? 5.994   16.757  8.817   1.00 28.58 ? 204 ASP A N   1 
ATOM   1262 C CA  . ASP A 1 157 ? 6.337   16.338  10.175  1.00 29.04 ? 204 ASP A CA  1 
ATOM   1263 C C   . ASP A 1 157 ? 5.184   16.488  11.162  1.00 29.20 ? 204 ASP A C   1 
ATOM   1264 O O   . ASP A 1 157 ? 5.098   15.740  12.138  1.00 29.39 ? 204 ASP A O   1 
ATOM   1265 C CB  . ASP A 1 157 ? 7.580   17.085  10.658  1.00 29.07 ? 204 ASP A CB  1 
ATOM   1266 C CG  . ASP A 1 157 ? 8.843   16.593  9.982   1.00 29.42 ? 204 ASP A CG  1 
ATOM   1267 O OD1 . ASP A 1 157 ? 8.868   15.422  9.549   1.00 29.79 ? 204 ASP A OD1 1 
ATOM   1268 O OD2 . ASP A 1 157 ? 9.808   17.370  9.878   1.00 30.48 ? 204 ASP A OD2 1 
ATOM   1269 N N   . THR A 1 158 ? 4.288   17.431  10.889  1.00 29.46 ? 205 THR A N   1 
ATOM   1270 C CA  . THR A 1 158 ? 3.071   17.588  11.689  1.00 29.96 ? 205 THR A CA  1 
ATOM   1271 C C   . THR A 1 158 ? 2.152   16.364  11.634  1.00 30.07 ? 205 THR A C   1 
ATOM   1272 O O   . THR A 1 158 ? 1.204   16.265  12.414  1.00 30.22 ? 205 THR A O   1 
ATOM   1273 C CB  . THR A 1 158 ? 2.259   18.830  11.267  1.00 30.15 ? 205 THR A CB  1 
ATOM   1274 O OG1 . THR A 1 158 ? 2.103   18.834  9.841   1.00 29.88 ? 205 THR A OG1 1 
ATOM   1275 C CG2 . THR A 1 158 ? 2.952   20.123  11.731  1.00 30.08 ? 205 THR A CG2 1 
ATOM   1276 N N   . GLU A 1 159 ? 2.427   15.436  10.716  1.00 30.08 ? 206 GLU A N   1 
ATOM   1277 C CA  . GLU A 1 159 ? 1.586   14.249  10.579  1.00 30.07 ? 206 GLU A CA  1 
ATOM   1278 C C   . GLU A 1 159 ? 2.388   12.953  10.662  1.00 29.26 ? 206 GLU A C   1 
ATOM   1279 O O   . GLU A 1 159 ? 2.702   12.347  9.638   1.00 29.09 ? 206 GLU A O   1 
ATOM   1280 C CB  . GLU A 1 159 ? 0.763   14.322  9.291   1.00 30.53 ? 206 GLU A CB  1 
ATOM   1281 C CG  . GLU A 1 159 ? -0.279  15.442  9.302   1.00 33.19 ? 206 GLU A CG  1 
ATOM   1282 C CD  . GLU A 1 159 ? -0.683  15.900  7.908   1.00 36.62 ? 206 GLU A CD  1 
ATOM   1283 O OE1 . GLU A 1 159 ? -0.143  15.352  6.915   1.00 38.16 ? 206 GLU A OE1 1 
ATOM   1284 O OE2 . GLU A 1 159 ? -1.542  16.812  7.807   1.00 38.04 ? 206 GLU A OE2 1 
ATOM   1285 N N   . PRO A 1 160 ? 2.726   12.527  11.894  1.00 28.65 ? 207 PRO A N   1 
ATOM   1286 C CA  . PRO A 1 160 ? 3.484   11.303  12.121  1.00 28.14 ? 207 PRO A CA  1 
ATOM   1287 C C   . PRO A 1 160 ? 2.930   10.094  11.377  1.00 27.41 ? 207 PRO A C   1 
ATOM   1288 O O   . PRO A 1 160 ? 1.737   10.000  11.126  1.00 27.39 ? 207 PRO A O   1 
ATOM   1289 C CB  . PRO A 1 160 ? 3.365   11.085  13.643  1.00 28.29 ? 207 PRO A CB  1 
ATOM   1290 C CG  . PRO A 1 160 ? 2.291   12.018  14.102  1.00 28.39 ? 207 PRO A CG  1 
ATOM   1291 C CD  . PRO A 1 160 ? 2.379   13.175  13.172  1.00 28.72 ? 207 PRO A CD  1 
ATOM   1292 N N   . ILE A 1 161 ? 3.827   9.200   10.991  1.00 26.69 ? 208 ILE A N   1 
ATOM   1293 C CA  . ILE A 1 161 ? 3.450   7.927   10.439  1.00 25.76 ? 208 ILE A CA  1 
ATOM   1294 C C   . ILE A 1 161 ? 4.091   6.913   11.360  1.00 25.28 ? 208 ILE A C   1 
ATOM   1295 O O   . ILE A 1 161 ? 5.105   7.210   12.021  1.00 24.94 ? 208 ILE A O   1 
ATOM   1296 C CB  . ILE A 1 161 ? 3.876   7.776   8.957   1.00 25.45 ? 208 ILE A CB  1 
ATOM   1297 C CG1 . ILE A 1 161 ? 5.394   7.908   8.773   1.00 26.09 ? 208 ILE A CG1 1 
ATOM   1298 C CG2 . ILE A 1 161 ? 3.135   8.807   8.097   1.00 26.49 ? 208 ILE A CG2 1 
ATOM   1299 C CD1 . ILE A 1 161 ? 5.952   7.266   7.460   1.00 23.89 ? 208 ILE A CD1 1 
ATOM   1300 N N   . ARG A 1 162 ? 3.489   5.739   11.445  1.00 24.59 ? 209 ARG A N   1 
ATOM   1301 C CA  . ARG A 1 162 ? 3.950   4.744   12.394  1.00 25.11 ? 209 ARG A CA  1 
ATOM   1302 C C   . ARG A 1 162 ? 3.994   3.352   11.818  1.00 25.00 ? 209 ARG A C   1 
ATOM   1303 O O   . ARG A 1 162 ? 3.232   3.002   10.906  1.00 25.04 ? 209 ARG A O   1 
ATOM   1304 C CB  . ARG A 1 162 ? 3.133   4.781   13.698  1.00 25.15 ? 209 ARG A CB  1 
ATOM   1305 C CG  . ARG A 1 162 ? 1.637   4.616   13.551  1.00 27.31 ? 209 ARG A CG  1 
ATOM   1306 C CD  . ARG A 1 162 ? 0.919   5.036   14.823  1.00 29.62 ? 209 ARG A CD  1 
ATOM   1307 N NE  . ARG A 1 162 ? -0.435  5.504   14.526  1.00 32.83 ? 209 ARG A NE  1 
ATOM   1308 C CZ  . ARG A 1 162 ? -1.548  4.796   14.716  1.00 33.88 ? 209 ARG A CZ  1 
ATOM   1309 N NH1 . ARG A 1 162 ? -1.497  3.570   15.216  1.00 35.67 ? 209 ARG A NH1 1 
ATOM   1310 N NH2 . ARG A 1 162 ? -2.725  5.323   14.406  1.00 34.20 ? 209 ARG A NH2 1 
ATOM   1311 N N   . TYR A 1 163 ? 4.919   2.570   12.349  1.00 24.88 ? 210 TYR A N   1 
ATOM   1312 C CA  . TYR A 1 163 ? 5.075   1.205   11.949  1.00 25.24 ? 210 TYR A CA  1 
ATOM   1313 C C   . TYR A 1 163 ? 4.612   0.345   13.111  1.00 25.66 ? 210 TYR A C   1 
ATOM   1314 O O   . TYR A 1 163 ? 5.074   0.510   14.241  1.00 25.66 ? 210 TYR A O   1 
ATOM   1315 C CB  . TYR A 1 163 ? 6.532   0.881   11.580  1.00 24.74 ? 210 TYR A CB  1 
ATOM   1316 C CG  . TYR A 1 163 ? 6.645   -0.524  11.052  1.00 24.88 ? 210 TYR A CG  1 
ATOM   1317 C CD1 . TYR A 1 163 ? 6.337   -0.812  9.724   1.00 23.43 ? 210 TYR A CD1 1 
ATOM   1318 C CD2 . TYR A 1 163 ? 6.995   -1.583  11.897  1.00 24.81 ? 210 TYR A CD2 1 
ATOM   1319 C CE1 . TYR A 1 163 ? 6.395   -2.102  9.237   1.00 22.30 ? 210 TYR A CE1 1 
ATOM   1320 C CE2 . TYR A 1 163 ? 7.057   -2.882  11.418  1.00 24.45 ? 210 TYR A CE2 1 
ATOM   1321 C CZ  . TYR A 1 163 ? 6.749   -3.128  10.084  1.00 23.89 ? 210 TYR A CZ  1 
ATOM   1322 O OH  . TYR A 1 163 ? 6.806   -4.408  9.604   1.00 24.16 ? 210 TYR A OH  1 
ATOM   1323 N N   . GLU A 1 164 ? 3.696   -0.568  12.828  1.00 25.95 ? 211 GLU A N   1 
ATOM   1324 C CA  . GLU A 1 164 ? 3.139   -1.437  13.856  1.00 26.60 ? 211 GLU A CA  1 
ATOM   1325 C C   . GLU A 1 164 ? 3.033   -2.859  13.348  1.00 26.70 ? 211 GLU A C   1 
ATOM   1326 O O   . GLU A 1 164 ? 2.880   -3.079  12.143  1.00 26.48 ? 211 GLU A O   1 
ATOM   1327 C CB  . GLU A 1 164 ? 1.767   -0.925  14.280  1.00 26.81 ? 211 GLU A CB  1 
ATOM   1328 C CG  . GLU A 1 164 ? 0.942   -0.456  13.101  1.00 28.12 ? 211 GLU A CG  1 
ATOM   1329 C CD  . GLU A 1 164 ? -0.420  0.040   13.485  1.00 29.34 ? 211 GLU A CD  1 
ATOM   1330 O OE1 . GLU A 1 164 ? -1.404  -0.561  13.005  1.00 30.79 ? 211 GLU A OE1 1 
ATOM   1331 O OE2 . GLU A 1 164 ? -0.516  1.030   14.246  1.00 30.19 ? 211 GLU A OE2 1 
ATOM   1332 N N   . VAL A 1 165 ? 3.143   -3.815  14.272  1.00 27.01 ? 212 VAL A N   1 
ATOM   1333 C CA  . VAL A 1 165 ? 2.871   -5.233  13.992  1.00 27.71 ? 212 VAL A CA  1 
ATOM   1334 C C   . VAL A 1 165 ? 1.409   -5.352  13.570  1.00 27.55 ? 212 VAL A C   1 
ATOM   1335 O O   . VAL A 1 165 ? 0.603   -4.459  13.867  1.00 27.42 ? 212 VAL A O   1 
ATOM   1336 C CB  . VAL A 1 165 ? 3.182   -6.135  15.232  1.00 27.98 ? 212 VAL A CB  1 
ATOM   1337 C CG1 . VAL A 1 165 ? 2.920   -7.624  14.940  1.00 29.77 ? 212 VAL A CG1 1 
ATOM   1338 C CG2 . VAL A 1 165 ? 4.624   -5.944  15.691  1.00 27.86 ? 212 VAL A CG2 1 
ATOM   1339 N N   . HIS A 1 166 ? 1.071   -6.414  12.837  1.00 27.54 ? 213 HIS A N   1 
ATOM   1340 C CA  . HIS A 1 166 ? -0.317  -6.629  12.431  1.00 27.66 ? 213 HIS A CA  1 
ATOM   1341 C C   . HIS A 1 166 ? -1.129  -7.040  13.644  1.00 27.53 ? 213 HIS A C   1 
ATOM   1342 O O   . HIS A 1 166 ? -0.714  -7.932  14.387  1.00 27.89 ? 213 HIS A O   1 
ATOM   1343 C CB  . HIS A 1 166 ? -0.427  -7.674  11.308  1.00 27.52 ? 213 HIS A CB  1 
ATOM   1344 C CG  . HIS A 1 166 ? 0.142   -7.214  10.001  1.00 26.83 ? 213 HIS A CG  1 
ATOM   1345 N ND1 . HIS A 1 166 ? -0.232  -6.029  9.403   1.00 27.08 ? 213 HIS A ND1 1 
ATOM   1346 C CD2 . HIS A 1 166 ? 1.059   -7.776  9.178   1.00 25.30 ? 213 HIS A CD2 1 
ATOM   1347 C CE1 . HIS A 1 166 ? 0.433   -5.877  8.272   1.00 25.79 ? 213 HIS A CE1 1 
ATOM   1348 N NE2 . HIS A 1 166 ? 1.220   -6.924  8.111   1.00 26.35 ? 213 HIS A NE2 1 
ATOM   1349 N N   . LYS A 1 167 ? -2.264  -6.370  13.847  1.00 27.38 ? 214 LYS A N   1 
ATOM   1350 C CA  . LYS A 1 167 ? -3.135  -6.626  15.000  1.00 27.29 ? 214 LYS A CA  1 
ATOM   1351 C C   . LYS A 1 167 ? -4.151  -7.737  14.730  1.00 27.11 ? 214 LYS A C   1 
ATOM   1352 O O   . LYS A 1 167 ? -4.909  -7.687  13.760  1.00 26.89 ? 214 LYS A O   1 
ATOM   1353 C CB  . LYS A 1 167 ? -3.894  -5.352  15.416  1.00 20.00 ? 214 LYS A CB  1 
ATOM   1354 N N   . THR A 1 173 ? -4.279  -8.222  23.381  1.00 26.39 ? 220 THR A N   1 
ATOM   1355 C CA  . THR A 1 173 ? -4.464  -9.131  24.509  1.00 26.66 ? 220 THR A CA  1 
ATOM   1356 C C   . THR A 1 173 ? -3.926  -8.504  25.802  1.00 26.41 ? 220 THR A C   1 
ATOM   1357 O O   . THR A 1 173 ? -2.720  -8.536  26.084  1.00 26.82 ? 220 THR A O   1 
ATOM   1358 C CB  . THR A 1 173 ? -3.833  -10.530 24.232  1.00 26.53 ? 220 THR A CB  1 
ATOM   1359 O OG1 . THR A 1 173 ? -4.364  -11.055 23.010  1.00 26.97 ? 220 THR A OG1 1 
ATOM   1360 C CG2 . THR A 1 173 ? -4.137  -11.524 25.365  1.00 26.77 ? 220 THR A CG2 1 
ATOM   1361 N N   . GLY A 1 174 ? -4.836  -7.919  26.576  1.00 26.01 ? 221 GLY A N   1 
ATOM   1362 C CA  . GLY A 1 174 ? -4.486  -7.263  27.833  1.00 25.27 ? 221 GLY A CA  1 
ATOM   1363 C C   . GLY A 1 174 ? -4.014  -5.828  27.676  1.00 24.70 ? 221 GLY A C   1 
ATOM   1364 O O   . GLY A 1 174 ? -4.462  -4.946  28.399  1.00 24.44 ? 221 GLY A O   1 
ATOM   1365 N N   . SER A 1 175 ? -3.127  -5.592  26.711  1.00 24.41 ? 222 SER A N   1 
ATOM   1366 C CA  . SER A 1 175 ? -2.447  -4.302  26.581  1.00 23.88 ? 222 SER A CA  1 
ATOM   1367 C C   . SER A 1 175 ? -2.508  -3.730  25.160  1.00 23.21 ? 222 SER A C   1 
ATOM   1368 O O   . SER A 1 175 ? -2.373  -4.464  24.174  1.00 22.97 ? 222 SER A O   1 
ATOM   1369 C CB  . SER A 1 175 ? -0.989  -4.449  27.042  1.00 24.18 ? 222 SER A CB  1 
ATOM   1370 O OG  . SER A 1 175 ? -0.445  -3.207  27.454  1.00 24.97 ? 222 SER A OG  1 
ATOM   1371 N N   . MET A 1 176 ? -2.723  -2.420  25.053  1.00 22.21 ? 223 MET A N   1 
ATOM   1372 C CA  . MET A 1 176 ? -2.665  -1.761  23.756  1.00 21.60 ? 223 MET A CA  1 
ATOM   1373 C C   . MET A 1 176 ? -1.211  -1.710  23.299  1.00 20.82 ? 223 MET A C   1 
ATOM   1374 O O   . MET A 1 176 ? -0.342  -1.229  24.027  1.00 20.86 ? 223 MET A O   1 
ATOM   1375 C CB  . MET A 1 176 ? -3.248  -0.351  23.824  1.00 21.52 ? 223 MET A CB  1 
ATOM   1376 C CG  . MET A 1 176 ? -3.273  0.369   22.475  1.00 22.19 ? 223 MET A CG  1 
ATOM   1377 S SD  . MET A 1 176 ? -3.769  2.098   22.595  1.00 23.48 ? 223 MET A SD  1 
ATOM   1378 C CE  . MET A 1 176 ? -2.289  2.844   23.311  1.00 22.61 ? 223 MET A CE  1 
ATOM   1379 N N   . VAL A 1 177 ? -0.954  -2.220  22.103  1.00 20.29 ? 224 VAL A N   1 
ATOM   1380 C CA  . VAL A 1 177 ? 0.416   -2.301  21.586  1.00 19.83 ? 224 VAL A CA  1 
ATOM   1381 C C   . VAL A 1 177 ? 0.873   -0.951  21.035  1.00 19.27 ? 224 VAL A C   1 
ATOM   1382 O O   . VAL A 1 177 ? 0.200   -0.364  20.192  1.00 18.69 ? 224 VAL A O   1 
ATOM   1383 C CB  . VAL A 1 177 ? 0.555   -3.387  20.498  1.00 20.05 ? 224 VAL A CB  1 
ATOM   1384 N N   . LYS A 1 178 ? 1.995   -0.453  21.559  1.00 18.45 ? 225 LYS A N   1 
ATOM   1385 C CA  . LYS A 1 178 ? 2.650   0.748   21.039  1.00 17.78 ? 225 LYS A CA  1 
ATOM   1386 C C   . LYS A 1 178 ? 3.251   0.489   19.645  1.00 17.01 ? 225 LYS A C   1 
ATOM   1387 O O   . LYS A 1 178 ? 3.631   -0.638  19.339  1.00 16.80 ? 225 LYS A O   1 
ATOM   1388 C CB  . LYS A 1 178 ? 3.758   1.180   22.005  1.00 18.11 ? 225 LYS A CB  1 
ATOM   1389 N N   . PRO A 1 179 ? 3.322   1.519   18.789  1.00 16.36 ? 226 PRO A N   1 
ATOM   1390 C CA  . PRO A 1 179 ? 4.065   1.289   17.547  1.00 16.18 ? 226 PRO A CA  1 
ATOM   1391 C C   . PRO A 1 179 ? 5.575   1.083   17.776  1.00 15.89 ? 226 PRO A C   1 
ATOM   1392 O O   . PRO A 1 179 ? 6.158   1.657   18.696  1.00 16.07 ? 226 PRO A O   1 
ATOM   1393 C CB  . PRO A 1 179 ? 3.802   2.552   16.720  1.00 15.95 ? 226 PRO A CB  1 
ATOM   1394 C CG  . PRO A 1 179 ? 3.234   3.551   17.650  1.00 16.34 ? 226 PRO A CG  1 
ATOM   1395 C CD  . PRO A 1 179 ? 2.604   2.806   18.791  1.00 16.62 ? 226 PRO A CD  1 
ATOM   1396 N N   . ARG A 1 180 ? 6.179   0.245   16.949  1.00 15.02 ? 227 ARG A N   1 
ATOM   1397 C CA  . ARG A 1 180 ? 7.611   -0.023  16.976  1.00 15.07 ? 227 ARG A CA  1 
ATOM   1398 C C   . ARG A 1 180 ? 8.468   1.182   16.549  1.00 14.48 ? 227 ARG A C   1 
ATOM   1399 O O   . ARG A 1 180 ? 9.561   1.397   17.082  1.00 14.92 ? 227 ARG A O   1 
ATOM   1400 C CB  . ARG A 1 180 ? 7.906   -1.192  16.040  1.00 14.92 ? 227 ARG A CB  1 
ATOM   1401 C CG  . ARG A 1 180 ? 9.240   -1.826  16.232  1.00 16.11 ? 227 ARG A CG  1 
ATOM   1402 C CD  . ARG A 1 180 ? 9.069   -3.213  16.748  1.00 17.25 ? 227 ARG A CD  1 
ATOM   1403 N NE  . ARG A 1 180 ? 10.321  -3.947  16.676  1.00 18.36 ? 227 ARG A NE  1 
ATOM   1404 C CZ  . ARG A 1 180 ? 11.085  -4.233  17.726  1.00 18.25 ? 227 ARG A CZ  1 
ATOM   1405 N NH1 . ARG A 1 180 ? 10.721  -3.845  18.935  1.00 18.35 ? 227 ARG A NH1 1 
ATOM   1406 N NH2 . ARG A 1 180 ? 12.212  -4.910  17.562  1.00 18.78 ? 227 ARG A NH2 1 
ATOM   1407 N N   . ILE A 1 181 ? 7.979   1.937   15.571  1.00 13.59 ? 228 ILE A N   1 
ATOM   1408 C CA  . ILE A 1 181 ? 8.696   3.069   14.996  1.00 12.58 ? 228 ILE A CA  1 
ATOM   1409 C C   . ILE A 1 181 ? 7.709   4.195   14.683  1.00 12.36 ? 228 ILE A C   1 
ATOM   1410 O O   . ILE A 1 181 ? 6.602   3.936   14.233  1.00 12.19 ? 228 ILE A O   1 
ATOM   1411 C CB  . ILE A 1 181 ? 9.429   2.684   13.678  1.00 12.03 ? 228 ILE A CB  1 
ATOM   1412 C CG1 . ILE A 1 181 ? 10.143  1.328   13.804  1.00 11.60 ? 228 ILE A CG1 1 
ATOM   1413 C CG2 . ILE A 1 181 ? 10.389  3.792   13.268  1.00 11.23 ? 228 ILE A CG2 1 
ATOM   1414 C CD1 . ILE A 1 181 ? 10.651  0.746   12.493  1.00 10.59 ? 228 ILE A CD1 1 
ATOM   1415 N N   . VAL A 1 182 ? 8.118   5.436   14.921  1.00 12.30 ? 229 VAL A N   1 
ATOM   1416 C CA  . VAL A 1 182 ? 7.340   6.606   14.522  1.00 12.75 ? 229 VAL A CA  1 
ATOM   1417 C C   . VAL A 1 182 ? 8.263   7.586   13.803  1.00 13.07 ? 229 VAL A C   1 
ATOM   1418 O O   . VAL A 1 182 ? 9.415   7.732   14.180  1.00 13.47 ? 229 VAL A O   1 
ATOM   1419 C CB  . VAL A 1 182 ? 6.682   7.312   15.737  1.00 13.01 ? 229 VAL A CB  1 
ATOM   1420 C CG1 . VAL A 1 182 ? 5.804   8.499   15.281  1.00 13.01 ? 229 VAL A CG1 1 
ATOM   1421 C CG2 . VAL A 1 182 ? 5.877   6.326   16.594  1.00 12.84 ? 229 VAL A CG2 1 
ATOM   1422 N N   . ILE A 1 183 ? 7.758   8.244   12.764  1.00 13.42 ? 230 ILE A N   1 
ATOM   1423 C CA  . ILE A 1 183 ? 8.498   9.281   12.050  1.00 13.80 ? 230 ILE A CA  1 
ATOM   1424 C C   . ILE A 1 183 ? 7.540   10.449  11.871  1.00 14.93 ? 230 ILE A C   1 
ATOM   1425 O O   . ILE A 1 183 ? 6.479   10.272  11.272  1.00 15.14 ? 230 ILE A O   1 
ATOM   1426 C CB  . ILE A 1 183 ? 8.982   8.843   10.634  1.00 13.51 ? 230 ILE A CB  1 
ATOM   1427 C CG1 . ILE A 1 183 ? 9.751   7.519   10.657  1.00 12.65 ? 230 ILE A CG1 1 
ATOM   1428 C CG2 . ILE A 1 183 ? 9.819   9.957   9.978   1.00 12.91 ? 230 ILE A CG2 1 
ATOM   1429 C CD1 . ILE A 1 183 ? 10.061  6.959   9.253   1.00 12.41 ? 230 ILE A CD1 1 
ATOM   1430 N N   . PRO A 1 184 ? 7.904   11.650  12.382  1.00 15.92 ? 231 PRO A N   1 
ATOM   1431 C CA  . PRO A 1 184 ? 9.147   11.974  13.097  1.00 16.36 ? 231 PRO A CA  1 
ATOM   1432 C C   . PRO A 1 184 ? 9.215   11.318  14.469  1.00 16.69 ? 231 PRO A C   1 
ATOM   1433 O O   . PRO A 1 184 ? 8.200   11.231  15.164  1.00 16.66 ? 231 PRO A O   1 
ATOM   1434 C CB  . PRO A 1 184 ? 9.068   13.496  13.250  1.00 16.53 ? 231 PRO A CB  1 
ATOM   1435 C CG  . PRO A 1 184 ? 7.602   13.780  13.308  1.00 16.44 ? 231 PRO A CG  1 
ATOM   1436 C CD  . PRO A 1 184 ? 7.005   12.819  12.309  1.00 15.98 ? 231 PRO A CD  1 
ATOM   1437 N N   . SER A 1 185 ? 10.405  10.849  14.839  1.00 17.19 ? 232 SER A N   1 
ATOM   1438 C CA  . SER A 1 185 ? 10.626  10.216  16.141  1.00 17.55 ? 232 SER A CA  1 
ATOM   1439 C C   . SER A 1 185 ? 10.864  11.254  17.222  1.00 17.50 ? 232 SER A C   1 
ATOM   1440 O O   . SER A 1 185 ? 9.924   11.720  17.860  1.00 17.72 ? 232 SER A O   1 
ATOM   1441 C CB  . SER A 1 185 ? 11.816  9.257   16.073  1.00 17.98 ? 232 SER A CB  1 
ATOM   1442 N N   . ARG B 2 1   ? 17.490  -6.228  -10.638 1.00 35.88 ? 1   ARG C N   1 
ATOM   1443 C CA  . ARG B 2 1   ? 16.535  -5.153  -10.340 1.00 35.51 ? 1   ARG C CA  1 
ATOM   1444 C C   . ARG B 2 1   ? 16.084  -4.405  -11.591 1.00 34.58 ? 1   ARG C C   1 
ATOM   1445 O O   . ARG B 2 1   ? 16.892  -4.109  -12.487 1.00 34.57 ? 1   ARG C O   1 
ATOM   1446 C CB  . ARG B 2 1   ? 17.153  -4.174  -9.360  1.00 36.19 ? 1   ARG C CB  1 
ATOM   1447 C CG  . ARG B 2 1   ? 16.711  -4.388  -7.941  1.00 40.22 ? 1   ARG C CG  1 
ATOM   1448 C CD  . ARG B 2 1   ? 17.713  -5.156  -7.121  1.00 45.53 ? 1   ARG C CD  1 
ATOM   1449 N NE  . ARG B 2 1   ? 18.398  -4.213  -6.248  1.00 50.35 ? 1   ARG C NE  1 
ATOM   1450 C CZ  . ARG B 2 1   ? 18.929  -4.513  -5.070  1.00 51.44 ? 1   ARG C CZ  1 
ATOM   1451 N NH1 . ARG B 2 1   ? 19.525  -3.565  -4.372  1.00 54.07 ? 1   ARG C NH1 1 
ATOM   1452 N NH2 . ARG B 2 1   ? 18.866  -5.741  -4.585  1.00 53.95 ? 1   ARG C NH2 1 
ATOM   1453 N N   . ILE B 2 2   ? 14.794  -4.091  -11.636 1.00 32.59 ? 2   ILE C N   1 
ATOM   1454 C CA  . ILE B 2 2   ? 14.251  -3.191  -12.653 1.00 31.07 ? 2   ILE C CA  1 
ATOM   1455 C C   . ILE B 2 2   ? 13.565  -2.010  -11.973 1.00 30.92 ? 2   ILE C C   1 
ATOM   1456 O O   . ILE B 2 2   ? 12.607  -2.178  -11.205 1.00 30.00 ? 2   ILE C O   1 
ATOM   1457 C CB  . ILE B 2 2   ? 13.280  -3.910  -13.615 1.00 30.53 ? 2   ILE C CB  1 
ATOM   1458 C CG1 . ILE B 2 2   ? 13.933  -5.174  -14.183 1.00 31.23 ? 2   ILE C CG1 1 
ATOM   1459 C CG2 . ILE B 2 2   ? 12.856  -2.953  -14.743 1.00 29.93 ? 2   ILE C CG2 1 
ATOM   1460 C CD1 . ILE B 2 2   ? 13.051  -5.956  -15.137 1.00 32.61 ? 2   ILE C CD1 1 
ATOM   1461 N N   . ILE B 2 3   ? 14.039  -0.815  -12.281 1.00 30.38 ? 3   ILE C N   1 
ATOM   1462 C CA  . ILE B 2 3   ? 13.688  0.362   -11.507 1.00 31.15 ? 3   ILE C CA  1 
ATOM   1463 C C   . ILE B 2 3   ? 13.162  1.447   -12.424 1.00 31.80 ? 3   ILE C C   1 
ATOM   1464 O O   . ILE B 2 3   ? 13.814  1.791   -13.426 1.00 32.07 ? 3   ILE C O   1 
ATOM   1465 C CB  . ILE B 2 3   ? 14.925  0.876   -10.683 1.00 31.48 ? 3   ILE C CB  1 
ATOM   1466 C CG1 . ILE B 2 3   ? 15.399  -0.209  -9.694  1.00 31.15 ? 3   ILE C CG1 1 
ATOM   1467 C CG2 . ILE B 2 3   ? 14.607  2.192   -9.970  1.00 31.67 ? 3   ILE C CG2 1 
ATOM   1468 C CD1 . ILE B 2 3   ? 16.746  0.077   -8.977  1.00 35.24 ? 3   ILE C CD1 1 
ATOM   1469 N N   . TYR B 2 4   ? 11.981  1.973   -12.086 1.00 31.50 ? 4   TYR C N   1 
ATOM   1470 C CA  . TYR B 2 4   ? 11.368  3.059   -12.828 1.00 32.41 ? 4   TYR C CA  1 
ATOM   1471 C C   . TYR B 2 4   ? 11.022  4.206   -11.877 1.00 33.71 ? 4   TYR C C   1 
ATOM   1472 O O   . TYR B 2 4   ? 10.273  4.007   -10.902 1.00 33.63 ? 4   TYR C O   1 
ATOM   1473 C CB  . TYR B 2 4   ? 10.076  2.583   -13.527 1.00 31.74 ? 4   TYR C CB  1 
ATOM   1474 C CG  . TYR B 2 4   ? 10.240  1.444   -14.519 1.00 30.27 ? 4   TYR C CG  1 
ATOM   1475 C CD1 . TYR B 2 4   ? 10.820  1.657   -15.769 1.00 31.46 ? 4   TYR C CD1 1 
ATOM   1476 C CD2 . TYR B 2 4   ? 9.814   0.164   -14.215 1.00 28.31 ? 4   TYR C CD2 1 
ATOM   1477 C CE1 . TYR B 2 4   ? 10.979  0.617   -16.687 1.00 29.63 ? 4   TYR C CE1 1 
ATOM   1478 C CE2 . TYR B 2 4   ? 9.958   -0.881  -15.128 1.00 28.15 ? 4   TYR C CE2 1 
ATOM   1479 C CZ  . TYR B 2 4   ? 10.540  -0.632  -16.375 1.00 29.27 ? 4   TYR C CZ  1 
ATOM   1480 O OH  . TYR B 2 4   ? 10.712  -1.645  -17.297 1.00 31.26 ? 4   TYR C OH  1 
ATOM   1481 N N   . ASP B 2 5   ? 11.526  5.402   -12.152 1.00 34.64 ? 5   ASP C N   1 
ATOM   1482 C CA  . ASP B 2 5   ? 11.154  6.559   -11.319 1.00 36.89 ? 5   ASP C CA  1 
ATOM   1483 C C   . ASP B 2 5   ? 9.789   7.115   -11.725 1.00 37.01 ? 5   ASP C C   1 
ATOM   1484 O O   . ASP B 2 5   ? 9.230   6.711   -12.754 1.00 37.05 ? 5   ASP C O   1 
ATOM   1485 C CB  . ASP B 2 5   ? 12.252  7.640   -11.302 1.00 37.55 ? 5   ASP C CB  1 
ATOM   1486 C CG  . ASP B 2 5   ? 12.542  8.226   -12.676 1.00 41.63 ? 5   ASP C CG  1 
ATOM   1487 O OD1 . ASP B 2 5   ? 11.656  8.224   -13.561 1.00 45.85 ? 5   ASP C OD1 1 
ATOM   1488 O OD2 . ASP B 2 5   ? 13.687  8.706   -12.877 1.00 46.72 ? 5   ASP C OD2 1 
ATOM   1489 N N   . ARG B 2 6   ? 9.228   8.014   -10.930 1.00 38.06 ? 6   ARG C N   1 
ATOM   1490 C CA  . ARG B 2 6   ? 7.842   8.434   -11.195 1.00 39.95 ? 6   ARG C CA  1 
ATOM   1491 C C   . ARG B 2 6   ? 7.692   9.156   -12.528 1.00 39.98 ? 6   ARG C C   1 
ATOM   1492 O O   . ARG B 2 6   ? 6.738   8.911   -13.265 1.00 39.43 ? 6   ARG C O   1 
ATOM   1493 C CB  . ARG B 2 6   ? 7.210   9.217   -10.033 1.00 39.83 ? 6   ARG C CB  1 
ATOM   1494 C CG  . ARG B 2 6   ? 7.896   10.492  -9.645  1.00 43.82 ? 6   ARG C CG  1 
ATOM   1495 C CD  . ARG B 2 6   ? 7.099   11.256  -8.566  1.00 47.45 ? 6   ARG C CD  1 
ATOM   1496 N NE  . ARG B 2 6   ? 5.667   11.347  -8.870  1.00 49.39 ? 6   ARG C NE  1 
ATOM   1497 C CZ  . ARG B 2 6   ? 5.093   12.298  -9.609  1.00 51.48 ? 6   ARG C CZ  1 
ATOM   1498 N NH1 . ARG B 2 6   ? 5.823   13.263  -10.160 1.00 52.57 ? 6   ARG C NH1 1 
ATOM   1499 N NH2 . ARG B 2 6   ? 3.777   12.274  -9.814  1.00 51.33 ? 6   ARG C NH2 1 
ATOM   1500 N N   . LYS B 2 7   ? 8.657   10.011  -12.848 1.00 40.66 ? 7   LYS C N   1 
ATOM   1501 C CA  . LYS B 2 7   ? 8.689   10.694  -14.130 1.00 41.10 ? 7   LYS C CA  1 
ATOM   1502 C C   . LYS B 2 7   ? 8.544   9.715   -15.292 1.00 40.62 ? 7   LYS C C   1 
ATOM   1503 O O   . LYS B 2 7   ? 7.772   9.968   -16.215 1.00 40.30 ? 7   LYS C O   1 
ATOM   1504 C CB  . LYS B 2 7   ? 9.986   11.490  -14.280 1.00 41.85 ? 7   LYS C CB  1 
ATOM   1505 C CG  . LYS B 2 7   ? 10.028  12.421  -15.497 1.00 44.46 ? 7   LYS C CG  1 
ATOM   1506 C CD  . LYS B 2 7   ? 11.297  13.296  -15.467 1.00 48.82 ? 7   LYS C CD  1 
ATOM   1507 C CE  . LYS B 2 7   ? 11.406  14.190  -16.705 1.00 51.02 ? 7   LYS C CE  1 
ATOM   1508 N NZ  . LYS B 2 7   ? 11.557  13.377  -17.951 1.00 52.93 ? 7   LYS C NZ  1 
ATOM   1509 N N   . PHE B 2 8   ? 9.279   8.607   -15.246 1.00 39.86 ? 8   PHE C N   1 
ATOM   1510 C CA  . PHE B 2 8   ? 9.204   7.631   -16.317 1.00 40.20 ? 8   PHE C CA  1 
ATOM   1511 C C   . PHE B 2 8   ? 7.832   6.937   -16.386 1.00 40.48 ? 8   PHE C C   1 
ATOM   1512 O O   . PHE B 2 8   ? 7.238   6.824   -17.468 1.00 39.88 ? 8   PHE C O   1 
ATOM   1513 C CB  . PHE B 2 8   ? 10.323  6.596   -16.211 1.00 39.97 ? 8   PHE C CB  1 
ATOM   1514 C CG  . PHE B 2 8   ? 10.354  5.640   -17.354 1.00 41.19 ? 8   PHE C CG  1 
ATOM   1515 C CD1 . PHE B 2 8   ? 9.685   4.424   -17.283 1.00 42.05 ? 8   PHE C CD1 1 
ATOM   1516 C CD2 . PHE B 2 8   ? 11.024  5.967   -18.528 1.00 42.76 ? 8   PHE C CD2 1 
ATOM   1517 C CE1 . PHE B 2 8   ? 9.708   3.538   -18.359 1.00 43.24 ? 8   PHE C CE1 1 
ATOM   1518 C CE2 . PHE B 2 8   ? 11.043  5.092   -19.604 1.00 42.18 ? 8   PHE C CE2 1 
ATOM   1519 C CZ  . PHE B 2 8   ? 10.393  3.875   -19.522 1.00 42.65 ? 8   PHE C CZ  1 
ATOM   1520 N N   . LEU B 2 9   ? 7.337   6.478   -15.231 1.00 40.83 ? 9   LEU C N   1 
ATOM   1521 C CA  . LEU B 2 9   ? 6.013   5.850   -15.143 1.00 41.26 ? 9   LEU C CA  1 
ATOM   1522 C C   . LEU B 2 9   ? 4.941   6.740   -15.768 1.00 42.92 ? 9   LEU C C   1 
ATOM   1523 O O   . LEU B 2 9   ? 4.133   6.271   -16.579 1.00 43.24 ? 9   LEU C O   1 
ATOM   1524 C CB  . LEU B 2 9   ? 5.684   5.433   -13.700 1.00 39.84 ? 9   LEU C CB  1 
ATOM   1525 C CG  . LEU B 2 9   ? 6.554   4.287   -13.164 1.00 36.57 ? 9   LEU C CG  1 
ATOM   1526 C CD1 . LEU B 2 9   ? 6.178   3.891   -11.750 1.00 33.85 ? 9   LEU C CD1 1 
ATOM   1527 C CD2 . LEU B 2 9   ? 6.460   3.069   -14.058 1.00 33.50 ? 9   LEU C CD2 1 
ATOM   1528 N N   . MET B 2 10  ? 4.984   8.028   -15.444 1.00 45.02 ? 10  MET C N   1 
ATOM   1529 C CA  . MET B 2 10  ? 4.163   9.048   -16.108 1.00 47.58 ? 10  MET C CA  1 
ATOM   1530 C C   . MET B 2 10  ? 4.196   9.072   -17.640 1.00 48.36 ? 10  MET C C   1 
ATOM   1531 O O   . MET B 2 10  ? 3.146   8.975   -18.277 1.00 48.11 ? 10  MET C O   1 
ATOM   1532 C CB  . MET B 2 10  ? 4.531   10.427  -15.605 1.00 48.17 ? 10  MET C CB  1 
ATOM   1533 C CG  . MET B 2 10  ? 3.493   11.024  -14.730 1.00 52.04 ? 10  MET C CG  1 
ATOM   1534 S SD  . MET B 2 10  ? 3.509   10.293  -13.105 1.00 60.98 ? 10  MET C SD  1 
ATOM   1535 C CE  . MET B 2 10  ? 1.740   10.029  -12.851 1.00 55.49 ? 10  MET C CE  1 
ATOM   1536 N N   . GLU B 2 11  ? 5.386   9.203   -18.232 1.00 49.15 ? 11  GLU C N   1 
ATOM   1537 C CA  . GLU B 2 11  ? 5.495   9.287   -19.702 1.00 49.70 ? 11  GLU C CA  1 
ATOM   1538 C C   . GLU B 2 11  ? 4.997   8.026   -20.428 1.00 49.71 ? 11  GLU C C   1 
ATOM   1539 O O   . GLU B 2 11  ? 4.662   8.077   -21.616 1.00 49.63 ? 11  GLU C O   1 
ATOM   1540 C CB  . GLU B 2 11  ? 6.902   9.715   -20.166 1.00 49.81 ? 11  GLU C CB  1 
ATOM   1541 C CG  . GLU B 2 11  ? 8.032   8.741   -19.871 1.00 50.84 ? 11  GLU C CG  1 
ATOM   1542 N N   . CYS B 2 12  ? 4.935   6.908   -19.704 1.00 49.67 ? 12  CYS C N   1 
ATOM   1543 C CA  . CYS B 2 12  ? 4.319   5.689   -20.211 1.00 49.76 ? 12  CYS C CA  1 
ATOM   1544 C C   . CYS B 2 12  ? 2.797   5.787   -20.199 1.00 49.76 ? 12  CYS C C   1 
ATOM   1545 O O   . CYS B 2 12  ? 2.135   5.134   -20.991 1.00 50.38 ? 12  CYS C O   1 
ATOM   1546 C CB  . CYS B 2 12  ? 4.759   4.477   -19.398 1.00 49.46 ? 12  CYS C CB  1 
ATOM   1547 S SG  . CYS B 2 12  ? 6.467   3.978   -19.694 1.00 49.93 ? 12  CYS C SG  1 
ATOM   1548 N N   . ARG B 2 13  ? 2.246   6.572   -19.279 1.00 49.64 ? 13  ARG C N   1 
ATOM   1549 C CA  . ARG B 2 13  ? 0.831   6.885   -19.288 1.00 49.61 ? 13  ARG C CA  1 
ATOM   1550 C C   . ARG B 2 13  ? 0.625   8.001   -20.311 1.00 49.93 ? 13  ARG C C   1 
ATOM   1551 O O   . ARG B 2 13  ? 0.165   7.748   -21.419 1.00 50.78 ? 13  ARG C O   1 
ATOM   1552 C CB  . ARG B 2 13  ? 0.363   7.348   -17.912 1.00 49.13 ? 13  ARG C CB  1 
ATOM   1553 C CG  . ARG B 2 13  ? -1.156  7.432   -17.764 1.00 49.06 ? 13  ARG C CG  1 
ATOM   1554 C CD  . ARG B 2 13  ? -1.561  8.283   -16.559 1.00 48.56 ? 13  ARG C CD  1 
ATOM   1555 N NE  . ARG B 2 13  ? -2.844  7.858   -15.988 1.00 47.77 ? 13  ARG C NE  1 
ATOM   1556 C CZ  . ARG B 2 13  ? -3.391  8.346   -14.876 1.00 48.89 ? 13  ARG C CZ  1 
ATOM   1557 N NH1 . ARG B 2 13  ? -2.785  9.297   -14.179 1.00 49.05 ? 13  ARG C NH1 1 
ATOM   1558 N NH2 . ARG B 2 13  ? -4.558  7.876   -14.452 1.00 48.46 ? 13  ARG C NH2 1 
HETATM 1559 O OAX . M7M C 3 .   ? -11.317 -1.017  11.753  1.00 95.53 ? 1   M7M A OAX 1 
HETATM 1560 O OAY . M7M C 3 .   ? -11.000 0.685   9.993   1.00 96.02 ? 1   M7M A OAY 1 
HETATM 1561 P PAZ . M7M C 3 .   ? -11.134 -0.786  10.175  1.00 96.02 ? 1   M7M A PAZ 1 
HETATM 1562 O OBA . M7M C 3 .   ? -12.219 -1.512  9.456   1.00 95.86 ? 1   M7M A OBA 1 
HETATM 1563 O OBB . M7M C 3 .   ? -6.429  -10.404 7.212   1.00 88.92 ? 1   M7M A OBB 1 
HETATM 1564 C CBC . M7M C 3 .   ? -6.818  -7.695  6.934   1.00 88.85 ? 1   M7M A CBC 1 
HETATM 1565 O OBD . M7M C 3 .   ? -9.744  -1.483  9.785   1.00 94.84 ? 1   M7M A OBD 1 
HETATM 1566 N NBE . M7M C 3 .   ? -8.071  -11.637 8.096   1.00 89.59 ? 1   M7M A NBE 1 
HETATM 1567 C CBF . M7M C 3 .   ? -7.568  -10.476 7.695   1.00 89.36 ? 1   M7M A CBF 1 
HETATM 1568 C CBG . M7M C 3 .   ? -8.364  -9.381  7.860   1.00 89.17 ? 1   M7M A CBG 1 
HETATM 1569 N NBH . M7M C 3 .   ? -8.074  -8.149  7.546   1.00 88.98 ? 1   M7M A NBH 1 
HETATM 1570 C CBI . M7M C 3 .   ? -9.124  -7.418  7.874   1.00 89.06 ? 1   M7M A CBI 1 
HETATM 1571 O OBJ . M7M C 3 .   ? -10.074 -1.905  7.349   1.00 92.92 ? 1   M7M A OBJ 1 
HETATM 1572 P PBK . M7M C 3 .   ? -9.557  -2.518  8.574   1.00 93.19 ? 1   M7M A PBK 1 
HETATM 1573 O OBL . M7M C 3 .   ? -8.180  -3.062  8.658   1.00 92.35 ? 1   M7M A OBL 1 
HETATM 1574 C CBM . M7M C 3 .   ? -9.294  -11.688 8.620   1.00 89.60 ? 1   M7M A CBM 1 
HETATM 1575 N NBN . M7M C 3 .   ? -10.076 -10.618 8.782   1.00 89.15 ? 1   M7M A NBN 1 
HETATM 1576 C CBO . M7M C 3 .   ? -9.605  -9.439  8.394   1.00 89.09 ? 1   M7M A CBO 1 
HETATM 1577 N NBP . M7M C 3 .   ? -10.057 -8.208  8.383   1.00 89.37 ? 1   M7M A NBP 1 
HETATM 1578 C CBQ . M7M C 3 .   ? -11.365 -7.775  8.867   1.00 90.31 ? 1   M7M A CBQ 1 
HETATM 1579 O OBR . M7M C 3 .   ? -11.539 -6.381  8.696   1.00 90.49 ? 1   M7M A OBR 1 
HETATM 1580 C CBS . M7M C 3 .   ? -11.382 -5.670  9.911   1.00 91.15 ? 1   M7M A CBS 1 
HETATM 1581 C CBT . M7M C 3 .   ? -10.226 -4.703  9.784   1.00 91.62 ? 1   M7M A CBT 1 
HETATM 1582 O OBU . M7M C 3 .   ? -10.616 -3.625  8.972   1.00 92.80 ? 1   M7M A OBU 1 
HETATM 1583 N NBV . M7M C 3 .   ? -9.714  -12.884 8.993   1.00 90.08 ? 1   M7M A NBV 1 
HETATM 1584 C CBW . M7M C 3 .   ? -11.023 -13.033 9.568   1.00 90.33 ? 1   M7M A CBW 1 
HETATM 1585 C CBX . M7M C 3 .   ? -11.376 -8.030  10.342  1.00 90.88 ? 1   M7M A CBX 1 
HETATM 1586 C CBY . M7M C 3 .   ? -10.960 -6.703  10.915  1.00 91.33 ? 1   M7M A CBY 1 
HETATM 1587 C CBZ . M7M C 3 .   ? -8.839  -14.016 8.813   1.00 90.17 ? 1   M7M A CBZ 1 
HETATM 1588 O OCA . M7M C 3 .   ? -12.713 -8.350  10.679  1.00 90.86 ? 1   M7M A OCA 1 
HETATM 1589 O OCB . M7M C 3 .   ? -11.576 -6.435  12.163  1.00 92.18 ? 1   M7M A OCB 1 
HETATM 1590 C C   . ACE D 4 .   ? 17.076  -7.601  -12.560 1.00 48.54 ? 0   ACE C C   1 
HETATM 1591 O O   . ACE D 4 .   ? 16.065  -7.473  -11.877 1.00 47.94 ? 0   ACE C O   1 
HETATM 1592 C CH3 . ACE D 4 .   ? 18.322  -8.263  -12.042 1.00 48.43 ? 0   ACE C CH3 1 
HETATM 1593 O O   . HOH E 5 .   ? 7.067   -12.112 -10.249 1.00 27.57 ? 2   HOH A O   1 
HETATM 1594 O O   . HOH E 5 .   ? 9.903   -2.520  -11.896 1.00 8.22  ? 3   HOH A O   1 
HETATM 1595 O O   . HOH E 5 .   ? 8.212   4.983   -9.378  1.00 16.06 ? 4   HOH A O   1 
HETATM 1596 O O   . HOH E 5 .   ? -13.175 7.210   -10.450 1.00 23.62 ? 5   HOH A O   1 
HETATM 1597 O O   . HOH E 5 .   ? 8.016   -4.391  -9.606  1.00 8.94  ? 7   HOH A O   1 
HETATM 1598 O O   . HOH E 5 .   ? -1.338  -10.667 -4.482  1.00 14.42 ? 8   HOH A O   1 
HETATM 1599 O O   . HOH E 5 .   ? 5.670   7.696   -6.327  1.00 22.65 ? 10  HOH A O   1 
HETATM 1600 O O   . HOH E 5 .   ? 1.174   -7.823  -17.557 1.00 14.16 ? 13  HOH A O   1 
HETATM 1601 O O   . HOH E 5 .   ? 8.171   6.970   -7.218  1.00 18.33 ? 14  HOH A O   1 
HETATM 1602 O O   . HOH E 5 .   ? 11.130  -8.742  -15.171 1.00 14.69 ? 16  HOH A O   1 
HETATM 1603 O O   . HOH E 5 .   ? -1.670  -13.096 -5.798  1.00 25.47 ? 19  HOH A O   1 
HETATM 1604 O O   . HOH E 5 .   ? 5.560   12.026  9.262   1.00 25.46 ? 20  HOH A O   1 
HETATM 1605 O O   . HOH E 5 .   ? -5.398  2.848   -21.129 1.00 29.60 ? 22  HOH A O   1 
HETATM 1606 O O   . HOH E 5 .   ? -7.944  3.652   -8.198  1.00 20.96 ? 23  HOH A O   1 
HETATM 1607 O O   . HOH E 5 .   ? -6.686  1.375   -7.296  1.00 18.04 ? 24  HOH A O   1 
HETATM 1608 O O   . HOH E 5 .   ? -8.062  4.672   -10.528 1.00 17.97 ? 25  HOH A O   1 
HETATM 1609 O O   . HOH E 5 .   ? -8.315  7.339   -10.778 1.00 21.31 ? 26  HOH A O   1 
HETATM 1610 O O   . HOH E 5 .   ? -5.760  13.271  -3.972  1.00 11.05 ? 27  HOH A O   1 
HETATM 1611 O O   . HOH E 5 .   ? 8.960   -2.084  -4.323  1.00 16.84 ? 28  HOH A O   1 
HETATM 1612 O O   . HOH E 5 .   ? 11.489  -1.411  -4.103  1.00 18.74 ? 29  HOH A O   1 
HETATM 1613 O O   . HOH E 5 .   ? 9.432   -4.626  -3.887  1.00 15.73 ? 30  HOH A O   1 
HETATM 1614 O O   . HOH E 5 .   ? 5.305   -7.056  -25.524 1.00 17.43 ? 31  HOH A O   1 
HETATM 1615 O O   . HOH E 5 .   ? -3.528  -2.013  6.165   1.00 24.85 ? 33  HOH A O   1 
HETATM 1616 O O   . HOH E 5 .   ? 8.246   14.898  3.871   1.00 26.12 ? 34  HOH A O   1 
HETATM 1617 O O   . HOH E 5 .   ? 7.683   -4.973  -29.617 1.00 15.42 ? 35  HOH A O   1 
HETATM 1618 O O   . HOH E 5 .   ? 14.653  5.630   -9.320  1.00 23.37 ? 41  HOH A O   1 
HETATM 1619 O O   . HOH E 5 .   ? 9.620   -9.656  -17.251 1.00 16.23 ? 237 HOH A O   1 
HETATM 1620 O O   . HOH E 5 .   ? -4.368  0.704   4.922   1.00 15.93 ? 238 HOH A O   1 
HETATM 1621 O O   . HOH E 5 .   ? -7.201  5.878   -6.714  1.00 27.45 ? 239 HOH A O   1 
HETATM 1622 O O   . HOH E 5 .   ? -15.141 4.500   9.980   1.00 24.36 ? 240 HOH A O   1 
HETATM 1623 O O   . HOH E 5 .   ? -16.510 3.391   7.553   1.00 21.98 ? 241 HOH A O   1 
HETATM 1624 O O   . HOH E 5 .   ? -1.557  1.222   -21.011 1.00 26.74 ? 242 HOH A O   1 
HETATM 1625 O O   . HOH E 5 .   ? -8.303  12.059  -3.191  1.00 15.86 ? 243 HOH A O   1 
HETATM 1626 O O   . HOH F 5 .   ? 10.830  10.972  -11.182 1.00 39.10 ? 18  HOH C O   1 
HETATM 1627 O O   . HOH F 5 .   ? 12.082  -1.183  -19.825 1.00 16.87 ? 19  HOH C O   1 
HETATM 1628 O O   . HOH F 5 .   ? 16.350  2.652   -13.495 1.00 35.19 ? 20  HOH C O   1 
HETATM 1629 O O   . HOH F 5 .   ? 13.354  5.590   -14.252 1.00 32.49 ? 21  HOH C O   1 
HETATM 1630 O O   . HOH F 5 .   ? 18.297  1.066   -12.602 1.00 38.99 ? 22  HOH C O   1 
HETATM 1631 O O   . HOH F 5 .   ? 17.934  -1.205  -12.038 1.00 36.84 ? 23  HOH C O   1 
# 
loop_
_pdbx_poly_seq_scheme.asym_id 
_pdbx_poly_seq_scheme.entity_id 
_pdbx_poly_seq_scheme.seq_id 
_pdbx_poly_seq_scheme.mon_id 
_pdbx_poly_seq_scheme.ndb_seq_num 
_pdbx_poly_seq_scheme.pdb_seq_num 
_pdbx_poly_seq_scheme.auth_seq_num 
_pdbx_poly_seq_scheme.pdb_mon_id 
_pdbx_poly_seq_scheme.auth_mon_id 
_pdbx_poly_seq_scheme.pdb_strand_id 
_pdbx_poly_seq_scheme.pdb_ins_code 
_pdbx_poly_seq_scheme.hetero 
A 1 1   MET 1   48  48  MET MET A . n 
A 1 2   ARG 2   49  49  ARG ARG A . n 
A 1 3   HIS 3   50  50  HIS HIS A . n 
A 1 4   PRO 4   51  51  PRO PRO A . n 
A 1 5   LEU 5   52  52  LEU LEU A . n 
A 1 6   GLN 6   53  53  GLN GLN A . n 
A 1 7   CYS 7   54  54  CYS CYS A . n 
A 1 8   HIS 8   55  55  HIS HIS A . n 
A 1 9   TRP 9   56  56  TRP TRP A . n 
A 1 10  ALA 10  57  57  ALA ALA A . n 
A 1 11  LEU 11  58  58  LEU LEU A . n 
A 1 12  TRP 12  59  59  TRP TRP A . n 
A 1 13  TYR 13  60  60  TYR TYR A . n 
A 1 14  LEU 14  61  61  LEU LEU A . n 
A 1 15  LYS 15  62  62  LYS LYS A . n 
A 1 16  ALA 16  63  63  ALA ALA A . n 
A 1 17  ASP 17  64  64  ASP ASP A . n 
A 1 18  ARG 18  65  65  ARG ARG A . n 
A 1 19  SER 19  66  66  SER SER A . n 
A 1 20  LYS 20  67  67  LYS LYS A . n 
A 1 21  ASP 21  68  68  ASP ASP A . n 
A 1 22  TRP 22  69  69  TRP TRP A . n 
A 1 23  GLU 23  70  70  GLU GLU A . n 
A 1 24  ASP 24  71  71  ASP ASP A . n 
A 1 25  CYS 25  72  72  CYS CYS A . n 
A 1 26  LEU 26  73  73  LEU LEU A . n 
A 1 27  LYS 27  74  74  LYS LYS A . n 
A 1 28  GLN 28  75  75  GLN GLN A . n 
A 1 29  VAL 29  76  76  VAL VAL A . n 
A 1 30  ALA 30  77  77  ALA ALA A . n 
A 1 31  VAL 31  78  78  VAL VAL A . n 
A 1 32  PHE 32  79  79  PHE PHE A . n 
A 1 33  ASP 33  80  80  ASP ASP A . n 
A 1 34  THR 34  81  81  THR THR A . n 
A 1 35  VAL 35  82  82  VAL VAL A . n 
A 1 36  GLU 36  83  83  GLU GLU A . n 
A 1 37  ASP 37  84  84  ASP ASP A . n 
A 1 38  PHE 38  85  85  PHE PHE A . n 
A 1 39  TRP 39  86  86  TRP TRP A . n 
A 1 40  SER 40  87  87  SER SER A . n 
A 1 41  LEU 41  88  88  LEU LEU A . n 
A 1 42  TYR 42  89  89  TYR TYR A . n 
A 1 43  ASN 43  90  90  ASN ASN A . n 
A 1 44  HIS 44  91  91  HIS HIS A . n 
A 1 45  ILE 45  92  92  ILE ILE A . n 
A 1 46  GLN 46  93  93  GLN GLN A . n 
A 1 47  ALA 47  94  94  ALA ALA A . n 
A 1 48  ALA 48  95  95  ALA ALA A . n 
A 1 49  SER 49  96  96  SER SER A . n 
A 1 50  GLY 50  97  97  GLY GLY A . n 
A 1 51  LEU 51  98  98  LEU LEU A . n 
A 1 52  THR 52  99  99  THR THR A . n 
A 1 53  TRP 53  100 100 TRP TRP A . n 
A 1 54  GLY 54  101 101 GLY GLY A . n 
A 1 55  SER 55  102 102 SER SER A . n 
A 1 56  ASP 56  103 103 ASP ASP A . n 
A 1 57  TYR 57  104 104 TYR TYR A . n 
A 1 58  TYR 58  105 105 TYR TYR A . n 
A 1 59  LEU 59  106 106 LEU LEU A . n 
A 1 60  PHE 60  107 107 PHE PHE A . n 
A 1 61  LYS 61  108 108 LYS LYS A . n 
A 1 62  GLU 62  109 109 GLU GLU A . n 
A 1 63  GLY 63  110 110 GLY GLY A . n 
A 1 64  ILE 64  111 111 ILE ILE A . n 
A 1 65  LYS 65  112 112 LYS LYS A . n 
A 1 66  PRO 66  113 113 PRO PRO A . n 
A 1 67  MET 67  114 114 MET MET A . n 
A 1 68  TRP 68  115 115 TRP TRP A . n 
A 1 69  GLU 69  116 116 GLU GLU A . n 
A 1 70  ASP 70  117 117 ASP ASP A . n 
A 1 71  GLU 71  118 118 GLU GLU A . n 
A 1 72  ASN 72  119 119 ASN ASN A . n 
A 1 73  ASN 73  120 120 ASN ASN A . n 
A 1 74  VAL 74  121 121 VAL VAL A . n 
A 1 75  LYS 75  122 122 LYS LYS A . n 
A 1 76  GLY 76  123 123 GLY GLY A . n 
A 1 77  GLY 77  124 124 GLY GLY A . n 
A 1 78  ARG 78  125 125 ARG ARG A . n 
A 1 79  TRP 79  126 126 TRP TRP A . n 
A 1 80  LEU 80  127 127 LEU LEU A . n 
A 1 81  VAL 81  128 128 VAL VAL A . n 
A 1 82  VAL 82  129 129 VAL VAL A . n 
A 1 83  VAL 83  130 130 VAL VAL A . n 
A 1 84  ASP 84  131 131 ASP ASP A . n 
A 1 85  LYS 85  132 132 LYS LYS A . n 
A 1 86  GLN 86  133 133 GLN GLN A . n 
A 1 87  LYS 87  134 134 LYS LYS A . n 
A 1 88  ARG 88  135 135 ARG ARG A . n 
A 1 89  ALA 89  136 136 ALA ALA A . n 
A 1 90  GLN 90  137 137 GLN GLN A . n 
A 1 91  LEU 91  138 138 LEU LEU A . n 
A 1 92  LEU 92  139 139 LEU LEU A . n 
A 1 93  ASP 93  140 140 ASP ASP A . n 
A 1 94  HIS 94  141 141 HIS HIS A . n 
A 1 95  TYR 95  142 142 TYR TYR A . n 
A 1 96  TRP 96  143 143 TRP TRP A . n 
A 1 97  LEU 97  144 144 LEU LEU A . n 
A 1 98  GLU 98  145 145 GLU GLU A . n 
A 1 99  LEU 99  146 146 LEU LEU A . n 
A 1 100 LEU 100 147 147 LEU LEU A . n 
A 1 101 MET 101 148 148 MET MET A . n 
A 1 102 ALA 102 149 149 ALA ALA A . n 
A 1 103 ILE 103 150 150 ILE ILE A . n 
A 1 104 ILE 104 151 151 ILE ILE A . n 
A 1 105 GLY 105 152 152 GLY GLY A . n 
A 1 106 GLU 106 153 153 GLU GLU A . n 
A 1 107 GLN 107 154 154 GLN GLN A . n 
A 1 108 PHE 108 155 155 PHE PHE A . n 
A 1 109 GLU 109 156 156 GLU GLU A . n 
A 1 110 ASP 110 157 157 ASP ASP A . n 
A 1 111 ASN 111 158 158 ASN ASN A . n 
A 1 112 GLY 112 159 159 GLY GLY A . n 
A 1 113 GLU 113 160 160 GLU GLU A . n 
A 1 114 TYR 114 161 161 TYR TYR A . n 
A 1 115 ILE 115 162 162 ILE ILE A . n 
A 1 116 CYS 116 163 163 CYS CYS A . n 
A 1 117 GLY 117 164 164 GLY GLY A . n 
A 1 118 ALA 118 165 165 ALA ALA A . n 
A 1 119 VAL 119 166 166 VAL VAL A . n 
A 1 120 VAL 120 167 167 VAL VAL A . n 
A 1 121 ASN 121 168 168 ASN ASN A . n 
A 1 122 VAL 122 169 169 VAL VAL A . n 
A 1 123 ARG 123 170 170 ARG ARG A . n 
A 1 124 GLN 124 171 171 GLN GLN A . n 
A 1 125 LYS 125 172 172 LYS LYS A . n 
A 1 126 GLY 126 173 173 GLY GLY A . n 
A 1 127 ASP 127 174 174 ASP ASP A . n 
A 1 128 LYS 128 175 175 LYS LYS A . n 
A 1 129 VAL 129 176 176 VAL VAL A . n 
A 1 130 SER 130 177 177 SER SER A . n 
A 1 131 LEU 131 178 178 LEU LEU A . n 
A 1 132 TRP 132 179 179 TRP TRP A . n 
A 1 133 THR 133 180 180 THR THR A . n 
A 1 134 ARG 134 181 181 ARG ARG A . n 
A 1 135 ASP 135 182 182 ASP ASP A . n 
A 1 136 SER 136 183 183 SER SER A . n 
A 1 137 LEU 137 184 184 LEU LEU A . n 
A 1 138 LYS 138 185 185 LYS LYS A . n 
A 1 139 ASP 139 186 186 ASP ASP A . n 
A 1 140 ASP 140 187 187 ASP ASP A . n 
A 1 141 VAL 141 188 188 VAL VAL A . n 
A 1 142 ASN 142 189 189 ASN ASN A . n 
A 1 143 LEU 143 190 190 LEU LEU A . n 
A 1 144 ARG 144 191 191 ARG ARG A . n 
A 1 145 ILE 145 192 192 ILE ILE A . n 
A 1 146 GLY 146 193 193 GLY GLY A . n 
A 1 147 GLN 147 194 194 GLN GLN A . n 
A 1 148 ILE 148 195 195 ILE ILE A . n 
A 1 149 LEU 149 196 196 LEU LEU A . n 
A 1 150 LYS 150 197 197 LYS LYS A . n 
A 1 151 ALA 151 198 198 ALA ALA A . n 
A 1 152 LYS 152 199 199 LYS LYS A . n 
A 1 153 LEU 153 200 200 LEU LEU A . n 
A 1 154 GLU 154 201 201 GLU GLU A . n 
A 1 155 ILE 155 202 202 ILE ILE A . n 
A 1 156 PRO 156 203 203 PRO PRO A . n 
A 1 157 ASP 157 204 204 ASP ASP A . n 
A 1 158 THR 158 205 205 THR THR A . n 
A 1 159 GLU 159 206 206 GLU GLU A . n 
A 1 160 PRO 160 207 207 PRO PRO A . n 
A 1 161 ILE 161 208 208 ILE ILE A . n 
A 1 162 ARG 162 209 209 ARG ARG A . n 
A 1 163 TYR 163 210 210 TYR TYR A . n 
A 1 164 GLU 164 211 211 GLU GLU A . n 
A 1 165 VAL 165 212 212 VAL VAL A . n 
A 1 166 HIS 166 213 213 HIS HIS A . n 
A 1 167 LYS 167 214 214 LYS LYS A . n 
A 1 168 ASP 168 215 ?   ?   ?   A . n 
A 1 169 SER 169 216 ?   ?   ?   A . n 
A 1 170 SER 170 217 ?   ?   ?   A . n 
A 1 171 VAL 171 218 ?   ?   ?   A . n 
A 1 172 ARG 172 219 ?   ?   ?   A . n 
A 1 173 THR 173 220 220 THR THR A . n 
A 1 174 GLY 174 221 221 GLY GLY A . n 
A 1 175 SER 175 222 222 SER SER A . n 
A 1 176 MET 176 223 223 MET MET A . n 
A 1 177 VAL 177 224 224 VAL VAL A . n 
A 1 178 LYS 178 225 225 LYS LYS A . n 
A 1 179 PRO 179 226 226 PRO PRO A . n 
A 1 180 ARG 180 227 227 ARG ARG A . n 
A 1 181 ILE 181 228 228 ILE ILE A . n 
A 1 182 VAL 182 229 229 VAL VAL A . n 
A 1 183 ILE 183 230 230 ILE ILE A . n 
A 1 184 PRO 184 231 231 PRO PRO A . n 
A 1 185 SER 185 232 232 SER SER A . n 
A 1 186 LYS 186 233 ?   ?   ?   A . n 
A 1 187 ASP 187 234 ?   ?   ?   A . n 
A 1 188 ASN 188 235 ?   ?   ?   A . n 
A 1 189 ARG 189 236 ?   ?   ?   A . n 
B 2 1   ARG 1   1   1   ARG ARG C . n 
B 2 2   ILE 2   2   2   ILE ILE C . n 
B 2 3   ILE 3   3   3   ILE ILE C . n 
B 2 4   TYR 4   4   4   TYR TYR C . n 
B 2 5   ASP 5   5   5   ASP ASP C . n 
B 2 6   ARG 6   6   6   ARG ARG C . n 
B 2 7   LYS 7   7   7   LYS LYS C . n 
B 2 8   PHE 8   8   8   PHE PHE C . n 
B 2 9   LEU 9   9   9   LEU LEU C . n 
B 2 10  MET 10  10  10  MET MET C . n 
B 2 11  GLU 11  11  11  GLU GLU C . n 
B 2 12  CYS 12  12  12  CYS CYS C . n 
B 2 13  ARG 13  13  13  ARG ARG C . n 
B 2 14  ASN 14  14  ?   ?   ?   C . n 
B 2 15  SER 15  15  ?   ?   ?   C . n 
B 2 16  PRO 16  16  ?   ?   ?   C . n 
B 2 17  VAL 17  17  ?   ?   ?   C . n 
# 
_pdbx_SG_project.id                    1 
_pdbx_SG_project.project_name          'NPPSFA, National Project on Protein Structural and Functional Analyses' 
_pdbx_SG_project.full_name_of_center   'Berkeley Structural Genomics Center' 
_pdbx_SG_project.initial_of_center     BSGC 
# 
loop_
_pdbx_nonpoly_scheme.asym_id 
_pdbx_nonpoly_scheme.entity_id 
_pdbx_nonpoly_scheme.mon_id 
_pdbx_nonpoly_scheme.ndb_seq_num 
_pdbx_nonpoly_scheme.pdb_seq_num 
_pdbx_nonpoly_scheme.auth_seq_num 
_pdbx_nonpoly_scheme.pdb_mon_id 
_pdbx_nonpoly_scheme.auth_mon_id 
_pdbx_nonpoly_scheme.pdb_strand_id 
_pdbx_nonpoly_scheme.pdb_ins_code 
C 3 M7M 1  1   1  M7M M7M A . 
D 4 ACE 1  0   0  ACE ACE C . 
E 5 HOH 1  2   2  HOH HOH A . 
E 5 HOH 2  3   3  HOH HOH A . 
E 5 HOH 3  4   4  HOH HOH A . 
E 5 HOH 4  5   5  HOH HOH A . 
E 5 HOH 5  7   7  HOH HOH A . 
E 5 HOH 6  8   8  HOH HOH A . 
E 5 HOH 7  10  10 HOH HOH A . 
E 5 HOH 8  13  13 HOH HOH A . 
E 5 HOH 9  14  14 HOH HOH A . 
E 5 HOH 10 16  16 HOH HOH A . 
E 5 HOH 11 19  19 HOH HOH A . 
E 5 HOH 12 20  20 HOH HOH A . 
E 5 HOH 13 22  22 HOH HOH A . 
E 5 HOH 14 23  23 HOH HOH A . 
E 5 HOH 15 24  24 HOH HOH A . 
E 5 HOH 16 25  25 HOH HOH A . 
E 5 HOH 17 26  26 HOH HOH A . 
E 5 HOH 18 27  27 HOH HOH A . 
E 5 HOH 19 28  28 HOH HOH A . 
E 5 HOH 20 29  29 HOH HOH A . 
E 5 HOH 21 30  30 HOH HOH A . 
E 5 HOH 22 31  31 HOH HOH A . 
E 5 HOH 23 33  33 HOH HOH A . 
E 5 HOH 24 34  34 HOH HOH A . 
E 5 HOH 25 35  35 HOH HOH A . 
E 5 HOH 26 41  41 HOH HOH A . 
E 5 HOH 27 237 1  HOH HOH A . 
E 5 HOH 28 238 1  HOH HOH A . 
E 5 HOH 29 239 7  HOH HOH A . 
E 5 HOH 30 240 1  HOH HOH A . 
E 5 HOH 31 241 2  HOH HOH A . 
E 5 HOH 32 242 1  HOH HOH A . 
E 5 HOH 33 243 1  HOH HOH A . 
F 5 HOH 1  18  11 HOH HOH C . 
F 5 HOH 2  19  12 HOH HOH C . 
F 5 HOH 3  20  15 HOH HOH C . 
F 5 HOH 4  21  21 HOH HOH C . 
F 5 HOH 5  22  4  HOH HOH C . 
F 5 HOH 6  23  5  HOH HOH C . 
# 
_pdbx_struct_assembly.id                   1 
_pdbx_struct_assembly.details              author_and_software_defined_assembly 
_pdbx_struct_assembly.method_details       PISA 
_pdbx_struct_assembly.oligomeric_details   dimeric 
_pdbx_struct_assembly.oligomeric_count     2 
# 
_pdbx_struct_assembly_gen.assembly_id       1 
_pdbx_struct_assembly_gen.oper_expression   1 
_pdbx_struct_assembly_gen.asym_id_list      A,B,C,D,E,F 
# 
loop_
_pdbx_struct_assembly_prop.biol_id 
_pdbx_struct_assembly_prop.type 
_pdbx_struct_assembly_prop.value 
_pdbx_struct_assembly_prop.details 
1 'ABSA (A^2)' 1530  ? 
1 MORE         -9    ? 
1 'SSA (A^2)'  10040 ? 
# 
_pdbx_struct_oper_list.id                   1 
_pdbx_struct_oper_list.type                 'identity operation' 
_pdbx_struct_oper_list.name                 1_555 
_pdbx_struct_oper_list.symmetry_operation   x,y,z 
_pdbx_struct_oper_list.matrix[1][1]         1.0000000000 
_pdbx_struct_oper_list.matrix[1][2]         0.0000000000 
_pdbx_struct_oper_list.matrix[1][3]         0.0000000000 
_pdbx_struct_oper_list.vector[1]            0.0000000000 
_pdbx_struct_oper_list.matrix[2][1]         0.0000000000 
_pdbx_struct_oper_list.matrix[2][2]         1.0000000000 
_pdbx_struct_oper_list.matrix[2][3]         0.0000000000 
_pdbx_struct_oper_list.vector[2]            0.0000000000 
_pdbx_struct_oper_list.matrix[3][1]         0.0000000000 
_pdbx_struct_oper_list.matrix[3][2]         0.0000000000 
_pdbx_struct_oper_list.matrix[3][3]         1.0000000000 
_pdbx_struct_oper_list.vector[3]            0.0000000000 
# 
loop_
_pdbx_audit_revision_history.ordinal 
_pdbx_audit_revision_history.data_content_type 
_pdbx_audit_revision_history.major_revision 
_pdbx_audit_revision_history.minor_revision 
_pdbx_audit_revision_history.revision_date 
1 'Structure model' 1 0 2011-07-20 
2 'Structure model' 1 1 2011-10-12 
3 'Structure model' 1 2 2011-12-14 
4 'Structure model' 1 3 2023-09-06 
# 
_pdbx_audit_revision_details.ordinal             1 
_pdbx_audit_revision_details.revision_ordinal    1 
_pdbx_audit_revision_details.data_content_type   'Structure model' 
_pdbx_audit_revision_details.provider            repository 
_pdbx_audit_revision_details.type                'Initial release' 
_pdbx_audit_revision_details.description         ? 
_pdbx_audit_revision_details.details             ? 
# 
loop_
_pdbx_audit_revision_group.ordinal 
_pdbx_audit_revision_group.revision_ordinal 
_pdbx_audit_revision_group.data_content_type 
_pdbx_audit_revision_group.group 
1 2 'Structure model' 'Database references'    
2 3 'Structure model' 'Database references'    
3 4 'Structure model' 'Data collection'        
4 4 'Structure model' 'Database references'    
5 4 'Structure model' 'Derived calculations'   
6 4 'Structure model' 'Refinement description' 
# 
loop_
_pdbx_audit_revision_category.ordinal 
_pdbx_audit_revision_category.revision_ordinal 
_pdbx_audit_revision_category.data_content_type 
_pdbx_audit_revision_category.category 
1 4 'Structure model' chem_comp_atom                
2 4 'Structure model' chem_comp_bond                
3 4 'Structure model' database_2                    
4 4 'Structure model' pdbx_initial_refinement_model 
5 4 'Structure model' struct_ref_seq_dif            
6 4 'Structure model' struct_site                   
# 
loop_
_pdbx_audit_revision_item.ordinal 
_pdbx_audit_revision_item.revision_ordinal 
_pdbx_audit_revision_item.data_content_type 
_pdbx_audit_revision_item.item 
1 4 'Structure model' '_database_2.pdbx_DOI'                
2 4 'Structure model' '_database_2.pdbx_database_accession' 
3 4 'Structure model' '_struct_ref_seq_dif.details'         
4 4 'Structure model' '_struct_site.pdbx_auth_asym_id'      
5 4 'Structure model' '_struct_site.pdbx_auth_comp_id'      
6 4 'Structure model' '_struct_site.pdbx_auth_seq_id'       
# 
loop_
_pdbx_refine_tls.pdbx_refine_id 
_pdbx_refine_tls.id 
_pdbx_refine_tls.details 
_pdbx_refine_tls.method 
_pdbx_refine_tls.origin_x 
_pdbx_refine_tls.origin_y 
_pdbx_refine_tls.origin_z 
_pdbx_refine_tls.T[1][1] 
_pdbx_refine_tls.T[2][2] 
_pdbx_refine_tls.T[3][3] 
_pdbx_refine_tls.T[1][2] 
_pdbx_refine_tls.T[1][3] 
_pdbx_refine_tls.T[2][3] 
_pdbx_refine_tls.L[1][1] 
_pdbx_refine_tls.L[2][2] 
_pdbx_refine_tls.L[3][3] 
_pdbx_refine_tls.L[1][2] 
_pdbx_refine_tls.L[1][3] 
_pdbx_refine_tls.L[2][3] 
_pdbx_refine_tls.S[1][1] 
_pdbx_refine_tls.S[1][2] 
_pdbx_refine_tls.S[1][3] 
_pdbx_refine_tls.S[2][1] 
_pdbx_refine_tls.S[2][2] 
_pdbx_refine_tls.S[2][3] 
_pdbx_refine_tls.S[3][1] 
_pdbx_refine_tls.S[3][2] 
_pdbx_refine_tls.S[3][3] 
'X-RAY DIFFRACTION' 1  ? refined 8.0234   -4.0566  -18.6858 0.1567 0.2724 0.2056 0.0426  0.0594  0.0484  3.3307 4.7838  5.3864  1.0661  -4.1637 -1.5101 0.0024  0.2534  0.1134  -0.2541 -0.0208 0.0235  0.1256  -0.1638 0.0182  
'X-RAY DIFFRACTION' 2  ? refined -5.9863  -6.7172  -5.2981  0.1016 0.1592 0.1615 -0.0734 0.0102  -0.0447 9.4740 2.1811  6.5712  0.5695  -3.4624 0.2267  0.1640  -0.2339 0.0907  -0.0038 -0.1440 0.2482  0.1331  -0.3269 -0.0200 
'X-RAY DIFFRACTION' 3  ? refined -15.7698 -10.7287 2.1007   0.5839 0.5911 0.4459 -0.2536 0.2003  -0.0148 9.2089 3.2701  4.0575  2.1807  -3.7749 -2.8506 -0.0878 -0.3738 -0.6954 0.3004  -0.0831 0.4135  0.5402  -0.3680 0.1708  
'X-RAY DIFFRACTION' 4  ? refined -4.4197  -0.6593  -13.2194 0.0904 0.1605 0.1330 -0.0211 -0.0338 -0.0570 5.9448 1.5058  1.6824  -0.3855 -0.9008 -0.1906 -0.0888 0.0017  0.2968  -0.0910 -0.0184 0.1059  0.1488  -0.0372 0.1073  
'X-RAY DIFFRACTION' 5  ? refined -10.1295 -0.7827  -0.8276  0.0394 0.2619 0.1730 -0.0403 0.0708  -0.1254 6.8365 5.9077  3.2350  -1.4587 -0.0807 0.6122  0.1456  -0.3236 0.0442  0.2308  -0.3326 0.6817  -0.0793 -0.4156 0.1870  
'X-RAY DIFFRACTION' 6  ? refined -1.2069  -11.5628 0.5542   0.3883 0.2562 0.1381 -0.1299 0.0019  -0.0143 4.4018 4.6243  12.3562 0.1161  -5.7136 -3.3324 -0.0834 -0.2953 -0.2377 0.3328  0.1084  0.3762  0.8412  -0.1167 -0.0249 
'X-RAY DIFFRACTION' 7  ? refined 1.9019   -11.4099 7.0956   0.2049 0.3118 0.0979 -0.0420 0.0286  0.0569  5.0844 14.0072 7.2005  -1.1559 1.7589  3.3346  0.1147  -0.4860 -0.1914 0.4171  -0.0717 -0.0202 1.0325  0.1454  -0.0429 
'X-RAY DIFFRACTION' 8  ? refined -5.0936  10.7560  4.9634   0.2368 0.2983 0.3114 0.0177  0.0339  -0.1804 6.6963 6.5202  4.4507  -3.2408 2.3064  -3.4101 0.1496  -0.4600 0.5381  0.1615  0.0605  0.6335  -0.7432 -0.3808 -0.2102 
'X-RAY DIFFRACTION' 9  ? refined 4.6656   3.9903   -4.1965  0.1100 0.2120 0.1251 -0.0441 -0.0032 -0.0531 5.9297 3.2764  2.2359  -0.7657 0.0511  0.8067  -0.0279 -0.2117 0.3074  0.1791  -0.1338 -0.0203 -0.0973 0.1218  0.1616  
'X-RAY DIFFRACTION' 10 ? refined -2.4098  -0.1932  3.3829   0.1367 0.4342 0.1028 -0.0460 0.0760  -0.0740 1.2018 3.2377  3.1966  1.8346  1.1049  0.7200  0.2307  -0.2955 0.1635  0.4399  -0.4605 0.2194  0.0246  -0.1260 0.2298  
'X-RAY DIFFRACTION' 11 ? refined 7.1937   -3.5249  7.6081   0.1735 0.3656 0.0664 -0.0759 0.0009  -0.0200 6.0373 4.2958  4.1089  -0.3367 2.5396  -0.4588 0.3891  -0.5665 -0.3130 0.5669  -0.2910 -0.1244 0.4466  0.3051  -0.0982 
'X-RAY DIFFRACTION' 12 ? refined 9.6411   7.6127   2.8821   0.0841 0.2269 0.1385 -0.0903 0.0101  -0.0772 6.4829 6.9363  6.1300  -2.4275 3.8140  -2.5311 -0.1102 -0.0519 0.5756  -0.1601 -0.1072 -0.1965 -0.3472 0.3286  0.2174  
'X-RAY DIFFRACTION' 13 ? refined 3.0806   6.5408   10.7762  0.1566 0.3289 0.1719 -0.0234 0.0214  -0.0808 2.5842 12.0070 4.8397  0.8002  -0.0657 -0.2425 0.0136  -0.3691 0.3726  0.5366  0.0476  0.6318  -0.3020 -0.1932 -0.0612 
'X-RAY DIFFRACTION' 14 ? refined 3.8307   1.1963   18.3119  0.6444 0.4795 0.2074 0.1773  0.0549  -0.0278 7.7855 0.7388  12.9361 2.2521  -8.1011 -2.3043 -0.0556 -0.3453 -0.2835 0.2092  0.0203  -0.0630 0.1318  0.6099  0.0354 
# 
loop_
_pdbx_refine_tls_group.pdbx_refine_id 
_pdbx_refine_tls_group.id 
_pdbx_refine_tls_group.refine_tls_id 
_pdbx_refine_tls_group.beg_auth_asym_id 
_pdbx_refine_tls_group.beg_auth_seq_id 
_pdbx_refine_tls_group.beg_label_asym_id 
_pdbx_refine_tls_group.beg_label_seq_id 
_pdbx_refine_tls_group.end_auth_asym_id 
_pdbx_refine_tls_group.end_auth_seq_id 
_pdbx_refine_tls_group.end_label_asym_id 
_pdbx_refine_tls_group.end_label_seq_id 
_pdbx_refine_tls_group.selection 
_pdbx_refine_tls_group.selection_details 
'X-RAY DIFFRACTION' 1  1  A 35  ? ? A 40  ? ? ? ? 
'X-RAY DIFFRACTION' 2  2  A 41  ? ? A 51  ? ? ? ? 
'X-RAY DIFFRACTION' 3  3  A 52  ? ? A 61  ? ? ? ? 
'X-RAY DIFFRACTION' 4  4  A 62  ? ? A 84  ? ? ? ? 
'X-RAY DIFFRACTION' 5  5  A 85  ? ? A 94  ? ? ? ? 
'X-RAY DIFFRACTION' 6  6  A 95  ? ? A 102 ? ? ? ? 
'X-RAY DIFFRACTION' 7  7  A 103 ? ? A 112 ? ? ? ? 
'X-RAY DIFFRACTION' 8  8  A 113 ? ? A 125 ? ? ? ? 
'X-RAY DIFFRACTION' 9  9  A 126 ? ? A 145 ? ? ? ? 
'X-RAY DIFFRACTION' 10 10 A 146 ? ? A 161 ? ? ? ? 
'X-RAY DIFFRACTION' 11 11 A 162 ? ? A 176 ? ? ? ? 
'X-RAY DIFFRACTION' 12 12 A 177 ? ? A 188 ? ? ? ? 
'X-RAY DIFFRACTION' 13 13 A 189 ? ? A 200 ? ? ? ? 
'X-RAY DIFFRACTION' 14 14 A 201 ? ? A 219 ? ? ? ? 
# 
loop_
_software.name 
_software.classification 
_software.version 
_software.citation_id 
_software.pdbx_ordinal 
HKL-2000 'data collection' .        ? 1 
PHASES   phasing           .        ? 2 
REFMAC   refinement        5.5.0072 ? 3 
HKL-2000 'data reduction'  .        ? 4 
HKL-2000 'data scaling'    .        ? 5 
# 
loop_
_pdbx_validate_torsion.id 
_pdbx_validate_torsion.PDB_model_num 
_pdbx_validate_torsion.auth_comp_id 
_pdbx_validate_torsion.auth_asym_id 
_pdbx_validate_torsion.auth_seq_id 
_pdbx_validate_torsion.PDB_ins_code 
_pdbx_validate_torsion.label_alt_id 
_pdbx_validate_torsion.phi 
_pdbx_validate_torsion.psi 
1 1 ASP A 80  ? ? -142.89 20.56   
2 1 GLU A 156 ? ? 61.74   -128.29 
# 
loop_
_pdbx_unobs_or_zero_occ_atoms.id 
_pdbx_unobs_or_zero_occ_atoms.PDB_model_num 
_pdbx_unobs_or_zero_occ_atoms.polymer_flag 
_pdbx_unobs_or_zero_occ_atoms.occupancy_flag 
_pdbx_unobs_or_zero_occ_atoms.auth_asym_id 
_pdbx_unobs_or_zero_occ_atoms.auth_comp_id 
_pdbx_unobs_or_zero_occ_atoms.auth_seq_id 
_pdbx_unobs_or_zero_occ_atoms.PDB_ins_code 
_pdbx_unobs_or_zero_occ_atoms.auth_atom_id 
_pdbx_unobs_or_zero_occ_atoms.label_alt_id 
_pdbx_unobs_or_zero_occ_atoms.label_asym_id 
_pdbx_unobs_or_zero_occ_atoms.label_comp_id 
_pdbx_unobs_or_zero_occ_atoms.label_seq_id 
_pdbx_unobs_or_zero_occ_atoms.label_atom_id 
1  1 Y 1 A LYS 62  ? CG  ? A LYS 15  CG  
2  1 Y 1 A LYS 62  ? CD  ? A LYS 15  CD  
3  1 Y 1 A LYS 62  ? CE  ? A LYS 15  CE  
4  1 Y 1 A LYS 62  ? NZ  ? A LYS 15  NZ  
5  1 Y 1 A ASP 64  ? CG  ? A ASP 17  CG  
6  1 Y 1 A ASP 64  ? OD1 ? A ASP 17  OD1 
7  1 Y 1 A ASP 64  ? OD2 ? A ASP 17  OD2 
8  1 Y 1 A ARG 65  ? CD  ? A ARG 18  CD  
9  1 Y 1 A ARG 65  ? NE  ? A ARG 18  NE  
10 1 Y 1 A ARG 65  ? CZ  ? A ARG 18  CZ  
11 1 Y 1 A ARG 65  ? NH1 ? A ARG 18  NH1 
12 1 Y 1 A ARG 65  ? NH2 ? A ARG 18  NH2 
13 1 Y 1 A LYS 67  ? CD  ? A LYS 20  CD  
14 1 Y 1 A LYS 67  ? CE  ? A LYS 20  CE  
15 1 Y 1 A LYS 67  ? NZ  ? A LYS 20  NZ  
16 1 Y 1 A LYS 74  ? CE  ? A LYS 27  CE  
17 1 Y 1 A LYS 74  ? NZ  ? A LYS 27  NZ  
18 1 Y 1 A LYS 112 ? CG  ? A LYS 65  CG  
19 1 Y 1 A LYS 112 ? CD  ? A LYS 65  CD  
20 1 Y 1 A LYS 112 ? CE  ? A LYS 65  CE  
21 1 Y 1 A LYS 112 ? NZ  ? A LYS 65  NZ  
22 1 Y 1 A LYS 122 ? CG  ? A LYS 75  CG  
23 1 Y 1 A LYS 122 ? CD  ? A LYS 75  CD  
24 1 Y 1 A LYS 122 ? CE  ? A LYS 75  CE  
25 1 Y 1 A LYS 122 ? NZ  ? A LYS 75  NZ  
26 1 Y 1 A LYS 132 ? CE  ? A LYS 85  CE  
27 1 Y 1 A LYS 132 ? NZ  ? A LYS 85  NZ  
28 1 Y 1 A LYS 134 ? CG  ? A LYS 87  CG  
29 1 Y 1 A LYS 134 ? CD  ? A LYS 87  CD  
30 1 Y 1 A LYS 134 ? CE  ? A LYS 87  CE  
31 1 Y 1 A LYS 134 ? NZ  ? A LYS 87  NZ  
32 1 Y 1 A GLN 171 ? CG  ? A GLN 124 CG  
33 1 Y 1 A GLN 171 ? CD  ? A GLN 124 CD  
34 1 Y 1 A GLN 171 ? OE1 ? A GLN 124 OE1 
35 1 Y 1 A GLN 171 ? NE2 ? A GLN 124 NE2 
36 1 Y 1 A LYS 214 ? CG  ? A LYS 167 CG  
37 1 Y 1 A LYS 214 ? CD  ? A LYS 167 CD  
38 1 Y 1 A LYS 214 ? CE  ? A LYS 167 CE  
39 1 Y 1 A LYS 214 ? NZ  ? A LYS 167 NZ  
40 1 Y 1 A VAL 224 ? CG1 ? A VAL 177 CG1 
41 1 Y 1 A VAL 224 ? CG2 ? A VAL 177 CG2 
42 1 Y 1 A LYS 225 ? CG  ? A LYS 178 CG  
43 1 Y 1 A LYS 225 ? CD  ? A LYS 178 CD  
44 1 Y 1 A LYS 225 ? CE  ? A LYS 178 CE  
45 1 Y 1 A LYS 225 ? NZ  ? A LYS 178 NZ  
46 1 Y 1 A SER 232 ? OG  ? A SER 185 OG  
47 1 Y 1 C GLU 11  ? CD  ? B GLU 11  CD  
48 1 Y 1 C GLU 11  ? OE1 ? B GLU 11  OE1 
49 1 Y 1 C GLU 11  ? OE2 ? B GLU 11  OE2 
# 
loop_
_pdbx_unobs_or_zero_occ_residues.id 
_pdbx_unobs_or_zero_occ_residues.PDB_model_num 
_pdbx_unobs_or_zero_occ_residues.polymer_flag 
_pdbx_unobs_or_zero_occ_residues.occupancy_flag 
_pdbx_unobs_or_zero_occ_residues.auth_asym_id 
_pdbx_unobs_or_zero_occ_residues.auth_comp_id 
_pdbx_unobs_or_zero_occ_residues.auth_seq_id 
_pdbx_unobs_or_zero_occ_residues.PDB_ins_code 
_pdbx_unobs_or_zero_occ_residues.label_asym_id 
_pdbx_unobs_or_zero_occ_residues.label_comp_id 
_pdbx_unobs_or_zero_occ_residues.label_seq_id 
1  1 Y 1 A ASP 215 ? A ASP 168 
2  1 Y 1 A SER 216 ? A SER 169 
3  1 Y 1 A SER 217 ? A SER 170 
4  1 Y 1 A VAL 218 ? A VAL 171 
5  1 Y 1 A ARG 219 ? A ARG 172 
6  1 Y 1 A LYS 233 ? A LYS 186 
7  1 Y 1 A ASP 234 ? A ASP 187 
8  1 Y 1 A ASN 235 ? A ASN 188 
9  1 Y 1 A ARG 236 ? A ARG 189 
10 1 Y 1 C ASN 14  ? B ASN 14  
11 1 Y 1 C SER 15  ? B SER 15  
12 1 Y 1 C PRO 16  ? B PRO 16  
13 1 Y 1 C VAL 17  ? B VAL 17  
# 
loop_
_chem_comp_atom.comp_id 
_chem_comp_atom.atom_id 
_chem_comp_atom.type_symbol 
_chem_comp_atom.pdbx_aromatic_flag 
_chem_comp_atom.pdbx_stereo_config 
_chem_comp_atom.pdbx_ordinal 
ACE C    C N N 1   
ACE O    O N N 2   
ACE CH3  C N N 3   
ACE H    H N N 4   
ACE H1   H N N 5   
ACE H2   H N N 6   
ACE H3   H N N 7   
ALA N    N N N 8   
ALA CA   C N S 9   
ALA C    C N N 10  
ALA O    O N N 11  
ALA CB   C N N 12  
ALA OXT  O N N 13  
ALA H    H N N 14  
ALA H2   H N N 15  
ALA HA   H N N 16  
ALA HB1  H N N 17  
ALA HB2  H N N 18  
ALA HB3  H N N 19  
ALA HXT  H N N 20  
ARG N    N N N 21  
ARG CA   C N S 22  
ARG C    C N N 23  
ARG O    O N N 24  
ARG CB   C N N 25  
ARG CG   C N N 26  
ARG CD   C N N 27  
ARG NE   N N N 28  
ARG CZ   C N N 29  
ARG NH1  N N N 30  
ARG NH2  N N N 31  
ARG OXT  O N N 32  
ARG H    H N N 33  
ARG H2   H N N 34  
ARG HA   H N N 35  
ARG HB2  H N N 36  
ARG HB3  H N N 37  
ARG HG2  H N N 38  
ARG HG3  H N N 39  
ARG HD2  H N N 40  
ARG HD3  H N N 41  
ARG HE   H N N 42  
ARG HH11 H N N 43  
ARG HH12 H N N 44  
ARG HH21 H N N 45  
ARG HH22 H N N 46  
ARG HXT  H N N 47  
ASN N    N N N 48  
ASN CA   C N S 49  
ASN C    C N N 50  
ASN O    O N N 51  
ASN CB   C N N 52  
ASN CG   C N N 53  
ASN OD1  O N N 54  
ASN ND2  N N N 55  
ASN OXT  O N N 56  
ASN H    H N N 57  
ASN H2   H N N 58  
ASN HA   H N N 59  
ASN HB2  H N N 60  
ASN HB3  H N N 61  
ASN HD21 H N N 62  
ASN HD22 H N N 63  
ASN HXT  H N N 64  
ASP N    N N N 65  
ASP CA   C N S 66  
ASP C    C N N 67  
ASP O    O N N 68  
ASP CB   C N N 69  
ASP CG   C N N 70  
ASP OD1  O N N 71  
ASP OD2  O N N 72  
ASP OXT  O N N 73  
ASP H    H N N 74  
ASP H2   H N N 75  
ASP HA   H N N 76  
ASP HB2  H N N 77  
ASP HB3  H N N 78  
ASP HD2  H N N 79  
ASP HXT  H N N 80  
CYS N    N N N 81  
CYS CA   C N R 82  
CYS C    C N N 83  
CYS O    O N N 84  
CYS CB   C N N 85  
CYS SG   S N N 86  
CYS OXT  O N N 87  
CYS H    H N N 88  
CYS H2   H N N 89  
CYS HA   H N N 90  
CYS HB2  H N N 91  
CYS HB3  H N N 92  
CYS HG   H N N 93  
CYS HXT  H N N 94  
GLN N    N N N 95  
GLN CA   C N S 96  
GLN C    C N N 97  
GLN O    O N N 98  
GLN CB   C N N 99  
GLN CG   C N N 100 
GLN CD   C N N 101 
GLN OE1  O N N 102 
GLN NE2  N N N 103 
GLN OXT  O N N 104 
GLN H    H N N 105 
GLN H2   H N N 106 
GLN HA   H N N 107 
GLN HB2  H N N 108 
GLN HB3  H N N 109 
GLN HG2  H N N 110 
GLN HG3  H N N 111 
GLN HE21 H N N 112 
GLN HE22 H N N 113 
GLN HXT  H N N 114 
GLU N    N N N 115 
GLU CA   C N S 116 
GLU C    C N N 117 
GLU O    O N N 118 
GLU CB   C N N 119 
GLU CG   C N N 120 
GLU CD   C N N 121 
GLU OE1  O N N 122 
GLU OE2  O N N 123 
GLU OXT  O N N 124 
GLU H    H N N 125 
GLU H2   H N N 126 
GLU HA   H N N 127 
GLU HB2  H N N 128 
GLU HB3  H N N 129 
GLU HG2  H N N 130 
GLU HG3  H N N 131 
GLU HE2  H N N 132 
GLU HXT  H N N 133 
GLY N    N N N 134 
GLY CA   C N N 135 
GLY C    C N N 136 
GLY O    O N N 137 
GLY OXT  O N N 138 
GLY H    H N N 139 
GLY H2   H N N 140 
GLY HA2  H N N 141 
GLY HA3  H N N 142 
GLY HXT  H N N 143 
HIS N    N N N 144 
HIS CA   C N S 145 
HIS C    C N N 146 
HIS O    O N N 147 
HIS CB   C N N 148 
HIS CG   C Y N 149 
HIS ND1  N Y N 150 
HIS CD2  C Y N 151 
HIS CE1  C Y N 152 
HIS NE2  N Y N 153 
HIS OXT  O N N 154 
HIS H    H N N 155 
HIS H2   H N N 156 
HIS HA   H N N 157 
HIS HB2  H N N 158 
HIS HB3  H N N 159 
HIS HD1  H N N 160 
HIS HD2  H N N 161 
HIS HE1  H N N 162 
HIS HE2  H N N 163 
HIS HXT  H N N 164 
HOH O    O N N 165 
HOH H1   H N N 166 
HOH H2   H N N 167 
ILE N    N N N 168 
ILE CA   C N S 169 
ILE C    C N N 170 
ILE O    O N N 171 
ILE CB   C N S 172 
ILE CG1  C N N 173 
ILE CG2  C N N 174 
ILE CD1  C N N 175 
ILE OXT  O N N 176 
ILE H    H N N 177 
ILE H2   H N N 178 
ILE HA   H N N 179 
ILE HB   H N N 180 
ILE HG12 H N N 181 
ILE HG13 H N N 182 
ILE HG21 H N N 183 
ILE HG22 H N N 184 
ILE HG23 H N N 185 
ILE HD11 H N N 186 
ILE HD12 H N N 187 
ILE HD13 H N N 188 
ILE HXT  H N N 189 
LEU N    N N N 190 
LEU CA   C N S 191 
LEU C    C N N 192 
LEU O    O N N 193 
LEU CB   C N N 194 
LEU CG   C N N 195 
LEU CD1  C N N 196 
LEU CD2  C N N 197 
LEU OXT  O N N 198 
LEU H    H N N 199 
LEU H2   H N N 200 
LEU HA   H N N 201 
LEU HB2  H N N 202 
LEU HB3  H N N 203 
LEU HG   H N N 204 
LEU HD11 H N N 205 
LEU HD12 H N N 206 
LEU HD13 H N N 207 
LEU HD21 H N N 208 
LEU HD22 H N N 209 
LEU HD23 H N N 210 
LEU HXT  H N N 211 
LYS N    N N N 212 
LYS CA   C N S 213 
LYS C    C N N 214 
LYS O    O N N 215 
LYS CB   C N N 216 
LYS CG   C N N 217 
LYS CD   C N N 218 
LYS CE   C N N 219 
LYS NZ   N N N 220 
LYS OXT  O N N 221 
LYS H    H N N 222 
LYS H2   H N N 223 
LYS HA   H N N 224 
LYS HB2  H N N 225 
LYS HB3  H N N 226 
LYS HG2  H N N 227 
LYS HG3  H N N 228 
LYS HD2  H N N 229 
LYS HD3  H N N 230 
LYS HE2  H N N 231 
LYS HE3  H N N 232 
LYS HZ1  H N N 233 
LYS HZ2  H N N 234 
LYS HZ3  H N N 235 
LYS HXT  H N N 236 
M7M OAX  O N N 237 
M7M OAY  O N N 238 
M7M PAZ  P N N 239 
M7M OBA  O N N 240 
M7M OBB  O N N 241 
M7M CBC  C N N 242 
M7M OBD  O N N 243 
M7M NBE  N N N 244 
M7M CBF  C N N 245 
M7M CBG  C N N 246 
M7M NBH  N N N 247 
M7M CBI  C N N 248 
M7M OBJ  O N N 249 
M7M PBK  P N N 250 
M7M OBL  O N N 251 
M7M CBM  C N N 252 
M7M NBN  N N N 253 
M7M CBO  C N N 254 
M7M NBP  N N N 255 
M7M CBQ  C N R 256 
M7M OBR  O N N 257 
M7M CBS  C N R 258 
M7M CBT  C N N 259 
M7M OBU  O N N 260 
M7M NBV  N N N 261 
M7M CBW  C N N 262 
M7M CBX  C N R 263 
M7M CBY  C N S 264 
M7M CBZ  C N N 265 
M7M OCA  O N N 266 
M7M OCB  O N N 267 
M7M HOAX H N N 268 
M7M HOAY H N N 269 
M7M HBC  H N N 270 
M7M HBCA H N N 271 
M7M HBCB H N N 272 
M7M HBI  H N N 273 
M7M HOBJ H N N 274 
M7M HNBN H N N 275 
M7M HBQ  H N N 276 
M7M HBS  H N N 277 
M7M HBT  H N N 278 
M7M HBTA H N N 279 
M7M HBW  H N N 280 
M7M HBWA H N N 281 
M7M HBWB H N N 282 
M7M HBX  H N N 283 
M7M HBY  H N N 284 
M7M HBZ  H N N 285 
M7M HBZA H N N 286 
M7M HBZB H N N 287 
M7M HOCA H N N 288 
M7M HOCB H N N 289 
M7M H23  H N N 290 
MET N    N N N 291 
MET CA   C N S 292 
MET C    C N N 293 
MET O    O N N 294 
MET CB   C N N 295 
MET CG   C N N 296 
MET SD   S N N 297 
MET CE   C N N 298 
MET OXT  O N N 299 
MET H    H N N 300 
MET H2   H N N 301 
MET HA   H N N 302 
MET HB2  H N N 303 
MET HB3  H N N 304 
MET HG2  H N N 305 
MET HG3  H N N 306 
MET HE1  H N N 307 
MET HE2  H N N 308 
MET HE3  H N N 309 
MET HXT  H N N 310 
PHE N    N N N 311 
PHE CA   C N S 312 
PHE C    C N N 313 
PHE O    O N N 314 
PHE CB   C N N 315 
PHE CG   C Y N 316 
PHE CD1  C Y N 317 
PHE CD2  C Y N 318 
PHE CE1  C Y N 319 
PHE CE2  C Y N 320 
PHE CZ   C Y N 321 
PHE OXT  O N N 322 
PHE H    H N N 323 
PHE H2   H N N 324 
PHE HA   H N N 325 
PHE HB2  H N N 326 
PHE HB3  H N N 327 
PHE HD1  H N N 328 
PHE HD2  H N N 329 
PHE HE1  H N N 330 
PHE HE2  H N N 331 
PHE HZ   H N N 332 
PHE HXT  H N N 333 
PRO N    N N N 334 
PRO CA   C N S 335 
PRO C    C N N 336 
PRO O    O N N 337 
PRO CB   C N N 338 
PRO CG   C N N 339 
PRO CD   C N N 340 
PRO OXT  O N N 341 
PRO H    H N N 342 
PRO HA   H N N 343 
PRO HB2  H N N 344 
PRO HB3  H N N 345 
PRO HG2  H N N 346 
PRO HG3  H N N 347 
PRO HD2  H N N 348 
PRO HD3  H N N 349 
PRO HXT  H N N 350 
SER N    N N N 351 
SER CA   C N S 352 
SER C    C N N 353 
SER O    O N N 354 
SER CB   C N N 355 
SER OG   O N N 356 
SER OXT  O N N 357 
SER H    H N N 358 
SER H2   H N N 359 
SER HA   H N N 360 
SER HB2  H N N 361 
SER HB3  H N N 362 
SER HG   H N N 363 
SER HXT  H N N 364 
THR N    N N N 365 
THR CA   C N S 366 
THR C    C N N 367 
THR O    O N N 368 
THR CB   C N R 369 
THR OG1  O N N 370 
THR CG2  C N N 371 
THR OXT  O N N 372 
THR H    H N N 373 
THR H2   H N N 374 
THR HA   H N N 375 
THR HB   H N N 376 
THR HG1  H N N 377 
THR HG21 H N N 378 
THR HG22 H N N 379 
THR HG23 H N N 380 
THR HXT  H N N 381 
TRP N    N N N 382 
TRP CA   C N S 383 
TRP C    C N N 384 
TRP O    O N N 385 
TRP CB   C N N 386 
TRP CG   C Y N 387 
TRP CD1  C Y N 388 
TRP CD2  C Y N 389 
TRP NE1  N Y N 390 
TRP CE2  C Y N 391 
TRP CE3  C Y N 392 
TRP CZ2  C Y N 393 
TRP CZ3  C Y N 394 
TRP CH2  C Y N 395 
TRP OXT  O N N 396 
TRP H    H N N 397 
TRP H2   H N N 398 
TRP HA   H N N 399 
TRP HB2  H N N 400 
TRP HB3  H N N 401 
TRP HD1  H N N 402 
TRP HE1  H N N 403 
TRP HE3  H N N 404 
TRP HZ2  H N N 405 
TRP HZ3  H N N 406 
TRP HH2  H N N 407 
TRP HXT  H N N 408 
TYR N    N N N 409 
TYR CA   C N S 410 
TYR C    C N N 411 
TYR O    O N N 412 
TYR CB   C N N 413 
TYR CG   C Y N 414 
TYR CD1  C Y N 415 
TYR CD2  C Y N 416 
TYR CE1  C Y N 417 
TYR CE2  C Y N 418 
TYR CZ   C Y N 419 
TYR OH   O N N 420 
TYR OXT  O N N 421 
TYR H    H N N 422 
TYR H2   H N N 423 
TYR HA   H N N 424 
TYR HB2  H N N 425 
TYR HB3  H N N 426 
TYR HD1  H N N 427 
TYR HD2  H N N 428 
TYR HE1  H N N 429 
TYR HE2  H N N 430 
TYR HH   H N N 431 
TYR HXT  H N N 432 
VAL N    N N N 433 
VAL CA   C N S 434 
VAL C    C N N 435 
VAL O    O N N 436 
VAL CB   C N N 437 
VAL CG1  C N N 438 
VAL CG2  C N N 439 
VAL OXT  O N N 440 
VAL H    H N N 441 
VAL H2   H N N 442 
VAL HA   H N N 443 
VAL HB   H N N 444 
VAL HG11 H N N 445 
VAL HG12 H N N 446 
VAL HG13 H N N 447 
VAL HG21 H N N 448 
VAL HG22 H N N 449 
VAL HG23 H N N 450 
VAL HXT  H N N 451 
# 
loop_
_chem_comp_bond.comp_id 
_chem_comp_bond.atom_id_1 
_chem_comp_bond.atom_id_2 
_chem_comp_bond.value_order 
_chem_comp_bond.pdbx_aromatic_flag 
_chem_comp_bond.pdbx_stereo_config 
_chem_comp_bond.pdbx_ordinal 
ACE C   O    doub N N 1   
ACE C   CH3  sing N N 2   
ACE C   H    sing N N 3   
ACE CH3 H1   sing N N 4   
ACE CH3 H2   sing N N 5   
ACE CH3 H3   sing N N 6   
ALA N   CA   sing N N 7   
ALA N   H    sing N N 8   
ALA N   H2   sing N N 9   
ALA CA  C    sing N N 10  
ALA CA  CB   sing N N 11  
ALA CA  HA   sing N N 12  
ALA C   O    doub N N 13  
ALA C   OXT  sing N N 14  
ALA CB  HB1  sing N N 15  
ALA CB  HB2  sing N N 16  
ALA CB  HB3  sing N N 17  
ALA OXT HXT  sing N N 18  
ARG N   CA   sing N N 19  
ARG N   H    sing N N 20  
ARG N   H2   sing N N 21  
ARG CA  C    sing N N 22  
ARG CA  CB   sing N N 23  
ARG CA  HA   sing N N 24  
ARG C   O    doub N N 25  
ARG C   OXT  sing N N 26  
ARG CB  CG   sing N N 27  
ARG CB  HB2  sing N N 28  
ARG CB  HB3  sing N N 29  
ARG CG  CD   sing N N 30  
ARG CG  HG2  sing N N 31  
ARG CG  HG3  sing N N 32  
ARG CD  NE   sing N N 33  
ARG CD  HD2  sing N N 34  
ARG CD  HD3  sing N N 35  
ARG NE  CZ   sing N N 36  
ARG NE  HE   sing N N 37  
ARG CZ  NH1  sing N N 38  
ARG CZ  NH2  doub N N 39  
ARG NH1 HH11 sing N N 40  
ARG NH1 HH12 sing N N 41  
ARG NH2 HH21 sing N N 42  
ARG NH2 HH22 sing N N 43  
ARG OXT HXT  sing N N 44  
ASN N   CA   sing N N 45  
ASN N   H    sing N N 46  
ASN N   H2   sing N N 47  
ASN CA  C    sing N N 48  
ASN CA  CB   sing N N 49  
ASN CA  HA   sing N N 50  
ASN C   O    doub N N 51  
ASN C   OXT  sing N N 52  
ASN CB  CG   sing N N 53  
ASN CB  HB2  sing N N 54  
ASN CB  HB3  sing N N 55  
ASN CG  OD1  doub N N 56  
ASN CG  ND2  sing N N 57  
ASN ND2 HD21 sing N N 58  
ASN ND2 HD22 sing N N 59  
ASN OXT HXT  sing N N 60  
ASP N   CA   sing N N 61  
ASP N   H    sing N N 62  
ASP N   H2   sing N N 63  
ASP CA  C    sing N N 64  
ASP CA  CB   sing N N 65  
ASP CA  HA   sing N N 66  
ASP C   O    doub N N 67  
ASP C   OXT  sing N N 68  
ASP CB  CG   sing N N 69  
ASP CB  HB2  sing N N 70  
ASP CB  HB3  sing N N 71  
ASP CG  OD1  doub N N 72  
ASP CG  OD2  sing N N 73  
ASP OD2 HD2  sing N N 74  
ASP OXT HXT  sing N N 75  
CYS N   CA   sing N N 76  
CYS N   H    sing N N 77  
CYS N   H2   sing N N 78  
CYS CA  C    sing N N 79  
CYS CA  CB   sing N N 80  
CYS CA  HA   sing N N 81  
CYS C   O    doub N N 82  
CYS C   OXT  sing N N 83  
CYS CB  SG   sing N N 84  
CYS CB  HB2  sing N N 85  
CYS CB  HB3  sing N N 86  
CYS SG  HG   sing N N 87  
CYS OXT HXT  sing N N 88  
GLN N   CA   sing N N 89  
GLN N   H    sing N N 90  
GLN N   H2   sing N N 91  
GLN CA  C    sing N N 92  
GLN CA  CB   sing N N 93  
GLN CA  HA   sing N N 94  
GLN C   O    doub N N 95  
GLN C   OXT  sing N N 96  
GLN CB  CG   sing N N 97  
GLN CB  HB2  sing N N 98  
GLN CB  HB3  sing N N 99  
GLN CG  CD   sing N N 100 
GLN CG  HG2  sing N N 101 
GLN CG  HG3  sing N N 102 
GLN CD  OE1  doub N N 103 
GLN CD  NE2  sing N N 104 
GLN NE2 HE21 sing N N 105 
GLN NE2 HE22 sing N N 106 
GLN OXT HXT  sing N N 107 
GLU N   CA   sing N N 108 
GLU N   H    sing N N 109 
GLU N   H2   sing N N 110 
GLU CA  C    sing N N 111 
GLU CA  CB   sing N N 112 
GLU CA  HA   sing N N 113 
GLU C   O    doub N N 114 
GLU C   OXT  sing N N 115 
GLU CB  CG   sing N N 116 
GLU CB  HB2  sing N N 117 
GLU CB  HB3  sing N N 118 
GLU CG  CD   sing N N 119 
GLU CG  HG2  sing N N 120 
GLU CG  HG3  sing N N 121 
GLU CD  OE1  doub N N 122 
GLU CD  OE2  sing N N 123 
GLU OE2 HE2  sing N N 124 
GLU OXT HXT  sing N N 125 
GLY N   CA   sing N N 126 
GLY N   H    sing N N 127 
GLY N   H2   sing N N 128 
GLY CA  C    sing N N 129 
GLY CA  HA2  sing N N 130 
GLY CA  HA3  sing N N 131 
GLY C   O    doub N N 132 
GLY C   OXT  sing N N 133 
GLY OXT HXT  sing N N 134 
HIS N   CA   sing N N 135 
HIS N   H    sing N N 136 
HIS N   H2   sing N N 137 
HIS CA  C    sing N N 138 
HIS CA  CB   sing N N 139 
HIS CA  HA   sing N N 140 
HIS C   O    doub N N 141 
HIS C   OXT  sing N N 142 
HIS CB  CG   sing N N 143 
HIS CB  HB2  sing N N 144 
HIS CB  HB3  sing N N 145 
HIS CG  ND1  sing Y N 146 
HIS CG  CD2  doub Y N 147 
HIS ND1 CE1  doub Y N 148 
HIS ND1 HD1  sing N N 149 
HIS CD2 NE2  sing Y N 150 
HIS CD2 HD2  sing N N 151 
HIS CE1 NE2  sing Y N 152 
HIS CE1 HE1  sing N N 153 
HIS NE2 HE2  sing N N 154 
HIS OXT HXT  sing N N 155 
HOH O   H1   sing N N 156 
HOH O   H2   sing N N 157 
ILE N   CA   sing N N 158 
ILE N   H    sing N N 159 
ILE N   H2   sing N N 160 
ILE CA  C    sing N N 161 
ILE CA  CB   sing N N 162 
ILE CA  HA   sing N N 163 
ILE C   O    doub N N 164 
ILE C   OXT  sing N N 165 
ILE CB  CG1  sing N N 166 
ILE CB  CG2  sing N N 167 
ILE CB  HB   sing N N 168 
ILE CG1 CD1  sing N N 169 
ILE CG1 HG12 sing N N 170 
ILE CG1 HG13 sing N N 171 
ILE CG2 HG21 sing N N 172 
ILE CG2 HG22 sing N N 173 
ILE CG2 HG23 sing N N 174 
ILE CD1 HD11 sing N N 175 
ILE CD1 HD12 sing N N 176 
ILE CD1 HD13 sing N N 177 
ILE OXT HXT  sing N N 178 
LEU N   CA   sing N N 179 
LEU N   H    sing N N 180 
LEU N   H2   sing N N 181 
LEU CA  C    sing N N 182 
LEU CA  CB   sing N N 183 
LEU CA  HA   sing N N 184 
LEU C   O    doub N N 185 
LEU C   OXT  sing N N 186 
LEU CB  CG   sing N N 187 
LEU CB  HB2  sing N N 188 
LEU CB  HB3  sing N N 189 
LEU CG  CD1  sing N N 190 
LEU CG  CD2  sing N N 191 
LEU CG  HG   sing N N 192 
LEU CD1 HD11 sing N N 193 
LEU CD1 HD12 sing N N 194 
LEU CD1 HD13 sing N N 195 
LEU CD2 HD21 sing N N 196 
LEU CD2 HD22 sing N N 197 
LEU CD2 HD23 sing N N 198 
LEU OXT HXT  sing N N 199 
LYS N   CA   sing N N 200 
LYS N   H    sing N N 201 
LYS N   H2   sing N N 202 
LYS CA  C    sing N N 203 
LYS CA  CB   sing N N 204 
LYS CA  HA   sing N N 205 
LYS C   O    doub N N 206 
LYS C   OXT  sing N N 207 
LYS CB  CG   sing N N 208 
LYS CB  HB2  sing N N 209 
LYS CB  HB3  sing N N 210 
LYS CG  CD   sing N N 211 
LYS CG  HG2  sing N N 212 
LYS CG  HG3  sing N N 213 
LYS CD  CE   sing N N 214 
LYS CD  HD2  sing N N 215 
LYS CD  HD3  sing N N 216 
LYS CE  NZ   sing N N 217 
LYS CE  HE2  sing N N 218 
LYS CE  HE3  sing N N 219 
LYS NZ  HZ1  sing N N 220 
LYS NZ  HZ2  sing N N 221 
LYS NZ  HZ3  sing N N 222 
LYS OXT HXT  sing N N 223 
M7M OAX PAZ  sing N N 224 
M7M OAX HOAX sing N N 225 
M7M OAY HOAY sing N N 226 
M7M PAZ OAY  sing N N 227 
M7M PAZ OBD  sing N N 228 
M7M OBA PAZ  doub N N 229 
M7M CBC HBC  sing N N 230 
M7M CBC HBCA sing N N 231 
M7M CBC HBCB sing N N 232 
M7M NBE CBF  sing N N 233 
M7M CBF OBB  doub N N 234 
M7M CBF CBG  sing N N 235 
M7M CBG NBH  sing N N 236 
M7M NBH CBC  sing N N 237 
M7M CBI NBH  sing N N 238 
M7M CBI HBI  sing N N 239 
M7M OBJ HOBJ sing N N 240 
M7M PBK OBD  sing N N 241 
M7M PBK OBJ  sing N N 242 
M7M PBK OBL  doub N N 243 
M7M CBM NBE  doub N N 244 
M7M CBM NBN  sing N N 245 
M7M NBN CBO  sing N N 246 
M7M NBN HNBN sing N N 247 
M7M CBO CBG  doub N N 248 
M7M CBO NBP  sing N N 249 
M7M NBP CBI  sing N N 250 
M7M CBQ NBP  sing N N 251 
M7M CBQ OBR  sing N N 252 
M7M CBQ HBQ  sing N N 253 
M7M OBR CBS  sing N N 254 
M7M CBS CBT  sing N N 255 
M7M CBS HBS  sing N N 256 
M7M CBT OBU  sing N N 257 
M7M CBT HBT  sing N N 258 
M7M CBT HBTA sing N N 259 
M7M OBU PBK  sing N N 260 
M7M NBV CBM  sing N N 261 
M7M CBW NBV  sing N N 262 
M7M CBW HBW  sing N N 263 
M7M CBW HBWA sing N N 264 
M7M CBW HBWB sing N N 265 
M7M CBX CBQ  sing N N 266 
M7M CBX CBY  sing N N 267 
M7M CBX HBX  sing N N 268 
M7M CBY CBS  sing N N 269 
M7M CBY HBY  sing N N 270 
M7M CBZ NBV  sing N N 271 
M7M CBZ HBZ  sing N N 272 
M7M CBZ HBZA sing N N 273 
M7M CBZ HBZB sing N N 274 
M7M OCA CBX  sing N N 275 
M7M OCA HOCA sing N N 276 
M7M OCB CBY  sing N N 277 
M7M OCB HOCB sing N N 278 
M7M CBI H23  sing N N 279 
MET N   CA   sing N N 280 
MET N   H    sing N N 281 
MET N   H2   sing N N 282 
MET CA  C    sing N N 283 
MET CA  CB   sing N N 284 
MET CA  HA   sing N N 285 
MET C   O    doub N N 286 
MET C   OXT  sing N N 287 
MET CB  CG   sing N N 288 
MET CB  HB2  sing N N 289 
MET CB  HB3  sing N N 290 
MET CG  SD   sing N N 291 
MET CG  HG2  sing N N 292 
MET CG  HG3  sing N N 293 
MET SD  CE   sing N N 294 
MET CE  HE1  sing N N 295 
MET CE  HE2  sing N N 296 
MET CE  HE3  sing N N 297 
MET OXT HXT  sing N N 298 
PHE N   CA   sing N N 299 
PHE N   H    sing N N 300 
PHE N   H2   sing N N 301 
PHE CA  C    sing N N 302 
PHE CA  CB   sing N N 303 
PHE CA  HA   sing N N 304 
PHE C   O    doub N N 305 
PHE C   OXT  sing N N 306 
PHE CB  CG   sing N N 307 
PHE CB  HB2  sing N N 308 
PHE CB  HB3  sing N N 309 
PHE CG  CD1  doub Y N 310 
PHE CG  CD2  sing Y N 311 
PHE CD1 CE1  sing Y N 312 
PHE CD1 HD1  sing N N 313 
PHE CD2 CE2  doub Y N 314 
PHE CD2 HD2  sing N N 315 
PHE CE1 CZ   doub Y N 316 
PHE CE1 HE1  sing N N 317 
PHE CE2 CZ   sing Y N 318 
PHE CE2 HE2  sing N N 319 
PHE CZ  HZ   sing N N 320 
PHE OXT HXT  sing N N 321 
PRO N   CA   sing N N 322 
PRO N   CD   sing N N 323 
PRO N   H    sing N N 324 
PRO CA  C    sing N N 325 
PRO CA  CB   sing N N 326 
PRO CA  HA   sing N N 327 
PRO C   O    doub N N 328 
PRO C   OXT  sing N N 329 
PRO CB  CG   sing N N 330 
PRO CB  HB2  sing N N 331 
PRO CB  HB3  sing N N 332 
PRO CG  CD   sing N N 333 
PRO CG  HG2  sing N N 334 
PRO CG  HG3  sing N N 335 
PRO CD  HD2  sing N N 336 
PRO CD  HD3  sing N N 337 
PRO OXT HXT  sing N N 338 
SER N   CA   sing N N 339 
SER N   H    sing N N 340 
SER N   H2   sing N N 341 
SER CA  C    sing N N 342 
SER CA  CB   sing N N 343 
SER CA  HA   sing N N 344 
SER C   O    doub N N 345 
SER C   OXT  sing N N 346 
SER CB  OG   sing N N 347 
SER CB  HB2  sing N N 348 
SER CB  HB3  sing N N 349 
SER OG  HG   sing N N 350 
SER OXT HXT  sing N N 351 
THR N   CA   sing N N 352 
THR N   H    sing N N 353 
THR N   H2   sing N N 354 
THR CA  C    sing N N 355 
THR CA  CB   sing N N 356 
THR CA  HA   sing N N 357 
THR C   O    doub N N 358 
THR C   OXT  sing N N 359 
THR CB  OG1  sing N N 360 
THR CB  CG2  sing N N 361 
THR CB  HB   sing N N 362 
THR OG1 HG1  sing N N 363 
THR CG2 HG21 sing N N 364 
THR CG2 HG22 sing N N 365 
THR CG2 HG23 sing N N 366 
THR OXT HXT  sing N N 367 
TRP N   CA   sing N N 368 
TRP N   H    sing N N 369 
TRP N   H2   sing N N 370 
TRP CA  C    sing N N 371 
TRP CA  CB   sing N N 372 
TRP CA  HA   sing N N 373 
TRP C   O    doub N N 374 
TRP C   OXT  sing N N 375 
TRP CB  CG   sing N N 376 
TRP CB  HB2  sing N N 377 
TRP CB  HB3  sing N N 378 
TRP CG  CD1  doub Y N 379 
TRP CG  CD2  sing Y N 380 
TRP CD1 NE1  sing Y N 381 
TRP CD1 HD1  sing N N 382 
TRP CD2 CE2  doub Y N 383 
TRP CD2 CE3  sing Y N 384 
TRP NE1 CE2  sing Y N 385 
TRP NE1 HE1  sing N N 386 
TRP CE2 CZ2  sing Y N 387 
TRP CE3 CZ3  doub Y N 388 
TRP CE3 HE3  sing N N 389 
TRP CZ2 CH2  doub Y N 390 
TRP CZ2 HZ2  sing N N 391 
TRP CZ3 CH2  sing Y N 392 
TRP CZ3 HZ3  sing N N 393 
TRP CH2 HH2  sing N N 394 
TRP OXT HXT  sing N N 395 
TYR N   CA   sing N N 396 
TYR N   H    sing N N 397 
TYR N   H2   sing N N 398 
TYR CA  C    sing N N 399 
TYR CA  CB   sing N N 400 
TYR CA  HA   sing N N 401 
TYR C   O    doub N N 402 
TYR C   OXT  sing N N 403 
TYR CB  CG   sing N N 404 
TYR CB  HB2  sing N N 405 
TYR CB  HB3  sing N N 406 
TYR CG  CD1  doub Y N 407 
TYR CG  CD2  sing Y N 408 
TYR CD1 CE1  sing Y N 409 
TYR CD1 HD1  sing N N 410 
TYR CD2 CE2  doub Y N 411 
TYR CD2 HD2  sing N N 412 
TYR CE1 CZ   doub Y N 413 
TYR CE1 HE1  sing N N 414 
TYR CE2 CZ   sing Y N 415 
TYR CE2 HE2  sing N N 416 
TYR CZ  OH   sing N N 417 
TYR OH  HH   sing N N 418 
TYR OXT HXT  sing N N 419 
VAL N   CA   sing N N 420 
VAL N   H    sing N N 421 
VAL N   H2   sing N N 422 
VAL CA  C    sing N N 423 
VAL CA  CB   sing N N 424 
VAL CA  HA   sing N N 425 
VAL C   O    doub N N 426 
VAL C   OXT  sing N N 427 
VAL CB  CG1  sing N N 428 
VAL CB  CG2  sing N N 429 
VAL CB  HB   sing N N 430 
VAL CG1 HG11 sing N N 431 
VAL CG1 HG12 sing N N 432 
VAL CG1 HG13 sing N N 433 
VAL CG2 HG21 sing N N 434 
VAL CG2 HG22 sing N N 435 
VAL CG2 HG23 sing N N 436 
VAL OXT HXT  sing N N 437 
# 
loop_
_pdbx_entity_nonpoly.entity_id 
_pdbx_entity_nonpoly.name 
_pdbx_entity_nonpoly.comp_id 
3 
;N,N,7-trimethylguanosine 5'-(trihydrogen diphosphate)
;
M7M 
4 'ACETYL GROUP'                                          ACE 
5 water                                                   HOH 
# 
_pdbx_initial_refinement_model.id               1 
_pdbx_initial_refinement_model.entity_id_list   ? 
_pdbx_initial_refinement_model.type             'experimental model' 
_pdbx_initial_refinement_model.source_name      PDB 
_pdbx_initial_refinement_model.accession_code   2V8W 
_pdbx_initial_refinement_model.details          ? 
# 
